data_5B0W
#
_entry.id   5B0W
#
_cell.length_a   154.320
_cell.length_b   97.930
_cell.length_c   101.530
_cell.angle_alpha   90.00
_cell.angle_beta   128.67
_cell.angle_gamma   90.00
#
_symmetry.space_group_name_H-M   'C 1 2 1'
#
loop_
_entity.id
_entity.type
_entity.pdbx_description
1 polymer Halorhodopsin
2 non-polymer RETINAL
3 non-polymer BACTERIORUBERIN
4 non-polymer "2,3-DI-O-PHYTANLY-3-SN-GLYCERO-1-PHOSPHORYL-3'-SN-GLYCEROL-1'-PHOSPHATE"
5 non-polymer 'nonyl beta-D-glucopyranoside'
6 non-polymer ISOLEUCINE
7 water water
#
_entity_poly.entity_id   1
_entity_poly.type   'polypeptide(L)'
_entity_poly.pdbx_seq_one_letter_code
;MTETLPPVTESAVALQAEVTQRELFEFVLNDPLLASSLYINIALAGLSILLFVFMTRGLDDPRAKLIAVSTILVPVVSIA
SYTGLASGLTISVLEMPAGHFAEGSSVMLGGEEVDGVVTMWGRYLTWALSTPMILLALGLLAGSNATKLFTAITFDIAMC
VTGLAAALTTSSHLMRWFWYAISCACFIVVLYILLVEWAQDAKAAGTADIFSTLKLLTVVMWLGYPIVWALGVEGVAVLP
VGYTSWAYSALDIVAKYIFAFLLLNYLTSNEGVVSGSILDVPSASGAPADD
;
_entity_poly.pdbx_strand_id   A,B,D,E,F,G
#
loop_
_chem_comp.id
_chem_comp.type
_chem_comp.name
_chem_comp.formula
22B non-polymer BACTERIORUBERIN 'C50 H76 O4'
BNG D-saccharide 'nonyl beta-D-glucopyranoside' 'C15 H30 O6'
L3P non-polymer 2,3-DI-O-PHYTANLY-3-SN-GLYCERO-1-PHOSPHORYL-3'-SN-GLYCEROL-1'-PHOSPHATE 'C46 H94 O11 P2 -2'
RET non-polymer RETINAL 'C20 H28 O'
#
# COMPACT_ATOMS: atom_id res chain seq x y z
N GLU A 18 -5.03 25.47 -4.02
CA GLU A 18 -5.44 26.74 -3.33
C GLU A 18 -4.73 26.81 -1.99
N VAL A 19 -5.23 26.06 -1.00
CA VAL A 19 -4.61 26.04 0.33
C VAL A 19 -3.28 25.30 0.18
N THR A 20 -2.15 26.00 0.32
CA THR A 20 -0.86 25.35 0.16
C THR A 20 -0.39 24.64 1.39
N GLN A 21 0.51 23.70 1.16
CA GLN A 21 1.09 22.96 2.25
C GLN A 21 1.74 23.93 3.24
N ARG A 22 2.46 24.93 2.72
CA ARG A 22 3.11 25.88 3.63
C ARG A 22 2.08 26.64 4.48
N GLU A 23 0.91 26.95 3.92
CA GLU A 23 -0.12 27.65 4.70
C GLU A 23 -0.56 26.81 5.92
N LEU A 24 -0.62 25.49 5.75
CA LEU A 24 -1.03 24.62 6.87
C LEU A 24 0.06 24.42 7.91
N PHE A 25 1.30 24.35 7.46
CA PHE A 25 2.48 24.23 8.33
C PHE A 25 2.53 25.46 9.28
N GLU A 26 2.26 26.64 8.73
CA GLU A 26 2.28 27.86 9.56
C GLU A 26 1.09 27.90 10.52
N PHE A 27 -0.10 27.53 10.04
CA PHE A 27 -1.27 27.52 10.89
C PHE A 27 -0.99 26.64 12.11
N VAL A 28 -0.45 25.44 11.86
CA VAL A 28 -0.10 24.53 12.95
C VAL A 28 0.93 25.15 13.92
N LEU A 29 2.01 25.72 13.39
CA LEU A 29 3.01 26.33 14.25
C LEU A 29 2.40 27.46 15.09
N ASN A 30 1.42 28.14 14.47
CA ASN A 30 0.67 29.25 15.06
C ASN A 30 -0.53 28.92 15.97
N ASP A 31 -0.86 27.64 16.13
CA ASP A 31 -1.97 27.21 17.01
C ASP A 31 -1.42 26.42 18.19
N PRO A 32 -1.70 26.89 19.42
CA PRO A 32 -1.22 26.21 20.62
C PRO A 32 -1.46 24.72 20.75
N LEU A 33 -2.67 24.26 20.44
CA LEU A 33 -3.02 22.85 20.56
C LEU A 33 -2.43 21.93 19.50
N LEU A 34 -2.43 22.39 18.26
CA LEU A 34 -1.90 21.59 17.17
C LEU A 34 -0.39 21.44 17.21
N ALA A 35 0.34 22.54 17.38
CA ALA A 35 1.79 22.41 17.41
C ALA A 35 2.22 21.54 18.58
N SER A 36 1.69 21.80 19.76
CA SER A 36 2.10 20.99 20.90
C SER A 36 1.61 19.54 20.74
N SER A 37 0.38 19.35 20.28
CA SER A 37 -0.09 17.97 20.13
C SER A 37 0.73 17.18 19.09
N LEU A 38 1.20 17.85 18.04
CA LEU A 38 1.99 17.15 17.03
C LEU A 38 3.47 17.07 17.40
N TYR A 39 4.11 18.21 17.66
CA TYR A 39 5.54 18.15 17.94
C TYR A 39 5.91 17.38 19.22
N ILE A 40 5.04 17.36 20.22
CA ILE A 40 5.37 16.59 21.42
C ILE A 40 5.44 15.10 21.02
N ASN A 41 4.62 14.66 20.06
CA ASN A 41 4.71 13.26 19.72
C ASN A 41 5.90 12.89 18.87
N ILE A 42 6.35 13.81 18.01
CA ILE A 42 7.56 13.54 17.24
C ILE A 42 8.67 13.36 18.28
N ALA A 43 8.73 14.26 19.28
CA ALA A 43 9.75 14.18 20.34
C ALA A 43 9.67 12.88 21.13
N LEU A 44 8.51 12.54 21.66
CA LEU A 44 8.38 11.30 22.43
C LEU A 44 8.66 10.05 21.59
N ALA A 45 8.30 10.09 20.30
CA ALA A 45 8.57 8.93 19.44
C ALA A 45 10.09 8.79 19.33
N GLY A 46 10.78 9.89 19.05
CA GLY A 46 12.23 9.83 18.92
C GLY A 46 12.90 9.29 20.20
N LEU A 47 12.48 9.79 21.34
CA LEU A 47 13.07 9.30 22.59
C LEU A 47 12.72 7.84 22.84
N SER A 48 11.49 7.45 22.49
CA SER A 48 11.06 6.05 22.67
C SER A 48 11.98 5.11 21.86
N ILE A 49 12.26 5.48 20.62
CA ILE A 49 13.14 4.66 19.77
C ILE A 49 14.52 4.49 20.44
N LEU A 50 15.08 5.60 20.91
CA LEU A 50 16.39 5.53 21.59
C LEU A 50 16.35 4.56 22.78
N LEU A 51 15.38 4.76 23.66
CA LEU A 51 15.25 3.90 24.82
C LEU A 51 15.03 2.43 24.45
N PHE A 52 14.12 2.17 23.51
CA PHE A 52 13.78 0.80 23.14
C PHE A 52 14.98 0.08 22.53
N VAL A 53 15.76 0.78 21.71
CA VAL A 53 16.96 0.16 21.14
C VAL A 53 17.95 -0.17 22.28
N PHE A 54 18.14 0.75 23.19
CA PHE A 54 19.05 0.50 24.31
C PHE A 54 18.54 -0.66 25.18
N MET A 55 17.24 -0.72 25.41
CA MET A 55 16.66 -1.80 26.22
C MET A 55 16.82 -3.19 25.64
N THR A 56 16.71 -3.27 24.32
CA THR A 56 16.70 -4.55 23.63
C THR A 56 18.00 -5.15 23.13
N ARG A 57 19.12 -4.48 23.37
CA ARG A 57 20.42 -4.99 22.91
C ARG A 57 20.82 -6.36 23.49
N GLY A 58 20.16 -6.80 24.56
CA GLY A 58 20.50 -8.10 25.14
C GLY A 58 19.82 -9.32 24.48
N LEU A 59 18.95 -9.10 23.50
CA LEU A 59 18.23 -10.19 22.82
C LEU A 59 19.03 -10.94 21.76
N ASP A 60 18.84 -12.25 21.70
CA ASP A 60 19.52 -13.10 20.72
C ASP A 60 18.58 -13.98 19.90
N ASP A 61 17.52 -14.45 20.55
CA ASP A 61 16.59 -15.36 19.89
C ASP A 61 15.82 -14.73 18.73
N PRO A 62 15.80 -15.40 17.56
CA PRO A 62 15.07 -14.81 16.44
C PRO A 62 13.61 -14.42 16.70
N ARG A 63 12.88 -15.23 17.46
CA ARG A 63 11.49 -14.91 17.72
C ARG A 63 11.38 -13.73 18.71
N ALA A 64 12.23 -13.72 19.73
CA ALA A 64 12.20 -12.61 20.68
C ALA A 64 12.48 -11.33 19.92
N LYS A 65 13.47 -11.40 19.02
CA LYS A 65 13.85 -10.23 18.22
C LYS A 65 12.72 -9.76 17.31
N LEU A 66 11.91 -10.68 16.78
CA LEU A 66 10.79 -10.27 15.92
C LEU A 66 9.76 -9.52 16.78
N ILE A 67 9.54 -9.98 18.00
CA ILE A 67 8.61 -9.27 18.87
C ILE A 67 9.20 -7.90 19.16
N ALA A 68 10.51 -7.85 19.30
CA ALA A 68 11.20 -6.58 19.54
C ALA A 68 11.16 -5.64 18.33
N VAL A 69 11.45 -6.12 17.11
CA VAL A 69 11.45 -5.17 15.97
C VAL A 69 10.06 -4.67 15.64
N SER A 70 9.07 -5.54 15.71
CA SER A 70 7.70 -5.10 15.44
C SER A 70 7.33 -3.98 16.44
N THR A 71 7.72 -4.15 17.70
CA THR A 71 7.41 -3.15 18.72
C THR A 71 8.15 -1.84 18.45
N ILE A 72 9.42 -1.94 18.06
CA ILE A 72 10.24 -0.77 17.75
C ILE A 72 9.67 -0.01 16.54
N LEU A 73 9.10 -0.72 15.57
CA LEU A 73 8.51 -0.04 14.41
C LEU A 73 7.33 0.84 14.80
N VAL A 74 6.77 0.65 16.01
CA VAL A 74 5.64 1.51 16.41
C VAL A 74 6.07 2.98 16.50
N PRO A 75 7.11 3.32 17.30
CA PRO A 75 7.47 4.75 17.31
C PRO A 75 8.21 5.21 16.02
N VAL A 76 8.67 4.28 15.19
CA VAL A 76 9.31 4.65 13.92
C VAL A 76 8.18 5.13 12.99
N VAL A 77 7.08 4.37 12.94
CA VAL A 77 5.91 4.77 12.14
C VAL A 77 5.37 6.09 12.70
N SER A 78 5.42 6.23 14.03
CA SER A 78 4.89 7.43 14.66
C SER A 78 5.72 8.69 14.35
N ILE A 79 7.04 8.60 14.46
CA ILE A 79 7.82 9.82 14.22
C ILE A 79 7.73 10.27 12.77
N ALA A 80 7.69 9.31 11.86
CA ALA A 80 7.59 9.62 10.45
C ALA A 80 6.22 10.19 10.06
N SER A 81 5.15 9.50 10.45
CA SER A 81 3.81 9.98 10.09
C SER A 81 3.41 11.24 10.85
N TYR A 82 3.88 11.43 12.08
CA TYR A 82 3.53 12.68 12.75
C TYR A 82 4.25 13.81 12.02
N THR A 83 5.46 13.55 11.53
CA THR A 83 6.19 14.59 10.77
C THR A 83 5.33 14.89 9.53
N GLY A 84 4.70 13.86 8.96
CA GLY A 84 3.78 14.09 7.85
C GLY A 84 2.78 15.19 8.22
N LEU A 85 2.15 15.04 9.38
CA LEU A 85 1.19 16.05 9.84
C LEU A 85 1.88 17.41 10.07
N ALA A 86 2.94 17.42 10.88
CA ALA A 86 3.66 18.66 11.20
C ALA A 86 4.13 19.44 9.96
N SER A 87 4.64 18.74 8.97
CA SER A 87 5.12 19.43 7.76
C SER A 87 3.99 20.04 6.95
N GLY A 88 2.76 19.57 7.20
CA GLY A 88 1.59 20.02 6.45
C GLY A 88 1.27 19.09 5.27
N LEU A 89 2.12 18.09 5.05
CA LEU A 89 1.96 17.16 3.93
C LEU A 89 0.68 16.33 3.95
N THR A 90 0.30 15.87 5.14
CA THR A 90 -0.89 15.03 5.26
C THR A 90 -2.06 15.72 5.96
N ILE A 91 -2.21 17.01 5.67
CA ILE A 91 -3.35 17.78 6.18
C ILE A 91 -4.14 18.27 4.95
N SER A 92 -5.45 18.38 5.11
CA SER A 92 -6.33 18.89 4.04
C SER A 92 -7.27 19.89 4.70
N VAL A 93 -7.96 20.71 3.91
CA VAL A 93 -8.97 21.59 4.48
C VAL A 93 -10.19 21.11 3.74
N LEU A 94 -11.12 20.53 4.47
CA LEU A 94 -12.32 19.95 3.89
C LEU A 94 -13.57 20.67 4.36
N GLU A 95 -14.54 20.81 3.47
CA GLU A 95 -15.79 21.45 3.84
C GLU A 95 -16.78 20.33 4.20
N MET A 96 -17.36 20.38 5.40
CA MET A 96 -18.31 19.35 5.82
C MET A 96 -19.68 19.53 5.18
N PRO A 97 -20.31 18.40 4.84
CA PRO A 97 -21.63 18.35 4.20
C PRO A 97 -22.76 18.89 5.05
N ALA A 98 -23.91 19.00 4.40
CA ALA A 98 -25.14 19.50 5.02
C ALA A 98 -25.56 18.77 6.30
N GLY A 99 -25.76 19.54 7.37
CA GLY A 99 -26.18 18.92 8.61
C GLY A 99 -25.03 18.49 9.50
N HIS A 100 -23.82 18.39 8.95
CA HIS A 100 -22.67 18.00 9.78
C HIS A 100 -22.58 19.13 10.80
N PHE A 101 -22.24 18.81 12.04
CA PHE A 101 -22.18 19.84 13.05
C PHE A 101 -21.06 20.87 12.91
N ALA A 102 -20.12 20.61 12.01
CA ALA A 102 -19.03 21.55 11.75
C ALA A 102 -19.16 22.12 10.33
N GLU A 103 -20.33 21.96 9.71
CA GLU A 103 -20.53 22.49 8.36
C GLU A 103 -20.39 24.02 8.43
N GLY A 104 -19.92 24.65 7.36
CA GLY A 104 -19.80 26.10 7.37
C GLY A 104 -18.72 26.72 8.24
N SER A 105 -17.90 25.90 8.89
CA SER A 105 -16.81 26.41 9.71
C SER A 105 -15.85 27.09 8.71
N SER A 106 -14.91 27.87 9.23
CA SER A 106 -13.91 28.59 8.41
C SER A 106 -12.64 28.68 9.27
N VAL A 107 -11.45 28.86 8.67
CA VAL A 107 -10.22 28.86 9.47
C VAL A 107 -9.05 29.86 9.33
N MET A 108 -9.16 30.90 8.53
CA MET A 108 -8.04 31.83 8.41
C MET A 108 -6.72 31.14 8.04
N LEU A 109 -6.44 31.09 6.74
CA LEU A 109 -5.24 30.47 6.21
C LEU A 109 -4.59 31.44 5.24
N GLY A 110 -3.28 31.62 5.35
CA GLY A 110 -2.60 32.54 4.47
C GLY A 110 -3.24 33.91 4.55
N GLY A 111 -3.76 34.23 5.74
CA GLY A 111 -4.40 35.51 5.97
C GLY A 111 -5.87 35.50 5.60
N GLU A 112 -6.21 34.81 4.51
CA GLU A 112 -7.59 34.76 4.04
C GLU A 112 -8.45 33.77 4.81
N GLU A 113 -9.76 33.94 4.69
CA GLU A 113 -10.68 33.03 5.34
C GLU A 113 -11.01 31.98 4.29
N VAL A 114 -10.93 30.72 4.70
CA VAL A 114 -11.21 29.61 3.81
C VAL A 114 -12.31 28.79 4.44
N ASP A 115 -13.29 28.34 3.65
CA ASP A 115 -14.36 27.52 4.21
C ASP A 115 -13.76 26.14 4.46
N GLY A 116 -14.12 25.53 5.58
CA GLY A 116 -13.59 24.20 5.81
C GLY A 116 -12.97 24.03 7.18
N VAL A 117 -12.63 22.78 7.48
CA VAL A 117 -12.03 22.43 8.76
C VAL A 117 -10.68 21.81 8.42
N VAL A 118 -9.64 22.26 9.12
CA VAL A 118 -8.29 21.74 8.91
C VAL A 118 -8.40 20.27 9.38
N THR A 119 -8.14 19.37 8.44
CA THR A 119 -8.34 17.95 8.61
C THR A 119 -7.02 17.20 8.59
N MET A 120 -6.60 16.72 9.76
CA MET A 120 -5.31 16.03 9.80
C MET A 120 -5.49 14.54 9.48
N TRP A 121 -5.77 14.29 8.20
CA TRP A 121 -6.04 12.92 7.74
C TRP A 121 -4.84 11.99 7.89
N GLY A 122 -3.64 12.56 7.99
CA GLY A 122 -2.44 11.72 8.16
C GLY A 122 -2.50 10.89 9.44
N ARG A 123 -3.40 11.25 10.37
CA ARG A 123 -3.50 10.44 11.58
C ARG A 123 -3.87 8.99 11.26
N TYR A 124 -4.69 8.80 10.21
CA TYR A 124 -5.11 7.43 9.86
C TYR A 124 -3.93 6.67 9.27
N LEU A 125 -3.01 7.39 8.62
CA LEU A 125 -1.80 6.77 8.07
C LEU A 125 -0.95 6.29 9.25
N THR A 126 -0.89 7.08 10.32
CA THR A 126 -0.11 6.60 11.47
C THR A 126 -0.74 5.27 11.97
N TRP A 127 -2.02 5.34 12.25
CA TRP A 127 -2.77 4.20 12.78
C TRP A 127 -2.75 2.96 11.88
N ALA A 128 -2.81 3.20 10.57
CA ALA A 128 -2.79 2.10 9.62
C ALA A 128 -1.47 1.32 9.72
N LEU A 129 -0.37 2.03 9.95
CA LEU A 129 0.98 1.46 10.04
C LEU A 129 1.38 0.96 11.42
N SER A 130 0.88 1.61 12.47
CA SER A 130 1.26 1.19 13.83
C SER A 130 0.45 0.00 14.34
N THR A 131 -0.86 0.05 14.13
CA THR A 131 -1.71 -1.03 14.63
C THR A 131 -1.34 -2.44 14.14
N PRO A 132 -0.96 -2.62 12.85
CA PRO A 132 -0.62 -4.02 12.55
C PRO A 132 0.67 -4.44 13.31
N MET A 133 1.57 -3.50 13.61
CA MET A 133 2.79 -3.85 14.35
C MET A 133 2.46 -4.15 15.84
N ILE A 134 1.41 -3.54 16.35
CA ILE A 134 0.97 -3.79 17.74
C ILE A 134 0.31 -5.19 17.79
N LEU A 135 -0.47 -5.53 16.77
CA LEU A 135 -1.14 -6.83 16.78
C LEU A 135 -0.18 -7.97 16.50
N LEU A 136 0.77 -7.75 15.61
CA LEU A 136 1.76 -8.79 15.34
C LEU A 136 2.48 -9.11 16.65
N ALA A 137 2.96 -8.08 17.36
CA ALA A 137 3.67 -8.30 18.62
C ALA A 137 2.81 -8.99 19.67
N LEU A 138 1.58 -8.49 19.87
CA LEU A 138 0.70 -9.12 20.86
C LEU A 138 0.33 -10.56 20.47
N GLY A 139 0.14 -10.78 19.17
CA GLY A 139 -0.22 -12.12 18.69
C GLY A 139 0.93 -13.09 18.87
N LEU A 140 2.13 -12.60 18.64
CA LEU A 140 3.33 -13.44 18.87
C LEU A 140 3.41 -13.68 20.37
N LEU A 141 3.27 -12.61 21.17
CA LEU A 141 3.31 -12.79 22.62
C LEU A 141 2.37 -13.94 23.04
N ALA A 142 1.14 -13.90 22.56
CA ALA A 142 0.11 -14.90 22.87
C ALA A 142 0.33 -16.30 22.30
N GLY A 143 1.20 -16.46 21.31
CA GLY A 143 1.34 -17.80 20.74
C GLY A 143 0.21 -18.02 19.74
N SER A 144 -0.05 -17.00 18.94
CA SER A 144 -1.10 -17.04 17.95
C SER A 144 -0.72 -17.87 16.73
N ASN A 145 -1.70 -18.57 16.16
CA ASN A 145 -1.46 -19.30 14.91
C ASN A 145 -1.59 -18.25 13.81
N ALA A 146 -1.19 -18.60 12.59
CA ALA A 146 -1.23 -17.68 11.45
C ALA A 146 -2.62 -17.21 11.05
N THR A 147 -3.62 -18.07 11.22
CA THR A 147 -4.99 -17.70 10.85
C THR A 147 -5.47 -16.48 11.63
N LYS A 148 -5.32 -16.53 12.95
CA LYS A 148 -5.78 -15.41 13.76
C LYS A 148 -4.88 -14.18 13.59
N LEU A 149 -3.60 -14.37 13.28
CA LEU A 149 -2.71 -13.21 13.05
C LEU A 149 -3.20 -12.54 11.77
N PHE A 150 -3.62 -13.36 10.82
CA PHE A 150 -4.10 -12.85 9.54
C PHE A 150 -5.44 -12.14 9.70
N THR A 151 -6.37 -12.76 10.42
CA THR A 151 -7.69 -12.17 10.65
C THR A 151 -7.62 -10.83 11.39
N ALA A 152 -6.84 -10.79 12.47
CA ALA A 152 -6.74 -9.54 13.24
C ALA A 152 -6.12 -8.43 12.41
N ILE A 153 -5.00 -8.71 11.74
CA ILE A 153 -4.32 -7.66 10.99
C ILE A 153 -5.13 -7.20 9.76
N THR A 154 -5.66 -8.13 8.96
CA THR A 154 -6.43 -7.63 7.81
C THR A 154 -7.65 -6.82 8.25
N PHE A 155 -8.37 -7.25 9.28
CA PHE A 155 -9.54 -6.47 9.66
C PHE A 155 -9.14 -5.16 10.33
N ASP A 156 -8.01 -5.17 11.02
CA ASP A 156 -7.55 -3.93 11.62
C ASP A 156 -7.19 -2.87 10.54
N ILE A 157 -6.45 -3.28 9.51
CA ILE A 157 -6.09 -2.34 8.41
C ILE A 157 -7.40 -1.81 7.79
N ALA A 158 -8.36 -2.70 7.55
CA ALA A 158 -9.67 -2.30 6.98
C ALA A 158 -10.32 -1.27 7.90
N MET A 159 -10.19 -1.46 9.20
CA MET A 159 -10.72 -0.51 10.18
C MET A 159 -10.14 0.90 9.91
N CYS A 160 -8.81 0.99 9.84
CA CYS A 160 -8.19 2.30 9.63
C CYS A 160 -8.57 2.97 8.32
N VAL A 161 -8.50 2.23 7.23
CA VAL A 161 -8.80 2.80 5.93
C VAL A 161 -10.26 3.23 5.83
N THR A 162 -11.18 2.40 6.31
CA THR A 162 -12.58 2.81 6.28
C THR A 162 -12.78 4.01 7.23
N GLY A 163 -11.89 4.16 8.21
CA GLY A 163 -11.99 5.33 9.09
C GLY A 163 -11.51 6.58 8.32
N LEU A 164 -10.39 6.44 7.62
CA LEU A 164 -9.85 7.53 6.79
C LEU A 164 -10.96 7.93 5.78
N ALA A 165 -11.61 6.93 5.18
CA ALA A 165 -12.68 7.18 4.20
C ALA A 165 -13.78 8.02 4.85
N ALA A 166 -14.16 7.63 6.06
CA ALA A 166 -15.18 8.41 6.77
C ALA A 166 -14.70 9.86 6.85
N ALA A 167 -13.48 10.06 7.37
CA ALA A 167 -12.92 11.41 7.50
C ALA A 167 -12.90 12.22 6.21
N LEU A 168 -12.48 11.60 5.10
CA LEU A 168 -12.41 12.31 3.81
C LEU A 168 -13.73 12.46 3.08
N THR A 169 -14.83 11.92 3.60
CA THR A 169 -16.08 12.03 2.87
C THR A 169 -16.74 13.38 3.10
N THR A 170 -16.90 14.14 2.01
CA THR A 170 -17.51 15.47 2.08
C THR A 170 -18.83 15.52 1.31
N SER A 171 -19.13 14.44 0.60
CA SER A 171 -20.33 14.39 -0.23
C SER A 171 -21.63 14.35 0.53
N SER A 172 -21.60 13.74 1.71
CA SER A 172 -22.80 13.51 2.46
C SER A 172 -22.50 13.24 3.94
N HIS A 173 -23.35 13.75 4.82
CA HIS A 173 -23.20 13.55 6.26
C HIS A 173 -23.49 12.07 6.56
N LEU A 174 -24.63 11.59 6.09
CA LEU A 174 -25.02 10.20 6.29
C LEU A 174 -23.91 9.22 5.83
N MET A 175 -23.31 9.49 4.68
CA MET A 175 -22.24 8.63 4.17
C MET A 175 -21.09 8.50 5.19
N ARG A 176 -20.76 9.60 5.86
CA ARG A 176 -19.68 9.60 6.85
C ARG A 176 -19.94 8.59 7.97
N TRP A 177 -21.16 8.59 8.50
CA TRP A 177 -21.46 7.68 9.58
C TRP A 177 -21.61 6.22 9.15
N PHE A 178 -21.87 5.98 7.85
CA PHE A 178 -21.97 4.61 7.33
C PHE A 178 -20.54 4.02 7.30
N TRP A 179 -19.57 4.82 6.85
CA TRP A 179 -18.15 4.37 6.85
C TRP A 179 -17.74 4.10 8.31
N TYR A 180 -18.19 4.99 9.19
CA TYR A 180 -17.90 4.85 10.63
C TYR A 180 -18.43 3.53 11.18
N ALA A 181 -19.63 3.15 10.79
CA ALA A 181 -20.22 1.89 11.24
C ALA A 181 -19.49 0.67 10.65
N ILE A 182 -19.12 0.71 9.37
CA ILE A 182 -18.37 -0.41 8.78
C ILE A 182 -17.05 -0.56 9.56
N SER A 183 -16.37 0.57 9.81
CA SER A 183 -15.12 0.57 10.57
C SER A 183 -15.30 -0.15 11.91
N CYS A 184 -16.34 0.24 12.65
CA CYS A 184 -16.67 -0.37 13.95
C CYS A 184 -16.87 -1.87 13.81
N ALA A 185 -17.46 -2.31 12.69
CA ALA A 185 -17.68 -3.74 12.46
C ALA A 185 -16.32 -4.43 12.42
N CYS A 186 -15.36 -3.82 11.72
CA CYS A 186 -14.02 -4.38 11.62
C CYS A 186 -13.36 -4.41 13.00
N PHE A 187 -13.55 -3.34 13.78
CA PHE A 187 -12.99 -3.22 15.15
C PHE A 187 -13.46 -4.40 15.99
N ILE A 188 -14.76 -4.64 16.01
CA ILE A 188 -15.29 -5.74 16.80
C ILE A 188 -14.60 -7.08 16.50
N VAL A 189 -14.22 -7.31 15.24
CA VAL A 189 -13.51 -8.56 14.91
C VAL A 189 -12.14 -8.59 15.62
N VAL A 190 -11.40 -7.48 15.56
CA VAL A 190 -10.09 -7.43 16.24
C VAL A 190 -10.24 -7.59 17.75
N LEU A 191 -11.27 -6.97 18.34
CA LEU A 191 -11.53 -7.08 19.79
C LEU A 191 -11.78 -8.55 20.14
N TYR A 192 -12.54 -9.24 19.30
CA TYR A 192 -12.86 -10.64 19.56
C TYR A 192 -11.61 -11.46 19.65
N ILE A 193 -10.72 -11.31 18.68
CA ILE A 193 -9.47 -12.06 18.71
C ILE A 193 -8.73 -11.68 19.98
N LEU A 194 -8.51 -10.38 20.19
CA LEU A 194 -7.81 -9.95 21.41
C LEU A 194 -8.42 -10.47 22.72
N LEU A 195 -9.73 -10.41 22.83
CA LEU A 195 -10.41 -10.76 24.09
C LEU A 195 -10.89 -12.17 24.25
N VAL A 196 -11.03 -12.87 23.12
CA VAL A 196 -11.50 -14.24 23.18
C VAL A 196 -10.46 -15.27 22.81
N GLU A 197 -9.75 -15.04 21.70
CA GLU A 197 -8.80 -16.01 21.23
C GLU A 197 -7.36 -15.93 21.76
N TRP A 198 -6.72 -14.77 21.75
CA TRP A 198 -5.34 -14.72 22.24
C TRP A 198 -5.27 -14.84 23.75
N ALA A 199 -6.36 -14.52 24.42
CA ALA A 199 -6.40 -14.66 25.87
C ALA A 199 -6.20 -16.15 26.14
N GLN A 200 -6.98 -16.99 25.48
CA GLN A 200 -6.85 -18.43 25.65
C GLN A 200 -5.47 -18.91 25.14
N ASP A 201 -5.04 -18.40 23.99
CA ASP A 201 -3.73 -18.77 23.42
C ASP A 201 -2.55 -18.48 24.34
N ALA A 202 -2.58 -17.35 25.02
CA ALA A 202 -1.48 -16.95 25.89
C ALA A 202 -1.34 -17.89 27.10
N LYS A 203 -2.46 -18.45 27.54
CA LYS A 203 -2.37 -19.36 28.67
C LYS A 203 -1.58 -20.59 28.22
N ALA A 204 -1.85 -21.04 27.00
CA ALA A 204 -1.14 -22.19 26.48
C ALA A 204 0.32 -21.84 26.17
N ALA A 205 0.55 -20.57 25.79
CA ALA A 205 1.88 -20.10 25.43
C ALA A 205 2.80 -19.80 26.61
N GLY A 206 2.25 -19.71 27.81
CA GLY A 206 3.05 -19.39 28.99
C GLY A 206 3.32 -17.89 29.15
N THR A 207 2.39 -17.09 28.65
CA THR A 207 2.51 -15.63 28.72
C THR A 207 1.18 -15.00 29.15
N ALA A 208 0.29 -15.80 29.75
CA ALA A 208 -1.03 -15.30 30.14
C ALA A 208 -1.11 -14.01 30.93
N ASP A 209 -0.26 -13.87 31.95
CA ASP A 209 -0.28 -12.69 32.81
C ASP A 209 0.06 -11.40 32.05
N ILE A 210 1.25 -11.38 31.43
CA ILE A 210 1.67 -10.18 30.70
C ILE A 210 0.72 -9.96 29.52
N PHE A 211 0.28 -11.04 28.88
CA PHE A 211 -0.64 -10.84 27.77
C PHE A 211 -1.92 -10.25 28.30
N SER A 212 -2.34 -10.68 29.50
CA SER A 212 -3.59 -10.12 30.00
C SER A 212 -3.50 -8.62 30.32
N THR A 213 -2.39 -8.19 30.93
CA THR A 213 -2.27 -6.77 31.22
C THR A 213 -2.17 -5.92 29.95
N LEU A 214 -1.42 -6.40 28.96
CA LEU A 214 -1.24 -5.62 27.72
C LEU A 214 -2.53 -5.59 26.90
N LYS A 215 -3.19 -6.74 26.84
CA LYS A 215 -4.48 -6.86 26.16
C LYS A 215 -5.47 -5.87 26.75
N LEU A 216 -5.59 -5.81 28.08
CA LEU A 216 -6.53 -4.88 28.66
C LEU A 216 -6.11 -3.42 28.43
N LEU A 217 -4.81 -3.16 28.48
CA LEU A 217 -4.38 -1.77 28.24
C LEU A 217 -4.68 -1.41 26.78
N THR A 218 -4.54 -2.41 25.90
CA THR A 218 -4.85 -2.22 24.48
C THR A 218 -6.34 -1.99 24.26
N VAL A 219 -7.18 -2.90 24.76
CA VAL A 219 -8.61 -2.71 24.59
C VAL A 219 -9.11 -1.38 25.17
N VAL A 220 -8.63 -1.02 26.36
CA VAL A 220 -9.08 0.23 26.98
C VAL A 220 -8.72 1.47 26.15
N MET A 221 -7.48 1.54 25.71
CA MET A 221 -7.07 2.72 24.95
C MET A 221 -7.66 2.73 23.54
N TRP A 222 -7.84 1.55 22.96
CA TRP A 222 -8.35 1.49 21.60
C TRP A 222 -9.80 1.93 21.58
N LEU A 223 -10.59 1.57 22.59
CA LEU A 223 -11.99 2.02 22.62
C LEU A 223 -12.08 3.54 22.62
N GLY A 224 -11.01 4.19 23.05
CA GLY A 224 -10.98 5.63 23.07
C GLY A 224 -11.04 6.30 21.71
N TYR A 225 -10.46 5.70 20.66
CA TYR A 225 -10.45 6.36 19.35
C TYR A 225 -11.85 6.59 18.73
N PRO A 226 -12.71 5.56 18.59
CA PRO A 226 -14.01 5.88 17.98
C PRO A 226 -14.81 6.85 18.86
N ILE A 227 -14.58 6.82 20.18
CA ILE A 227 -15.30 7.76 21.03
C ILE A 227 -14.86 9.18 20.68
N VAL A 228 -13.55 9.42 20.64
CA VAL A 228 -13.03 10.73 20.28
C VAL A 228 -13.48 11.12 18.86
N TRP A 229 -13.42 10.18 17.92
CA TRP A 229 -13.83 10.49 16.56
C TRP A 229 -15.28 11.04 16.62
N ALA A 230 -16.14 10.33 17.33
CA ALA A 230 -17.54 10.76 17.41
C ALA A 230 -17.72 12.11 18.09
N LEU A 231 -17.02 12.33 19.21
CA LEU A 231 -17.14 13.58 19.95
C LEU A 231 -16.44 14.76 19.28
N GLY A 232 -15.41 14.45 18.51
CA GLY A 232 -14.60 15.45 17.85
C GLY A 232 -15.06 16.02 16.51
N VAL A 233 -14.21 16.88 16.00
CA VAL A 233 -14.46 17.60 14.76
C VAL A 233 -14.91 16.73 13.59
N GLU A 234 -14.56 15.44 13.60
CA GLU A 234 -14.97 14.56 12.51
C GLU A 234 -16.42 14.09 12.71
N GLY A 235 -16.82 13.92 13.97
CA GLY A 235 -18.16 13.46 14.32
C GLY A 235 -19.10 14.61 14.60
N VAL A 236 -19.49 14.84 15.86
CA VAL A 236 -20.41 15.96 16.18
C VAL A 236 -19.73 17.27 16.62
N ALA A 237 -18.40 17.25 16.68
CA ALA A 237 -17.64 18.45 16.98
C ALA A 237 -17.88 19.16 18.31
N VAL A 238 -18.02 18.38 19.37
CA VAL A 238 -18.13 18.99 20.69
C VAL A 238 -16.69 19.33 21.07
N LEU A 239 -15.73 18.70 20.37
CA LEU A 239 -14.31 19.00 20.58
C LEU A 239 -13.85 19.69 19.31
N PRO A 240 -13.37 20.95 19.38
CA PRO A 240 -12.91 21.61 18.16
C PRO A 240 -11.61 20.96 17.66
N VAL A 241 -11.08 21.43 16.54
CA VAL A 241 -9.87 20.82 15.96
C VAL A 241 -8.66 20.63 16.88
N GLY A 242 -8.31 21.65 17.67
CA GLY A 242 -7.15 21.52 18.54
C GLY A 242 -7.39 20.52 19.67
N TYR A 243 -8.61 20.47 20.19
CA TYR A 243 -8.94 19.56 21.26
C TYR A 243 -9.09 18.14 20.74
N THR A 244 -9.62 18.02 19.54
CA THR A 244 -9.73 16.69 18.92
C THR A 244 -8.29 16.16 18.78
N SER A 245 -7.41 17.01 18.25
CA SER A 245 -6.02 16.62 18.05
C SER A 245 -5.33 16.20 19.35
N TRP A 246 -5.54 16.95 20.44
CA TRP A 246 -4.89 16.53 21.67
C TRP A 246 -5.47 15.22 22.20
N ALA A 247 -6.78 15.02 22.06
CA ALA A 247 -7.40 13.78 22.55
C ALA A 247 -6.76 12.59 21.82
N TYR A 248 -6.58 12.73 20.50
CA TYR A 248 -5.94 11.65 19.78
C TYR A 248 -4.45 11.52 20.14
N SER A 249 -3.74 12.63 20.39
CA SER A 249 -2.32 12.55 20.73
C SER A 249 -2.08 11.94 22.10
N ALA A 250 -3.00 12.19 23.03
CA ALA A 250 -2.84 11.64 24.39
C ALA A 250 -3.06 10.13 24.32
N LEU A 251 -4.08 9.69 23.57
CA LEU A 251 -4.33 8.25 23.44
C LEU A 251 -3.10 7.61 22.79
N ASP A 252 -2.52 8.26 21.76
CA ASP A 252 -1.34 7.68 21.10
C ASP A 252 -0.18 7.53 22.08
N ILE A 253 -0.02 8.46 23.02
CA ILE A 253 1.11 8.33 23.94
C ILE A 253 1.01 7.07 24.79
N VAL A 254 -0.20 6.73 25.23
CA VAL A 254 -0.33 5.52 26.02
C VAL A 254 -0.39 4.26 25.14
N ALA A 255 -1.32 4.23 24.18
CA ALA A 255 -1.45 3.05 23.32
C ALA A 255 -0.21 2.74 22.49
N LYS A 256 0.62 3.75 22.23
CA LYS A 256 1.82 3.49 21.45
C LYS A 256 3.09 3.41 22.25
N TYR A 257 3.52 4.54 22.84
CA TYR A 257 4.81 4.56 23.53
C TYR A 257 4.87 3.88 24.89
N ILE A 258 3.86 4.08 25.73
CA ILE A 258 3.86 3.42 27.03
C ILE A 258 3.57 1.94 26.85
N PHE A 259 2.61 1.61 25.99
CA PHE A 259 2.27 0.22 25.71
C PHE A 259 3.54 -0.55 25.29
N ALA A 260 4.32 0.06 24.40
CA ALA A 260 5.56 -0.55 23.91
C ALA A 260 6.64 -0.68 24.99
N PHE A 261 6.81 0.35 25.81
CA PHE A 261 7.79 0.34 26.91
C PHE A 261 7.45 -0.87 27.80
N LEU A 262 6.18 -1.02 28.17
CA LEU A 262 5.79 -2.14 29.03
C LEU A 262 5.99 -3.50 28.34
N LEU A 263 5.69 -3.58 27.04
CA LEU A 263 5.87 -4.84 26.36
C LEU A 263 7.37 -5.20 26.32
N LEU A 264 8.23 -4.25 25.97
CA LEU A 264 9.67 -4.55 25.89
C LEU A 264 10.32 -4.76 27.28
N ASN A 265 9.69 -4.25 28.32
CA ASN A 265 10.17 -4.42 29.70
C ASN A 265 9.99 -5.90 30.07
N TYR A 266 8.88 -6.48 29.64
CA TYR A 266 8.62 -7.90 29.92
C TYR A 266 9.52 -8.79 29.04
N LEU A 267 9.64 -8.38 27.78
CA LEU A 267 10.41 -9.16 26.82
C LEU A 267 11.89 -9.28 27.15
N THR A 268 12.51 -8.19 27.59
CA THR A 268 13.94 -8.23 27.85
C THR A 268 14.32 -8.84 29.20
N SER A 269 13.33 -9.31 29.94
CA SER A 269 13.54 -9.97 31.22
C SER A 269 13.09 -11.42 31.09
N ASN A 270 12.43 -11.73 29.96
CA ASN A 270 11.86 -13.05 29.74
C ASN A 270 12.11 -13.60 28.35
N GLU A 271 13.28 -13.34 27.81
CA GLU A 271 13.60 -13.82 26.46
C GLU A 271 13.29 -15.30 26.30
N GLY A 272 13.59 -16.09 27.34
CA GLY A 272 13.35 -17.52 27.30
C GLY A 272 11.93 -18.05 27.09
N VAL A 273 10.92 -17.32 27.58
CA VAL A 273 9.54 -17.78 27.41
C VAL A 273 9.02 -17.71 25.98
N VAL A 274 9.41 -16.66 25.27
CA VAL A 274 8.94 -16.42 23.91
C VAL A 274 9.96 -16.84 22.85
N SER A 275 11.00 -17.55 23.27
CA SER A 275 12.02 -17.98 22.31
C SER A 275 11.47 -19.11 21.45
N GLY A 276 11.84 -19.13 20.18
CA GLY A 276 11.36 -20.19 19.31
C GLY A 276 11.29 -19.78 17.86
N SER A 277 10.58 -20.57 17.06
CA SER A 277 10.43 -20.29 15.63
C SER A 277 9.29 -19.31 15.44
N ILE A 278 9.20 -18.71 14.26
CA ILE A 278 8.14 -17.75 13.99
C ILE A 278 7.21 -18.19 12.88
N GLU B 18 -12.46 20.38 -10.83
CA GLU B 18 -13.23 21.35 -10.00
C GLU B 18 -14.51 20.69 -9.50
N VAL B 19 -14.86 19.56 -10.11
CA VAL B 19 -16.08 18.83 -9.74
C VAL B 19 -15.95 18.38 -8.30
N THR B 20 -17.01 18.55 -7.51
CA THR B 20 -16.93 18.14 -6.11
C THR B 20 -17.35 16.72 -5.86
N GLN B 21 -17.04 16.25 -4.65
CA GLN B 21 -17.41 14.93 -4.28
C GLN B 21 -18.94 14.80 -4.23
N ARG B 22 -19.61 15.80 -3.66
CA ARG B 22 -21.07 15.77 -3.56
C ARG B 22 -21.69 15.68 -4.96
N GLU B 23 -21.13 16.45 -5.88
CA GLU B 23 -21.65 16.43 -7.24
C GLU B 23 -21.53 15.06 -7.91
N LEU B 24 -20.50 14.29 -7.56
CA LEU B 24 -20.34 12.94 -8.14
C LEU B 24 -21.23 11.92 -7.42
N PHE B 25 -21.47 12.12 -6.10
CA PHE B 25 -22.39 11.26 -5.31
C PHE B 25 -23.82 11.47 -5.87
N GLU B 26 -24.13 12.71 -6.24
CA GLU B 26 -25.47 13.02 -6.78
C GLU B 26 -25.64 12.49 -8.21
N PHE B 27 -24.61 12.70 -9.03
CA PHE B 27 -24.65 12.20 -10.40
C PHE B 27 -25.00 10.71 -10.31
N VAL B 28 -24.19 9.95 -9.58
CA VAL B 28 -24.42 8.53 -9.40
C VAL B 28 -25.83 8.21 -8.89
N LEU B 29 -26.19 8.84 -7.77
CA LEU B 29 -27.48 8.62 -7.13
C LEU B 29 -28.67 8.85 -8.05
N ASN B 30 -28.52 9.83 -8.95
CA ASN B 30 -29.58 10.20 -9.86
C ASN B 30 -29.52 9.70 -11.30
N ASP B 31 -28.72 8.67 -11.51
CA ASP B 31 -28.61 8.02 -12.80
C ASP B 31 -29.00 6.58 -12.53
N PRO B 32 -30.07 6.10 -13.18
CA PRO B 32 -30.58 4.73 -13.01
C PRO B 32 -29.55 3.61 -13.11
N LEU B 33 -28.76 3.60 -14.19
CA LEU B 33 -27.73 2.58 -14.41
C LEU B 33 -26.60 2.62 -13.39
N LEU B 34 -26.20 3.83 -13.01
CA LEU B 34 -25.13 4.01 -12.06
C LEU B 34 -25.51 3.65 -10.64
N ALA B 35 -26.59 4.27 -10.15
CA ALA B 35 -27.03 3.99 -8.79
C ALA B 35 -27.23 2.50 -8.66
N SER B 36 -27.77 1.89 -9.72
CA SER B 36 -28.01 0.47 -9.67
C SER B 36 -26.72 -0.34 -9.67
N SER B 37 -25.82 -0.11 -10.63
CA SER B 37 -24.61 -0.92 -10.62
C SER B 37 -23.91 -0.87 -9.24
N LEU B 38 -23.63 0.33 -8.78
CA LEU B 38 -22.94 0.49 -7.51
C LEU B 38 -23.68 0.05 -6.25
N TYR B 39 -24.84 0.64 -5.97
CA TYR B 39 -25.55 0.29 -4.75
C TYR B 39 -26.02 -1.16 -4.68
N ILE B 40 -26.18 -1.81 -5.82
CA ILE B 40 -26.58 -3.21 -5.78
C ILE B 40 -25.42 -4.06 -5.27
N ASN B 41 -24.20 -3.63 -5.58
CA ASN B 41 -23.09 -4.41 -5.09
C ASN B 41 -22.76 -4.12 -3.63
N ILE B 42 -23.14 -2.95 -3.12
CA ILE B 42 -22.91 -2.68 -1.70
C ILE B 42 -23.82 -3.67 -0.94
N ALA B 43 -25.12 -3.65 -1.29
CA ALA B 43 -26.09 -4.55 -0.68
C ALA B 43 -25.72 -6.03 -0.79
N LEU B 44 -25.34 -6.50 -1.97
CA LEU B 44 -25.01 -7.93 -2.08
C LEU B 44 -23.78 -8.28 -1.23
N ALA B 45 -22.75 -7.44 -1.25
CA ALA B 45 -21.55 -7.71 -0.44
C ALA B 45 -21.94 -7.77 1.04
N GLY B 46 -22.77 -6.81 1.48
CA GLY B 46 -23.23 -6.78 2.86
C GLY B 46 -23.95 -8.08 3.20
N LEU B 47 -24.72 -8.60 2.25
CA LEU B 47 -25.41 -9.86 2.48
C LEU B 47 -24.44 -11.04 2.36
N SER B 48 -23.47 -10.93 1.45
CA SER B 48 -22.49 -12.02 1.32
C SER B 48 -21.77 -12.17 2.65
N ILE B 49 -21.33 -11.05 3.21
CA ILE B 49 -20.63 -11.10 4.49
C ILE B 49 -21.48 -11.81 5.55
N LEU B 50 -22.72 -11.38 5.69
CA LEU B 50 -23.62 -11.99 6.68
C LEU B 50 -23.79 -13.49 6.45
N LEU B 51 -24.02 -13.87 5.19
CA LEU B 51 -24.20 -15.27 4.83
C LEU B 51 -22.92 -16.10 5.02
N PHE B 52 -21.79 -15.55 4.57
CA PHE B 52 -20.54 -16.29 4.66
C PHE B 52 -20.08 -16.52 6.08
N VAL B 53 -20.36 -15.56 6.96
CA VAL B 53 -20.00 -15.69 8.36
C VAL B 53 -20.86 -16.80 8.97
N PHE B 54 -22.11 -16.87 8.50
CA PHE B 54 -23.04 -17.90 8.97
C PHE B 54 -22.57 -19.27 8.49
N MET B 55 -22.35 -19.41 7.19
CA MET B 55 -21.91 -20.67 6.59
C MET B 55 -20.71 -21.28 7.29
N THR B 56 -19.72 -20.45 7.57
CA THR B 56 -18.47 -20.89 8.16
C THR B 56 -18.40 -20.95 9.69
N ARG B 57 -19.51 -20.71 10.36
CA ARG B 57 -19.53 -20.71 11.83
C ARG B 57 -19.15 -22.04 12.47
N GLY B 58 -19.13 -23.12 11.69
CA GLY B 58 -18.77 -24.42 12.24
C GLY B 58 -17.37 -24.92 11.93
N LEU B 59 -16.53 -24.08 11.33
CA LEU B 59 -15.16 -24.51 11.00
C LEU B 59 -14.30 -24.55 12.25
N ASP B 60 -13.40 -25.53 12.32
CA ASP B 60 -12.50 -25.67 13.46
C ASP B 60 -11.02 -25.67 13.07
N ASP B 61 -10.71 -26.29 11.93
CA ASP B 61 -9.31 -26.38 11.50
C ASP B 61 -8.72 -25.03 11.11
N PRO B 62 -7.48 -24.75 11.54
CA PRO B 62 -6.86 -23.46 11.19
C PRO B 62 -6.74 -23.16 9.68
N ARG B 63 -6.39 -24.16 8.86
CA ARG B 63 -6.22 -23.94 7.43
C ARG B 63 -7.55 -23.60 6.75
N ALA B 64 -8.59 -24.37 7.05
CA ALA B 64 -9.90 -24.09 6.49
C ALA B 64 -10.38 -22.69 6.92
N LYS B 65 -10.08 -22.31 8.15
CA LYS B 65 -10.50 -21.00 8.62
C LYS B 65 -9.75 -19.91 7.87
N LEU B 66 -8.49 -20.17 7.55
CA LEU B 66 -7.70 -19.17 6.81
C LEU B 66 -8.30 -19.04 5.39
N ILE B 67 -8.90 -20.11 4.87
CA ILE B 67 -9.49 -20.03 3.53
C ILE B 67 -10.78 -19.23 3.65
N ALA B 68 -11.55 -19.53 4.69
CA ALA B 68 -12.81 -18.82 4.90
C ALA B 68 -12.57 -17.33 5.07
N VAL B 69 -11.74 -16.92 6.03
CA VAL B 69 -11.51 -15.47 6.22
C VAL B 69 -10.93 -14.79 4.98
N SER B 70 -10.03 -15.44 4.24
CA SER B 70 -9.52 -14.81 3.04
C SER B 70 -10.69 -14.58 2.06
N THR B 71 -11.59 -15.55 1.96
CA THR B 71 -12.72 -15.44 1.04
C THR B 71 -13.76 -14.45 1.59
N ILE B 72 -13.89 -14.37 2.91
CA ILE B 72 -14.85 -13.43 3.47
C ILE B 72 -14.34 -12.02 3.25
N LEU B 73 -13.02 -11.86 3.21
CA LEU B 73 -12.46 -10.53 2.98
C LEU B 73 -12.92 -10.03 1.59
N VAL B 74 -13.41 -10.94 0.74
CA VAL B 74 -13.85 -10.48 -0.57
C VAL B 74 -15.04 -9.51 -0.49
N PRO B 75 -16.14 -9.94 0.14
CA PRO B 75 -17.23 -8.94 0.19
C PRO B 75 -16.94 -7.76 1.16
N VAL B 76 -16.03 -7.93 2.12
CA VAL B 76 -15.69 -6.80 3.00
C VAL B 76 -14.93 -5.76 2.15
N VAL B 77 -13.91 -6.20 1.40
CA VAL B 77 -13.21 -5.26 0.52
C VAL B 77 -14.29 -4.66 -0.41
N SER B 78 -15.21 -5.52 -0.85
CA SER B 78 -16.30 -5.11 -1.72
C SER B 78 -17.26 -4.05 -1.16
N ILE B 79 -17.77 -4.26 0.04
CA ILE B 79 -18.70 -3.28 0.55
C ILE B 79 -18.02 -1.93 0.78
N ALA B 80 -16.76 -1.95 1.19
CA ALA B 80 -16.07 -0.68 1.44
C ALA B 80 -15.57 0.04 0.18
N SER B 81 -15.06 -0.68 -0.82
CA SER B 81 -14.55 0.00 -2.02
C SER B 81 -15.69 0.45 -2.94
N TYR B 82 -16.83 -0.25 -2.94
CA TYR B 82 -17.98 0.21 -3.73
C TYR B 82 -18.53 1.48 -3.05
N THR B 83 -18.52 1.53 -1.71
CA THR B 83 -18.99 2.74 -1.00
C THR B 83 -18.02 3.84 -1.44
N GLY B 84 -16.74 3.49 -1.58
CA GLY B 84 -15.79 4.47 -2.06
C GLY B 84 -16.35 5.11 -3.31
N LEU B 85 -16.81 4.26 -4.23
CA LEU B 85 -17.37 4.76 -5.49
C LEU B 85 -18.67 5.52 -5.23
N ALA B 86 -19.64 4.91 -4.56
CA ALA B 86 -20.93 5.56 -4.32
C ALA B 86 -20.86 6.94 -3.64
N SER B 87 -19.78 7.22 -2.92
CA SER B 87 -19.66 8.52 -2.24
C SER B 87 -18.97 9.61 -3.05
N GLY B 88 -18.37 9.25 -4.19
CA GLY B 88 -17.64 10.21 -4.98
C GLY B 88 -16.18 10.27 -4.59
N LEU B 89 -15.83 9.65 -3.46
CA LEU B 89 -14.46 9.66 -2.98
C LEU B 89 -13.48 9.12 -4.01
N THR B 90 -13.83 8.00 -4.65
CA THR B 90 -12.95 7.39 -5.63
C THR B 90 -13.45 7.47 -7.08
N ILE B 91 -14.00 8.63 -7.42
CA ILE B 91 -14.44 8.91 -8.79
C ILE B 91 -13.72 10.18 -9.22
N SER B 92 -13.32 10.25 -10.49
CA SER B 92 -12.67 11.45 -11.03
C SER B 92 -13.29 11.71 -12.42
N VAL B 93 -13.61 12.95 -12.75
CA VAL B 93 -14.11 13.23 -14.11
C VAL B 93 -12.82 13.48 -14.87
N LEU B 94 -12.57 12.70 -15.93
CA LEU B 94 -11.33 12.81 -16.71
C LEU B 94 -11.51 13.14 -18.22
N GLU B 95 -10.76 14.12 -18.71
CA GLU B 95 -10.80 14.51 -20.13
C GLU B 95 -9.93 13.54 -20.92
N MET B 96 -10.53 12.76 -21.83
CA MET B 96 -9.75 11.79 -22.61
C MET B 96 -8.88 12.51 -23.64
N PRO B 97 -7.70 11.95 -23.93
CA PRO B 97 -6.77 12.54 -24.89
C PRO B 97 -7.26 12.49 -26.34
N ALA B 98 -6.64 13.29 -27.19
CA ALA B 98 -6.97 13.35 -28.61
C ALA B 98 -6.89 11.94 -29.20
N GLY B 99 -7.91 11.56 -29.98
CA GLY B 99 -7.91 10.24 -30.59
C GLY B 99 -8.76 9.22 -29.84
N HIS B 100 -8.80 9.34 -28.52
CA HIS B 100 -9.61 8.42 -27.74
C HIS B 100 -11.01 8.60 -28.29
N PHE B 101 -11.77 7.52 -28.37
CA PHE B 101 -13.12 7.62 -28.92
C PHE B 101 -14.11 8.34 -28.03
N ALA B 102 -13.65 8.76 -26.85
CA ALA B 102 -14.50 9.50 -25.92
C ALA B 102 -13.94 10.91 -25.75
N GLU B 103 -12.91 11.26 -26.50
CA GLU B 103 -12.36 12.60 -26.37
C GLU B 103 -13.46 13.61 -26.68
N GLY B 104 -13.38 14.78 -26.05
CA GLY B 104 -14.39 15.79 -26.29
C GLY B 104 -15.71 15.55 -25.57
N SER B 105 -15.90 14.35 -25.02
CA SER B 105 -17.14 14.05 -24.29
C SER B 105 -17.33 15.10 -23.19
N SER B 106 -18.53 15.17 -22.64
CA SER B 106 -18.88 16.10 -21.56
C SER B 106 -19.99 15.45 -20.72
N VAL B 107 -20.27 15.97 -19.52
CA VAL B 107 -21.27 15.34 -18.66
C VAL B 107 -22.46 16.08 -18.05
N MET B 108 -22.18 17.19 -17.39
CA MET B 108 -23.21 17.95 -16.67
C MET B 108 -23.16 17.36 -15.27
N LEU B 109 -22.50 18.12 -14.43
CA LEU B 109 -22.26 17.80 -13.04
C LEU B 109 -22.37 19.19 -12.42
N GLY B 110 -22.90 19.25 -11.20
CA GLY B 110 -23.07 20.52 -10.54
C GLY B 110 -23.94 21.43 -11.38
N GLY B 111 -24.79 20.85 -12.21
CA GLY B 111 -25.67 21.63 -13.06
C GLY B 111 -24.96 22.28 -14.23
N GLU B 112 -23.65 22.07 -14.32
CA GLU B 112 -22.84 22.66 -15.39
C GLU B 112 -22.43 21.62 -16.41
N GLU B 113 -22.17 22.06 -17.64
CA GLU B 113 -21.72 21.13 -18.65
C GLU B 113 -20.23 21.02 -18.40
N VAL B 114 -19.75 19.80 -18.14
CA VAL B 114 -18.33 19.59 -17.84
C VAL B 114 -17.61 18.69 -18.85
N ASP B 115 -16.44 19.14 -19.30
CA ASP B 115 -15.61 18.41 -20.25
C ASP B 115 -15.03 17.12 -19.64
N GLY B 116 -15.33 15.98 -20.25
CA GLY B 116 -14.77 14.73 -19.74
C GLY B 116 -15.73 13.58 -19.50
N VAL B 117 -15.21 12.51 -18.89
CA VAL B 117 -16.03 11.35 -18.60
C VAL B 117 -15.91 11.00 -17.13
N VAL B 118 -17.03 10.64 -16.51
CA VAL B 118 -17.02 10.27 -15.09
C VAL B 118 -16.27 8.94 -15.05
N THR B 119 -15.15 8.94 -14.30
CA THR B 119 -14.23 7.81 -14.22
C THR B 119 -14.22 7.15 -12.85
N MET B 120 -14.82 5.98 -12.77
CA MET B 120 -14.88 5.31 -11.49
C MET B 120 -13.60 4.51 -11.23
N TRP B 121 -12.51 5.24 -11.03
CA TRP B 121 -11.22 4.58 -10.83
C TRP B 121 -11.21 3.75 -9.54
N GLY B 122 -12.16 4.02 -8.65
CA GLY B 122 -12.28 3.26 -7.41
C GLY B 122 -12.49 1.77 -7.63
N ARG B 123 -12.87 1.39 -8.85
CA ARG B 123 -13.05 -0.03 -9.13
C ARG B 123 -11.71 -0.79 -9.05
N TYR B 124 -10.63 -0.15 -9.48
CA TYR B 124 -9.33 -0.84 -9.41
C TYR B 124 -8.89 -1.06 -7.98
N LEU B 125 -9.40 -0.26 -7.04
CA LEU B 125 -9.07 -0.44 -5.63
C LEU B 125 -9.71 -1.73 -5.22
N THR B 126 -11.00 -1.86 -5.54
CA THR B 126 -11.72 -3.07 -5.25
C THR B 126 -10.98 -4.30 -5.80
N TRP B 127 -10.54 -4.22 -7.04
CA TRP B 127 -9.85 -5.37 -7.64
C TRP B 127 -8.47 -5.63 -7.08
N ALA B 128 -7.70 -4.56 -6.88
CA ALA B 128 -6.38 -4.73 -6.34
C ALA B 128 -6.43 -5.33 -4.93
N LEU B 129 -7.50 -5.02 -4.20
CA LEU B 129 -7.65 -5.51 -2.84
C LEU B 129 -8.33 -6.87 -2.73
N SER B 130 -9.19 -7.19 -3.69
CA SER B 130 -9.86 -8.48 -3.56
C SER B 130 -9.22 -9.61 -4.37
N THR B 131 -8.65 -9.32 -5.55
CA THR B 131 -8.05 -10.40 -6.33
C THR B 131 -6.94 -11.18 -5.61
N PRO B 132 -6.11 -10.50 -4.78
CA PRO B 132 -5.07 -11.26 -4.07
C PRO B 132 -5.73 -12.25 -3.11
N MET B 133 -6.87 -11.87 -2.54
CA MET B 133 -7.56 -12.76 -1.60
C MET B 133 -8.09 -13.94 -2.40
N ILE B 134 -8.52 -13.68 -3.63
CA ILE B 134 -9.02 -14.75 -4.49
C ILE B 134 -7.93 -15.79 -4.76
N LEU B 135 -6.73 -15.33 -5.11
CA LEU B 135 -5.64 -16.24 -5.40
C LEU B 135 -5.13 -16.97 -4.17
N LEU B 136 -5.05 -16.30 -3.02
CA LEU B 136 -4.60 -16.97 -1.80
C LEU B 136 -5.53 -18.15 -1.48
N ALA B 137 -6.84 -17.88 -1.47
CA ALA B 137 -7.82 -18.92 -1.17
C ALA B 137 -7.83 -20.04 -2.20
N LEU B 138 -7.70 -19.69 -3.48
CA LEU B 138 -7.68 -20.69 -4.57
C LEU B 138 -6.39 -21.49 -4.50
N GLY B 139 -5.28 -20.77 -4.34
CA GLY B 139 -3.98 -21.42 -4.24
C GLY B 139 -3.90 -22.37 -3.06
N LEU B 140 -4.30 -21.89 -1.88
CA LEU B 140 -4.28 -22.77 -0.71
C LEU B 140 -5.20 -23.98 -1.00
N LEU B 141 -6.32 -23.75 -1.68
CA LEU B 141 -7.22 -24.88 -1.99
C LEU B 141 -6.47 -25.92 -2.84
N ALA B 142 -5.66 -25.42 -3.76
CA ALA B 142 -4.88 -26.27 -4.67
C ALA B 142 -3.59 -26.86 -4.11
N GLY B 143 -3.24 -26.52 -2.87
CA GLY B 143 -2.02 -27.05 -2.28
C GLY B 143 -0.76 -26.40 -2.81
N SER B 144 -0.90 -25.16 -3.27
CA SER B 144 0.25 -24.44 -3.81
C SER B 144 1.38 -24.25 -2.82
N ASN B 145 2.62 -24.24 -3.33
CA ASN B 145 3.77 -23.97 -2.48
C ASN B 145 3.84 -22.42 -2.46
N ALA B 146 4.48 -21.87 -1.44
CA ALA B 146 4.56 -20.40 -1.30
C ALA B 146 5.03 -19.66 -2.55
N THR B 147 5.95 -20.27 -3.30
CA THR B 147 6.51 -19.65 -4.51
C THR B 147 5.49 -19.31 -5.58
N LYS B 148 4.63 -20.26 -5.92
CA LYS B 148 3.62 -19.99 -6.95
C LYS B 148 2.54 -19.05 -6.40
N LEU B 149 2.29 -19.13 -5.10
CA LEU B 149 1.29 -18.25 -4.47
C LEU B 149 1.84 -16.82 -4.54
N PHE B 150 3.14 -16.66 -4.31
CA PHE B 150 3.79 -15.35 -4.36
C PHE B 150 3.74 -14.86 -5.80
N THR B 151 4.00 -15.76 -6.75
CA THR B 151 3.99 -15.38 -8.16
C THR B 151 2.57 -14.95 -8.61
N ALA B 152 1.56 -15.74 -8.28
CA ALA B 152 0.18 -15.39 -8.67
C ALA B 152 -0.31 -14.07 -8.06
N ILE B 153 0.08 -13.81 -6.82
CA ILE B 153 -0.40 -12.57 -6.18
C ILE B 153 0.35 -11.31 -6.60
N THR B 154 1.68 -11.39 -6.73
CA THR B 154 2.43 -10.20 -7.13
C THR B 154 2.04 -9.80 -8.54
N PHE B 155 2.08 -10.74 -9.48
CA PHE B 155 1.70 -10.37 -10.83
C PHE B 155 0.25 -9.92 -10.92
N ASP B 156 -0.61 -10.51 -10.09
CA ASP B 156 -2.01 -10.11 -10.07
C ASP B 156 -2.07 -8.62 -9.66
N ILE B 157 -1.45 -8.30 -8.53
CA ILE B 157 -1.48 -6.91 -8.08
C ILE B 157 -0.91 -5.96 -9.15
N ALA B 158 0.17 -6.36 -9.82
CA ALA B 158 0.79 -5.53 -10.86
C ALA B 158 -0.24 -5.32 -11.99
N MET B 159 -0.92 -6.40 -12.38
CA MET B 159 -1.95 -6.30 -13.42
C MET B 159 -3.01 -5.24 -13.04
N CYS B 160 -3.48 -5.27 -11.80
CA CYS B 160 -4.50 -4.32 -11.34
C CYS B 160 -4.07 -2.86 -11.30
N VAL B 161 -2.81 -2.64 -10.90
CA VAL B 161 -2.26 -1.29 -10.77
C VAL B 161 -1.94 -0.71 -12.13
N THR B 162 -1.54 -1.56 -13.08
CA THR B 162 -1.26 -1.04 -14.42
C THR B 162 -2.60 -0.73 -15.08
N GLY B 163 -3.63 -1.51 -14.75
CA GLY B 163 -4.98 -1.26 -15.23
C GLY B 163 -5.46 0.09 -14.73
N LEU B 164 -5.21 0.36 -13.44
CA LEU B 164 -5.60 1.63 -12.87
C LEU B 164 -4.81 2.74 -13.58
N ALA B 165 -3.51 2.53 -13.77
CA ALA B 165 -2.71 3.55 -14.44
C ALA B 165 -3.28 3.81 -15.84
N ALA B 166 -3.59 2.73 -16.57
CA ALA B 166 -4.16 2.88 -17.91
C ALA B 166 -5.43 3.75 -17.87
N ALA B 167 -6.22 3.58 -16.82
CA ALA B 167 -7.46 4.32 -16.69
C ALA B 167 -7.26 5.78 -16.29
N LEU B 168 -6.19 6.05 -15.54
CA LEU B 168 -5.87 7.39 -15.06
C LEU B 168 -5.01 8.21 -16.04
N THR B 169 -4.53 7.57 -17.11
CA THR B 169 -3.70 8.30 -18.05
C THR B 169 -4.52 9.10 -19.06
N THR B 170 -4.28 10.41 -19.09
CA THR B 170 -5.00 11.30 -20.00
C THR B 170 -4.05 12.00 -20.97
N SER B 171 -2.74 11.77 -20.81
CA SER B 171 -1.73 12.42 -21.67
C SER B 171 -1.74 12.08 -23.16
N SER B 172 -2.05 10.83 -23.49
CA SER B 172 -2.12 10.39 -24.89
C SER B 172 -2.92 9.10 -24.96
N HIS B 173 -3.69 8.95 -26.02
CA HIS B 173 -4.51 7.76 -26.20
C HIS B 173 -3.62 6.52 -26.26
N LEU B 174 -2.50 6.65 -26.98
CA LEU B 174 -1.57 5.55 -27.14
C LEU B 174 -1.13 4.96 -25.80
N MET B 175 -0.42 5.77 -25.02
CA MET B 175 0.09 5.34 -23.72
C MET B 175 -0.95 4.58 -22.89
N ARG B 176 -2.22 4.95 -23.00
CA ARG B 176 -3.29 4.24 -22.28
C ARG B 176 -3.38 2.78 -22.71
N TRP B 177 -3.49 2.55 -24.02
CA TRP B 177 -3.58 1.19 -24.50
C TRP B 177 -2.29 0.43 -24.21
N PHE B 178 -1.19 1.16 -24.09
CA PHE B 178 0.09 0.53 -23.75
C PHE B 178 -0.02 -0.04 -22.33
N TRP B 179 -0.38 0.80 -21.36
CA TRP B 179 -0.53 0.28 -19.99
C TRP B 179 -1.42 -0.95 -20.04
N TYR B 180 -2.42 -0.91 -20.92
CA TYR B 180 -3.32 -2.02 -21.05
C TYR B 180 -2.56 -3.29 -21.42
N ALA B 181 -1.55 -3.14 -22.29
CA ALA B 181 -0.74 -4.27 -22.73
C ALA B 181 0.19 -4.78 -21.63
N ILE B 182 0.80 -3.86 -20.87
CA ILE B 182 1.68 -4.29 -19.77
C ILE B 182 0.78 -5.09 -18.81
N SER B 183 -0.42 -4.59 -18.57
CA SER B 183 -1.38 -5.22 -17.69
C SER B 183 -1.82 -6.59 -18.23
N CYS B 184 -1.45 -6.87 -19.49
CA CYS B 184 -1.76 -8.15 -20.13
C CYS B 184 -0.60 -9.12 -19.94
N ALA B 185 0.63 -8.63 -20.09
CA ALA B 185 1.79 -9.49 -19.91
C ALA B 185 1.79 -10.02 -18.47
N CYS B 186 1.33 -9.19 -17.53
CA CYS B 186 1.24 -9.59 -16.13
C CYS B 186 0.11 -10.61 -15.98
N PHE B 187 -1.04 -10.31 -16.58
CA PHE B 187 -2.22 -11.19 -16.52
C PHE B 187 -1.88 -12.58 -17.10
N ILE B 188 -1.07 -12.60 -18.16
CA ILE B 188 -0.68 -13.87 -18.76
C ILE B 188 0.09 -14.75 -17.77
N VAL B 189 0.90 -14.14 -16.91
CA VAL B 189 1.63 -14.92 -15.91
C VAL B 189 0.65 -15.56 -14.96
N VAL B 190 -0.36 -14.81 -14.55
CA VAL B 190 -1.35 -15.32 -13.62
C VAL B 190 -2.11 -16.47 -14.27
N LEU B 191 -2.52 -16.28 -15.52
CA LEU B 191 -3.24 -17.33 -16.25
C LEU B 191 -2.43 -18.61 -16.32
N TYR B 192 -1.12 -18.51 -16.54
CA TYR B 192 -0.34 -19.74 -16.59
C TYR B 192 -0.41 -20.49 -15.27
N ILE B 193 -0.42 -19.74 -14.17
CA ILE B 193 -0.48 -20.39 -12.85
C ILE B 193 -1.82 -21.06 -12.59
N LEU B 194 -2.92 -20.36 -12.88
CA LEU B 194 -4.25 -20.94 -12.66
C LEU B 194 -4.48 -22.21 -13.50
N LEU B 195 -4.69 -21.98 -14.80
CA LEU B 195 -4.95 -23.03 -15.77
C LEU B 195 -4.04 -24.25 -15.64
N VAL B 196 -2.74 -24.00 -15.70
CA VAL B 196 -1.74 -25.06 -15.63
C VAL B 196 -1.29 -25.55 -14.26
N GLU B 197 -0.35 -24.82 -13.67
CA GLU B 197 0.25 -25.21 -12.40
C GLU B 197 -0.65 -25.59 -11.23
N TRP B 198 -1.63 -24.77 -10.89
CA TRP B 198 -2.47 -25.13 -9.77
C TRP B 198 -3.40 -26.30 -10.09
N ALA B 199 -3.72 -26.47 -11.37
CA ALA B 199 -4.56 -27.60 -11.80
C ALA B 199 -3.75 -28.86 -11.46
N GLN B 200 -2.45 -28.82 -11.71
CA GLN B 200 -1.59 -29.97 -11.40
C GLN B 200 -1.44 -30.14 -9.89
N ASP B 201 -1.23 -29.03 -9.19
CA ASP B 201 -1.07 -29.09 -7.74
C ASP B 201 -2.32 -29.62 -7.04
N ALA B 202 -3.50 -29.23 -7.50
CA ALA B 202 -4.77 -29.65 -6.90
C ALA B 202 -4.98 -31.17 -6.92
N LYS B 203 -4.91 -31.77 -8.09
CA LYS B 203 -5.11 -33.23 -8.20
C LYS B 203 -4.74 -33.92 -6.89
N ALA B 204 -3.49 -33.74 -6.46
CA ALA B 204 -2.98 -34.35 -5.22
C ALA B 204 -3.59 -33.83 -3.91
N ALA B 205 -3.95 -32.55 -3.87
CA ALA B 205 -4.53 -31.99 -2.66
C ALA B 205 -5.92 -32.54 -2.42
N GLY B 206 -6.41 -33.35 -3.36
CA GLY B 206 -7.74 -33.93 -3.22
C GLY B 206 -8.84 -32.94 -3.53
N THR B 207 -8.44 -31.83 -4.16
CA THR B 207 -9.37 -30.77 -4.54
C THR B 207 -9.36 -30.57 -6.05
N ALA B 208 -8.87 -31.56 -6.79
CA ALA B 208 -8.82 -31.42 -8.25
C ALA B 208 -10.18 -31.09 -8.82
N ASP B 209 -11.23 -31.74 -8.30
CA ASP B 209 -12.58 -31.52 -8.80
C ASP B 209 -13.11 -30.11 -8.52
N ILE B 210 -13.15 -29.69 -7.25
CA ILE B 210 -13.63 -28.34 -6.99
C ILE B 210 -12.70 -27.32 -7.65
N PHE B 211 -11.40 -27.61 -7.71
CA PHE B 211 -10.50 -26.64 -8.33
C PHE B 211 -10.79 -26.40 -9.82
N SER B 212 -11.40 -27.40 -10.48
CA SER B 212 -11.73 -27.22 -11.89
C SER B 212 -12.91 -26.29 -12.07
N THR B 213 -13.91 -26.43 -11.20
CA THR B 213 -15.10 -25.61 -11.27
C THR B 213 -14.84 -24.14 -10.93
N LEU B 214 -14.05 -23.91 -9.88
CA LEU B 214 -13.75 -22.54 -9.48
C LEU B 214 -12.76 -21.90 -10.45
N LYS B 215 -11.85 -22.70 -11.00
CA LYS B 215 -10.87 -22.22 -11.97
C LYS B 215 -11.58 -21.83 -13.26
N LEU B 216 -12.56 -22.63 -13.67
CA LEU B 216 -13.32 -22.37 -14.90
C LEU B 216 -14.06 -21.04 -14.77
N LEU B 217 -14.82 -20.90 -13.69
CA LEU B 217 -15.57 -19.68 -13.43
C LEU B 217 -14.55 -18.52 -13.40
N THR B 218 -13.46 -18.70 -12.65
CA THR B 218 -12.45 -17.64 -12.53
C THR B 218 -11.80 -17.23 -13.85
N VAL B 219 -11.29 -18.19 -14.62
CA VAL B 219 -10.66 -17.84 -15.88
C VAL B 219 -11.65 -17.15 -16.81
N VAL B 220 -12.87 -17.70 -16.91
CA VAL B 220 -13.90 -17.12 -17.77
C VAL B 220 -14.27 -15.69 -17.36
N MET B 221 -14.69 -15.50 -16.12
CA MET B 221 -15.06 -14.15 -15.65
C MET B 221 -13.87 -13.18 -15.71
N TRP B 222 -12.70 -13.61 -15.25
CA TRP B 222 -11.55 -12.71 -15.27
C TRP B 222 -11.19 -12.25 -16.68
N LEU B 223 -11.22 -13.16 -17.65
CA LEU B 223 -10.90 -12.79 -19.04
C LEU B 223 -11.75 -11.62 -19.54
N GLY B 224 -12.98 -11.55 -19.07
CA GLY B 224 -13.85 -10.48 -19.51
C GLY B 224 -13.40 -9.07 -19.12
N TYR B 225 -12.72 -8.91 -18.00
CA TYR B 225 -12.35 -7.56 -17.63
C TYR B 225 -11.56 -6.79 -18.69
N PRO B 226 -10.53 -7.42 -19.28
CA PRO B 226 -9.80 -6.65 -20.31
C PRO B 226 -10.66 -6.42 -21.57
N ILE B 227 -11.63 -7.30 -21.80
CA ILE B 227 -12.53 -7.14 -22.96
C ILE B 227 -13.51 -5.99 -22.67
N VAL B 228 -14.06 -5.96 -21.45
CA VAL B 228 -14.97 -4.87 -21.10
C VAL B 228 -14.19 -3.55 -21.11
N TRP B 229 -12.98 -3.56 -20.57
CA TRP B 229 -12.16 -2.35 -20.53
C TRP B 229 -12.00 -1.80 -21.96
N ALA B 230 -11.67 -2.70 -22.89
CA ALA B 230 -11.46 -2.34 -24.28
C ALA B 230 -12.72 -1.81 -24.96
N LEU B 231 -13.87 -2.38 -24.64
CA LEU B 231 -15.15 -1.97 -25.23
C LEU B 231 -15.86 -0.83 -24.52
N GLY B 232 -15.65 -0.71 -23.21
CA GLY B 232 -16.31 0.34 -22.44
C GLY B 232 -15.71 1.72 -22.59
N VAL B 233 -16.20 2.69 -21.80
CA VAL B 233 -15.72 4.06 -21.89
C VAL B 233 -14.24 4.31 -21.71
N GLU B 234 -13.54 3.39 -21.06
CA GLU B 234 -12.10 3.51 -20.88
C GLU B 234 -11.43 3.10 -22.18
N GLY B 235 -12.15 2.29 -22.96
CA GLY B 235 -11.65 1.81 -24.23
C GLY B 235 -12.28 2.58 -25.38
N VAL B 236 -12.86 1.85 -26.33
CA VAL B 236 -13.45 2.51 -27.50
C VAL B 236 -14.83 3.11 -27.26
N ALA B 237 -15.32 3.00 -26.04
CA ALA B 237 -16.59 3.60 -25.65
C ALA B 237 -17.88 3.21 -26.38
N VAL B 238 -18.00 1.97 -26.81
CA VAL B 238 -19.26 1.54 -27.43
C VAL B 238 -20.23 1.50 -26.25
N LEU B 239 -19.69 1.17 -25.08
CA LEU B 239 -20.47 1.12 -23.84
C LEU B 239 -20.26 2.45 -23.14
N PRO B 240 -21.33 3.24 -22.94
CA PRO B 240 -21.16 4.54 -22.26
C PRO B 240 -20.79 4.27 -20.81
N VAL B 241 -20.81 5.31 -19.98
CA VAL B 241 -20.48 5.16 -18.56
C VAL B 241 -21.34 4.14 -17.81
N GLY B 242 -22.66 4.32 -17.88
CA GLY B 242 -23.59 3.44 -17.20
C GLY B 242 -23.51 1.97 -17.57
N TYR B 243 -23.30 1.68 -18.86
CA TYR B 243 -23.20 0.29 -19.29
C TYR B 243 -21.81 -0.25 -18.97
N THR B 244 -20.82 0.64 -19.02
CA THR B 244 -19.47 0.25 -18.69
C THR B 244 -19.52 -0.17 -17.22
N SER B 245 -20.15 0.66 -16.39
CA SER B 245 -20.25 0.34 -14.97
C SER B 245 -20.91 -1.04 -14.80
N TRP B 246 -22.08 -1.23 -15.39
CA TRP B 246 -22.77 -2.52 -15.25
C TRP B 246 -22.00 -3.70 -15.81
N ALA B 247 -21.26 -3.49 -16.89
CA ALA B 247 -20.48 -4.58 -17.46
C ALA B 247 -19.45 -5.05 -16.41
N TYR B 248 -18.76 -4.11 -15.77
CA TYR B 248 -17.79 -4.50 -14.76
C TYR B 248 -18.46 -5.01 -13.50
N SER B 249 -19.59 -4.41 -13.13
CA SER B 249 -20.29 -4.83 -11.93
C SER B 249 -20.86 -6.22 -12.04
N ALA B 250 -21.14 -6.64 -13.29
CA ALA B 250 -21.68 -7.96 -13.55
C ALA B 250 -20.58 -9.01 -13.37
N LEU B 251 -19.39 -8.73 -13.89
CA LEU B 251 -18.29 -9.65 -13.74
C LEU B 251 -17.96 -9.80 -12.27
N ASP B 252 -18.08 -8.70 -11.52
CA ASP B 252 -17.78 -8.75 -10.09
C ASP B 252 -18.75 -9.64 -9.33
N ILE B 253 -20.05 -9.46 -9.57
CA ILE B 253 -21.05 -10.26 -8.87
C ILE B 253 -20.78 -11.74 -9.03
N VAL B 254 -20.29 -12.15 -10.20
CA VAL B 254 -19.99 -13.56 -10.39
C VAL B 254 -18.55 -13.91 -9.97
N ALA B 255 -17.59 -13.09 -10.38
CA ALA B 255 -16.21 -13.35 -10.04
C ALA B 255 -15.97 -13.23 -8.53
N LYS B 256 -16.89 -12.56 -7.82
CA LYS B 256 -16.74 -12.36 -6.40
C LYS B 256 -17.68 -13.09 -5.47
N TYR B 257 -18.96 -12.70 -5.46
CA TYR B 257 -19.91 -13.29 -4.55
C TYR B 257 -20.30 -14.71 -4.90
N ILE B 258 -20.50 -15.02 -6.17
CA ILE B 258 -20.85 -16.40 -6.49
C ILE B 258 -19.62 -17.26 -6.34
N PHE B 259 -18.48 -16.78 -6.84
CA PHE B 259 -17.25 -17.53 -6.70
C PHE B 259 -17.01 -17.84 -5.22
N ALA B 260 -17.31 -16.88 -4.36
CA ALA B 260 -17.13 -17.02 -2.92
C ALA B 260 -18.10 -18.02 -2.33
N PHE B 261 -19.37 -17.89 -2.69
CA PHE B 261 -20.40 -18.80 -2.19
C PHE B 261 -20.00 -20.22 -2.56
N LEU B 262 -19.71 -20.44 -3.83
CA LEU B 262 -19.31 -21.77 -4.31
C LEU B 262 -18.10 -22.33 -3.60
N LEU B 263 -17.08 -21.50 -3.40
CA LEU B 263 -15.87 -21.95 -2.74
C LEU B 263 -16.11 -22.29 -1.28
N LEU B 264 -16.95 -21.50 -0.62
CA LEU B 264 -17.27 -21.72 0.79
C LEU B 264 -18.18 -22.94 0.93
N ASN B 265 -18.99 -23.17 -0.11
CA ASN B 265 -19.90 -24.31 -0.13
C ASN B 265 -19.08 -25.59 -0.15
N TYR B 266 -17.95 -25.58 -0.86
CA TYR B 266 -17.10 -26.75 -0.88
C TYR B 266 -16.32 -26.85 0.42
N LEU B 267 -16.04 -25.69 1.04
CA LEU B 267 -15.28 -25.68 2.30
C LEU B 267 -16.09 -26.18 3.48
N THR B 268 -17.35 -25.75 3.55
CA THR B 268 -18.25 -26.13 4.61
C THR B 268 -18.49 -27.65 4.57
N SER B 269 -18.23 -28.23 3.40
CA SER B 269 -18.43 -29.67 3.16
C SER B 269 -17.16 -30.54 3.17
N ASN B 270 -16.02 -29.91 2.89
CA ASN B 270 -14.74 -30.64 2.84
C ASN B 270 -13.67 -30.15 3.79
N GLU B 271 -14.08 -29.62 4.94
CA GLU B 271 -13.12 -29.09 5.90
C GLU B 271 -11.98 -30.07 6.14
N GLY B 272 -12.33 -31.33 6.38
CA GLY B 272 -11.30 -32.33 6.63
C GLY B 272 -10.27 -32.43 5.53
N VAL B 273 -10.72 -32.29 4.29
CA VAL B 273 -9.83 -32.36 3.13
C VAL B 273 -8.69 -31.34 3.11
N VAL B 274 -8.99 -30.07 3.36
CA VAL B 274 -7.94 -29.06 3.30
C VAL B 274 -7.17 -28.82 4.59
N SER B 275 -7.56 -29.47 5.67
CA SER B 275 -6.84 -29.29 6.93
C SER B 275 -5.46 -29.90 6.75
N GLY B 276 -5.31 -30.70 5.70
CA GLY B 276 -4.04 -31.35 5.42
C GLY B 276 -3.80 -32.55 6.32
N SER B 277 -3.78 -32.31 7.62
CA SER B 277 -3.57 -33.36 8.60
C SER B 277 -4.33 -33.04 9.88
N GLU C 18 -1.60 24.58 -12.03
CA GLU C 18 -2.41 23.36 -12.32
C GLU C 18 -2.07 22.85 -13.72
N VAL C 19 -0.88 22.31 -13.89
CA VAL C 19 -0.44 21.81 -15.17
C VAL C 19 -1.18 20.54 -15.53
N THR C 20 -1.15 20.17 -16.80
CA THR C 20 -1.83 18.98 -17.25
C THR C 20 -0.85 17.83 -17.36
N GLN C 21 -1.38 16.62 -17.31
CA GLN C 21 -0.54 15.45 -17.44
C GLN C 21 0.03 15.49 -18.87
N ARG C 22 -0.78 15.91 -19.84
CA ARG C 22 -0.30 16.00 -21.22
C ARG C 22 0.86 16.98 -21.32
N GLU C 23 0.77 18.10 -20.60
CA GLU C 23 1.84 19.09 -20.60
C GLU C 23 3.15 18.48 -20.10
N LEU C 24 3.08 17.70 -19.03
CA LEU C 24 4.29 17.07 -18.52
C LEU C 24 4.73 15.95 -19.48
N PHE C 25 3.77 15.26 -20.08
CA PHE C 25 4.07 14.20 -21.06
C PHE C 25 4.87 14.81 -22.23
N GLU C 26 4.53 16.04 -22.59
CA GLU C 26 5.25 16.71 -23.68
C GLU C 26 6.53 17.39 -23.21
N PHE C 27 6.50 17.97 -22.02
CA PHE C 27 7.69 18.61 -21.49
C PHE C 27 8.84 17.60 -21.54
N VAL C 28 8.58 16.38 -21.05
CA VAL C 28 9.61 15.34 -21.05
C VAL C 28 10.10 15.03 -22.47
N LEU C 29 9.17 14.74 -23.38
CA LEU C 29 9.54 14.43 -24.77
C LEU C 29 10.45 15.53 -25.35
N ASN C 30 10.14 16.76 -24.97
CA ASN C 30 10.87 17.94 -25.41
C ASN C 30 12.17 18.25 -24.68
N ASP C 31 12.50 17.49 -23.65
CA ASP C 31 13.76 17.72 -22.93
C ASP C 31 14.71 16.56 -23.22
N PRO C 32 15.89 16.88 -23.77
CA PRO C 32 16.92 15.89 -24.13
C PRO C 32 17.21 14.85 -23.06
N LEU C 33 17.64 15.33 -21.90
CA LEU C 33 18.00 14.48 -20.76
C LEU C 33 16.87 13.65 -20.18
N LEU C 34 15.72 14.28 -19.95
CA LEU C 34 14.58 13.57 -19.37
C LEU C 34 14.04 12.47 -20.28
N ALA C 35 13.79 12.84 -21.54
CA ALA C 35 13.27 11.88 -22.49
C ALA C 35 14.13 10.64 -22.47
N SER C 36 15.43 10.81 -22.66
CA SER C 36 16.32 9.68 -22.68
C SER C 36 16.45 8.99 -21.32
N SER C 37 16.51 9.77 -20.24
CA SER C 37 16.66 9.15 -18.91
C SER C 37 15.52 8.19 -18.58
N LEU C 38 14.32 8.47 -19.07
CA LEU C 38 13.16 7.60 -18.82
C LEU C 38 12.96 6.52 -19.87
N TYR C 39 13.06 6.89 -21.13
CA TYR C 39 12.83 5.88 -22.16
C TYR C 39 13.94 4.84 -22.29
N ILE C 40 15.19 5.22 -22.06
CA ILE C 40 16.26 4.22 -22.16
C ILE C 40 16.11 3.19 -21.04
N ASN C 41 15.57 3.60 -19.90
CA ASN C 41 15.41 2.61 -18.84
C ASN C 41 14.15 1.81 -19.04
N ILE C 42 13.18 2.38 -19.74
CA ILE C 42 11.97 1.62 -20.06
C ILE C 42 12.48 0.51 -21.01
N ALA C 43 13.30 0.91 -21.98
CA ALA C 43 13.82 -0.06 -22.95
C ALA C 43 14.65 -1.15 -22.27
N LEU C 44 15.63 -0.77 -21.46
CA LEU C 44 16.47 -1.76 -20.78
C LEU C 44 15.67 -2.70 -19.85
N ALA C 45 14.61 -2.19 -19.23
CA ALA C 45 13.79 -3.03 -18.34
C ALA C 45 13.08 -4.11 -19.17
N GLY C 46 12.57 -3.74 -20.34
CA GLY C 46 11.91 -4.72 -21.18
C GLY C 46 12.91 -5.78 -21.62
N LEU C 47 14.09 -5.36 -22.02
CA LEU C 47 15.11 -6.30 -22.47
C LEU C 47 15.66 -7.17 -21.33
N SER C 48 15.28 -6.83 -20.10
CA SER C 48 15.72 -7.62 -18.92
C SER C 48 14.70 -8.71 -18.64
N ILE C 49 13.42 -8.34 -18.65
CA ILE C 49 12.37 -9.31 -18.39
C ILE C 49 12.53 -10.47 -19.41
N LEU C 50 12.96 -10.10 -20.62
CA LEU C 50 13.16 -11.08 -21.68
C LEU C 50 14.39 -11.93 -21.40
N LEU C 51 15.54 -11.29 -21.23
CA LEU C 51 16.79 -12.01 -20.96
C LEU C 51 16.72 -12.88 -19.71
N PHE C 52 15.91 -12.44 -18.73
CA PHE C 52 15.77 -13.17 -17.47
C PHE C 52 14.80 -14.35 -17.54
N VAL C 53 13.70 -14.19 -18.27
CA VAL C 53 12.74 -15.27 -18.40
C VAL C 53 13.45 -16.38 -19.18
N PHE C 54 14.34 -15.97 -20.08
CA PHE C 54 15.13 -16.87 -20.93
C PHE C 54 16.17 -17.61 -20.08
N MET C 55 16.99 -16.84 -19.37
CA MET C 55 18.05 -17.36 -18.49
C MET C 55 17.58 -18.36 -17.45
N THR C 56 16.41 -18.12 -16.90
CA THR C 56 15.88 -18.94 -15.82
C THR C 56 14.98 -20.12 -16.16
N ARG C 57 14.89 -20.47 -17.44
CA ARG C 57 14.05 -21.60 -17.84
C ARG C 57 14.57 -22.91 -17.25
N GLY C 58 15.88 -23.01 -17.08
CA GLY C 58 16.47 -24.23 -16.53
C GLY C 58 16.20 -24.54 -15.06
N LEU C 59 15.52 -23.63 -14.35
CA LEU C 59 15.23 -23.82 -12.91
C LEU C 59 14.00 -24.66 -12.61
N ASP C 60 14.10 -25.48 -11.56
CA ASP C 60 13.01 -26.35 -11.14
C ASP C 60 12.75 -26.36 -9.63
N ASP C 61 13.75 -26.02 -8.82
CA ASP C 61 13.56 -26.02 -7.37
C ASP C 61 12.69 -24.84 -6.90
N PRO C 62 11.74 -25.09 -5.98
CA PRO C 62 10.86 -24.02 -5.48
C PRO C 62 11.54 -22.81 -4.87
N ARG C 63 12.66 -23.03 -4.17
CA ARG C 63 13.37 -21.92 -3.54
C ARG C 63 14.19 -21.16 -4.59
N ALA C 64 14.84 -21.90 -5.49
CA ALA C 64 15.59 -21.23 -6.54
C ALA C 64 14.60 -20.37 -7.34
N LYS C 65 13.40 -20.90 -7.56
CA LYS C 65 12.40 -20.17 -8.34
C LYS C 65 11.76 -18.98 -7.59
N LEU C 66 11.90 -18.94 -6.27
CA LEU C 66 11.35 -17.80 -5.52
C LEU C 66 12.38 -16.68 -5.69
N ILE C 67 13.65 -17.05 -5.58
CA ILE C 67 14.72 -16.08 -5.74
C ILE C 67 14.67 -15.55 -7.17
N ALA C 68 14.37 -16.42 -8.13
CA ALA C 68 14.29 -15.99 -9.52
C ALA C 68 13.17 -14.98 -9.78
N VAL C 69 11.97 -15.31 -9.33
CA VAL C 69 10.82 -14.42 -9.58
C VAL C 69 10.84 -13.10 -8.79
N SER C 70 11.32 -13.13 -7.55
CA SER C 70 11.38 -11.86 -6.84
C SER C 70 12.37 -11.01 -7.63
N THR C 71 13.49 -11.61 -8.09
CA THR C 71 14.46 -10.86 -8.88
C THR C 71 13.82 -10.33 -10.19
N ILE C 72 13.12 -11.20 -10.91
CA ILE C 72 12.49 -10.80 -12.17
C ILE C 72 11.46 -9.67 -11.97
N LEU C 73 10.81 -9.63 -10.82
CA LEU C 73 9.84 -8.57 -10.53
C LEU C 73 10.50 -7.20 -10.54
N VAL C 74 11.81 -7.15 -10.30
CA VAL C 74 12.53 -5.87 -10.28
C VAL C 74 12.34 -5.11 -11.61
N PRO C 75 12.69 -5.72 -12.75
CA PRO C 75 12.48 -4.96 -14.00
C PRO C 75 11.00 -4.82 -14.36
N VAL C 76 10.15 -5.69 -13.80
CA VAL C 76 8.71 -5.59 -14.05
C VAL C 76 8.22 -4.32 -13.34
N VAL C 77 8.71 -4.09 -12.13
CA VAL C 77 8.33 -2.88 -11.39
C VAL C 77 8.94 -1.69 -12.11
N SER C 78 10.19 -1.85 -12.55
CA SER C 78 10.87 -0.75 -13.22
C SER C 78 10.16 -0.37 -14.53
N ILE C 79 9.84 -1.34 -15.38
CA ILE C 79 9.17 -0.91 -16.62
C ILE C 79 7.83 -0.20 -16.35
N ALA C 80 7.03 -0.70 -15.42
CA ALA C 80 5.75 -0.07 -15.14
C ALA C 80 5.90 1.33 -14.52
N SER C 81 6.72 1.44 -13.48
CA SER C 81 6.88 2.73 -12.81
C SER C 81 7.53 3.79 -13.69
N TYR C 82 8.50 3.41 -14.54
CA TYR C 82 9.08 4.40 -15.44
C TYR C 82 8.00 4.82 -16.43
N THR C 83 7.09 3.92 -16.80
CA THR C 83 5.99 4.30 -17.68
C THR C 83 5.06 5.31 -16.96
N GLY C 84 4.96 5.22 -15.64
CA GLY C 84 4.13 6.17 -14.90
C GLY C 84 4.71 7.57 -15.03
N LEU C 85 6.05 7.66 -14.98
CA LEU C 85 6.71 8.95 -15.13
C LEU C 85 6.56 9.41 -16.60
N ALA C 86 6.91 8.51 -17.52
CA ALA C 86 6.85 8.82 -18.94
C ALA C 86 5.51 9.39 -19.36
N SER C 87 4.44 8.76 -18.89
CA SER C 87 3.09 9.21 -19.23
C SER C 87 2.71 10.52 -18.56
N GLY C 88 3.54 10.99 -17.63
CA GLY C 88 3.25 12.22 -16.91
C GLY C 88 2.33 11.96 -15.74
N LEU C 89 2.06 10.70 -15.45
CA LEU C 89 1.17 10.34 -14.36
C LEU C 89 1.78 10.57 -13.00
N THR C 90 3.08 10.31 -12.85
CA THR C 90 3.72 10.49 -11.54
C THR C 90 4.81 11.55 -11.46
N ILE C 91 4.57 12.66 -12.14
CA ILE C 91 5.48 13.81 -12.13
C ILE C 91 4.62 14.97 -11.64
N SER C 92 5.21 15.88 -10.87
CA SER C 92 4.47 17.06 -10.40
C SER C 92 5.39 18.26 -10.55
N VAL C 93 4.79 19.44 -10.55
CA VAL C 93 5.59 20.67 -10.55
C VAL C 93 5.40 21.21 -9.13
N LEU C 94 6.48 21.25 -8.36
CA LEU C 94 6.42 21.71 -6.98
C LEU C 94 7.18 23.00 -6.77
N GLU C 95 6.62 23.90 -5.97
CA GLU C 95 7.31 25.16 -5.66
C GLU C 95 8.09 24.96 -4.36
N MET C 96 9.42 25.01 -4.44
CA MET C 96 10.29 24.82 -3.28
C MET C 96 10.18 25.93 -2.25
N PRO C 97 10.40 25.59 -0.97
CA PRO C 97 10.32 26.56 0.12
C PRO C 97 11.41 27.61 0.14
N ALA C 98 11.10 28.74 0.76
CA ALA C 98 12.04 29.83 0.88
C ALA C 98 13.36 29.29 1.40
N GLY C 99 14.45 29.72 0.79
CA GLY C 99 15.76 29.27 1.22
C GLY C 99 16.23 28.05 0.47
N HIS C 100 15.32 27.34 -0.18
CA HIS C 100 15.70 26.15 -0.93
C HIS C 100 16.45 26.58 -2.18
N PHE C 101 17.52 25.88 -2.52
CA PHE C 101 18.31 26.27 -3.70
C PHE C 101 17.59 26.30 -5.04
N ALA C 102 16.48 25.58 -5.16
CA ALA C 102 15.72 25.58 -6.40
C ALA C 102 14.41 26.39 -6.31
N GLU C 103 14.21 27.05 -5.18
CA GLU C 103 13.02 27.89 -5.06
C GLU C 103 13.33 29.00 -6.07
N GLY C 104 12.31 29.58 -6.69
CA GLY C 104 12.56 30.62 -7.68
C GLY C 104 12.57 30.06 -9.10
N SER C 105 12.74 28.74 -9.20
CA SER C 105 12.75 28.04 -10.49
C SER C 105 11.42 28.26 -11.20
N SER C 106 11.44 28.08 -12.51
CA SER C 106 10.23 28.20 -13.33
C SER C 106 10.38 27.27 -14.52
N VAL C 107 9.26 26.86 -15.10
CA VAL C 107 9.27 25.95 -16.24
C VAL C 107 8.24 26.33 -17.28
N MET C 108 8.60 26.15 -18.56
CA MET C 108 7.71 26.43 -19.66
C MET C 108 6.81 25.21 -19.83
N LEU C 109 5.52 25.35 -19.53
CA LEU C 109 4.56 24.26 -19.65
C LEU C 109 3.35 24.76 -20.42
N GLY C 110 2.97 24.03 -21.47
CA GLY C 110 1.84 24.47 -22.27
C GLY C 110 2.17 25.83 -22.83
N GLY C 111 1.28 26.79 -22.66
CA GLY C 111 1.57 28.12 -23.18
C GLY C 111 1.90 29.14 -22.12
N GLU C 112 2.54 28.71 -21.03
CA GLU C 112 2.86 29.64 -19.95
C GLU C 112 4.04 29.28 -19.04
N GLU C 113 4.55 30.30 -18.36
CA GLU C 113 5.65 30.11 -17.41
C GLU C 113 4.94 29.66 -16.14
N VAL C 114 5.50 28.65 -15.46
CA VAL C 114 4.90 28.14 -14.24
C VAL C 114 5.95 28.09 -13.14
N ASP C 115 5.59 28.57 -11.96
CA ASP C 115 6.53 28.56 -10.85
C ASP C 115 6.77 27.15 -10.33
N GLY C 116 8.04 26.80 -10.11
CA GLY C 116 8.30 25.47 -9.59
C GLY C 116 9.32 24.63 -10.29
N VAL C 117 9.48 23.42 -9.76
CA VAL C 117 10.44 22.45 -10.25
C VAL C 117 9.67 21.21 -10.72
N VAL C 118 9.95 20.74 -11.92
CA VAL C 118 9.32 19.52 -12.42
C VAL C 118 9.96 18.43 -11.54
N THR C 119 9.10 17.70 -10.83
CA THR C 119 9.48 16.72 -9.82
C THR C 119 8.98 15.33 -10.22
N MET C 120 9.93 14.44 -10.52
CA MET C 120 9.60 13.09 -10.94
C MET C 120 9.46 12.16 -9.74
N TRP C 121 8.58 12.53 -8.81
CA TRP C 121 8.44 11.74 -7.60
C TRP C 121 8.07 10.29 -7.87
N GLY C 122 7.71 9.96 -9.12
CA GLY C 122 7.40 8.56 -9.42
C GLY C 122 8.59 7.66 -9.18
N ARG C 123 9.79 8.24 -9.14
CA ARG C 123 10.99 7.46 -8.85
C ARG C 123 10.89 6.75 -7.47
N TYR C 124 10.28 7.38 -6.48
CA TYR C 124 10.17 6.72 -5.17
C TYR C 124 9.22 5.52 -5.24
N LEU C 125 8.21 5.58 -6.09
CA LEU C 125 7.32 4.44 -6.22
C LEU C 125 8.13 3.31 -6.86
N THR C 126 8.95 3.61 -7.86
CA THR C 126 9.75 2.53 -8.42
C THR C 126 10.60 1.95 -7.27
N TRP C 127 11.29 2.82 -6.54
CA TRP C 127 12.16 2.35 -5.45
C TRP C 127 11.44 1.59 -4.32
N ALA C 128 10.27 2.06 -3.93
CA ALA C 128 9.53 1.41 -2.87
C ALA C 128 9.17 -0.02 -3.26
N LEU C 129 8.97 -0.22 -4.56
CA LEU C 129 8.57 -1.53 -5.07
C LEU C 129 9.74 -2.42 -5.44
N SER C 130 10.84 -1.86 -5.93
CA SER C 130 11.94 -2.77 -6.29
C SER C 130 12.91 -3.11 -5.18
N THR C 131 13.10 -2.21 -4.21
CA THR C 131 14.07 -2.52 -3.15
C THR C 131 13.64 -3.70 -2.24
N PRO C 132 12.32 -3.84 -1.94
CA PRO C 132 11.99 -5.01 -1.09
C PRO C 132 12.21 -6.32 -1.88
N MET C 133 12.15 -6.25 -3.21
CA MET C 133 12.39 -7.45 -4.03
C MET C 133 13.89 -7.74 -4.04
N ILE C 134 14.70 -6.70 -4.14
CA ILE C 134 16.17 -6.90 -4.09
C ILE C 134 16.57 -7.50 -2.73
N LEU C 135 16.02 -6.95 -1.64
CA LEU C 135 16.35 -7.47 -0.30
C LEU C 135 15.80 -8.90 -0.09
N LEU C 136 14.64 -9.19 -0.65
CA LEU C 136 14.08 -10.54 -0.51
C LEU C 136 14.98 -11.56 -1.24
N ALA C 137 15.28 -11.26 -2.49
CA ALA C 137 16.16 -12.18 -3.24
C ALA C 137 17.51 -12.30 -2.54
N LEU C 138 18.12 -11.18 -2.19
CA LEU C 138 19.41 -11.21 -1.51
C LEU C 138 19.34 -11.90 -0.14
N GLY C 139 18.23 -11.69 0.57
CA GLY C 139 18.07 -12.32 1.87
C GLY C 139 17.97 -13.83 1.74
N LEU C 140 17.11 -14.30 0.86
CA LEU C 140 16.99 -15.74 0.66
C LEU C 140 18.35 -16.29 0.20
N LEU C 141 19.04 -15.58 -0.70
CA LEU C 141 20.34 -16.04 -1.17
C LEU C 141 21.29 -16.31 0.00
N ALA C 142 21.28 -15.39 0.99
CA ALA C 142 22.13 -15.53 2.18
C ALA C 142 21.56 -16.50 3.21
N GLY C 143 20.38 -17.07 2.94
CA GLY C 143 19.79 -17.99 3.91
C GLY C 143 19.43 -17.25 5.20
N SER C 144 18.84 -16.08 5.05
CA SER C 144 18.45 -15.29 6.23
C SER C 144 17.19 -15.84 6.91
N ASN C 145 17.06 -15.68 8.23
CA ASN C 145 15.82 -16.13 8.85
C ASN C 145 14.76 -15.03 8.59
N ALA C 146 13.51 -15.30 8.94
CA ALA C 146 12.43 -14.34 8.69
C ALA C 146 12.57 -12.99 9.42
N THR C 147 13.09 -13.02 10.64
CA THR C 147 13.22 -11.78 11.41
C THR C 147 14.08 -10.77 10.67
N LYS C 148 15.31 -11.14 10.30
CA LYS C 148 16.14 -10.18 9.58
C LYS C 148 15.50 -9.77 8.25
N LEU C 149 14.78 -10.70 7.62
CA LEU C 149 14.12 -10.38 6.35
C LEU C 149 13.08 -9.30 6.65
N PHE C 150 12.32 -9.54 7.72
CA PHE C 150 11.31 -8.59 8.17
C PHE C 150 11.95 -7.22 8.44
N THR C 151 12.96 -7.21 9.31
CA THR C 151 13.66 -5.97 9.67
C THR C 151 14.17 -5.22 8.44
N ALA C 152 14.85 -5.93 7.55
CA ALA C 152 15.39 -5.27 6.37
C ALA C 152 14.30 -4.61 5.54
N ILE C 153 13.28 -5.39 5.21
CA ILE C 153 12.24 -4.87 4.31
C ILE C 153 11.39 -3.75 4.91
N THR C 154 11.10 -3.82 6.22
CA THR C 154 10.28 -2.77 6.80
C THR C 154 11.06 -1.46 6.82
N PHE C 155 12.30 -1.49 7.32
CA PHE C 155 13.09 -0.26 7.35
C PHE C 155 13.43 0.25 5.97
N ASP C 156 13.50 -0.65 5.00
CA ASP C 156 13.78 -0.25 3.62
C ASP C 156 12.57 0.51 3.05
N ILE C 157 11.36 0.00 3.30
CA ILE C 157 10.16 0.68 2.78
C ILE C 157 10.04 2.04 3.48
N ALA C 158 10.24 2.06 4.79
CA ALA C 158 10.22 3.33 5.52
C ALA C 158 11.25 4.29 4.95
N MET C 159 12.43 3.77 4.63
CA MET C 159 13.48 4.59 4.04
C MET C 159 12.99 5.25 2.74
N CYS C 160 12.35 4.45 1.88
CA CYS C 160 11.86 5.00 0.61
C CYS C 160 10.71 5.95 0.76
N VAL C 161 9.77 5.62 1.64
CA VAL C 161 8.60 6.47 1.84
C VAL C 161 8.93 7.80 2.50
N THR C 162 9.88 7.82 3.43
CA THR C 162 10.23 9.09 4.07
C THR C 162 11.02 9.91 3.04
N GLY C 163 11.82 9.27 2.20
CA GLY C 163 12.48 10.02 1.14
C GLY C 163 11.42 10.71 0.26
N LEU C 164 10.39 9.97 -0.15
CA LEU C 164 9.32 10.56 -0.96
C LEU C 164 8.70 11.74 -0.19
N ALA C 165 8.45 11.58 1.11
CA ALA C 165 7.87 12.72 1.84
C ALA C 165 8.90 13.87 1.86
N ALA C 166 10.19 13.55 1.94
CA ALA C 166 11.17 14.64 1.87
C ALA C 166 10.98 15.36 0.52
N ALA C 167 10.87 14.60 -0.57
CA ALA C 167 10.69 15.21 -1.90
C ALA C 167 9.43 16.05 -2.04
N LEU C 168 8.32 15.56 -1.49
CA LEU C 168 7.01 16.23 -1.56
C LEU C 168 6.78 17.42 -0.60
N THR C 169 7.70 17.65 0.33
CA THR C 169 7.51 18.72 1.31
C THR C 169 7.93 20.07 0.77
N THR C 170 6.94 20.95 0.63
CA THR C 170 7.14 22.31 0.12
C THR C 170 6.97 23.36 1.21
N SER C 171 6.44 22.95 2.36
CA SER C 171 6.17 23.85 3.46
C SER C 171 7.39 24.58 4.05
N SER C 172 8.48 23.86 4.15
CA SER C 172 9.67 24.39 4.79
C SER C 172 10.90 23.67 4.29
N HIS C 173 12.02 24.38 4.25
CA HIS C 173 13.30 23.81 3.81
C HIS C 173 13.88 22.89 4.88
N LEU C 174 13.88 23.32 6.14
CA LEU C 174 14.40 22.49 7.25
C LEU C 174 13.62 21.18 7.34
N MET C 175 12.29 21.26 7.16
CA MET C 175 11.48 20.05 7.24
C MET C 175 11.98 19.02 6.20
N ARG C 176 12.28 19.46 4.99
CA ARG C 176 12.78 18.51 3.98
C ARG C 176 14.03 17.76 4.47
N TRP C 177 14.99 18.48 5.04
CA TRP C 177 16.21 17.83 5.52
C TRP C 177 15.97 16.98 6.76
N PHE C 178 14.91 17.28 7.50
CA PHE C 178 14.58 16.46 8.68
C PHE C 178 14.10 15.09 8.16
N TRP C 179 13.22 15.06 7.15
CA TRP C 179 12.77 13.79 6.57
C TRP C 179 14.03 13.04 6.06
N TYR C 180 14.87 13.77 5.32
CA TYR C 180 16.11 13.16 4.80
C TYR C 180 16.85 12.44 5.94
N ALA C 181 16.97 13.07 7.10
CA ALA C 181 17.64 12.44 8.23
C ALA C 181 16.91 11.17 8.67
N ILE C 182 15.58 11.21 8.67
CA ILE C 182 14.81 10.02 9.09
C ILE C 182 15.06 8.87 8.11
N SER C 183 15.21 9.22 6.85
CA SER C 183 15.45 8.23 5.80
C SER C 183 16.87 7.65 5.96
N CYS C 184 17.80 8.49 6.39
CA CYS C 184 19.19 8.05 6.61
C CYS C 184 19.27 7.03 7.75
N ALA C 185 18.49 7.27 8.81
CA ALA C 185 18.49 6.37 9.95
C ALA C 185 17.95 4.99 9.55
N CYS C 186 16.89 4.94 8.75
CA CYS C 186 16.40 3.62 8.34
C CYS C 186 17.37 2.95 7.37
N PHE C 187 18.15 3.76 6.66
CA PHE C 187 19.14 3.23 5.71
C PHE C 187 20.21 2.53 6.54
N ILE C 188 20.58 3.12 7.66
CA ILE C 188 21.62 2.49 8.47
C ILE C 188 21.24 1.09 9.00
N VAL C 189 19.96 0.87 9.28
CA VAL C 189 19.53 -0.46 9.74
C VAL C 189 19.67 -1.47 8.61
N VAL C 190 19.29 -1.07 7.40
CA VAL C 190 19.42 -1.96 6.25
C VAL C 190 20.90 -2.23 5.98
N LEU C 191 21.73 -1.19 6.05
CA LEU C 191 23.17 -1.38 5.81
C LEU C 191 23.76 -2.33 6.82
N TYR C 192 23.29 -2.28 8.05
CA TYR C 192 23.81 -3.18 9.05
C TYR C 192 23.45 -4.64 8.74
N ILE C 193 22.23 -4.86 8.25
CA ILE C 193 21.81 -6.21 7.92
C ILE C 193 22.63 -6.72 6.72
N LEU C 194 22.80 -5.89 5.70
CA LEU C 194 23.57 -6.31 4.53
C LEU C 194 25.02 -6.60 4.86
N LEU C 195 25.65 -5.69 5.58
CA LEU C 195 27.08 -5.78 5.88
C LEU C 195 27.54 -6.61 7.06
N VAL C 196 26.67 -6.78 8.05
CA VAL C 196 27.06 -7.52 9.25
C VAL C 196 26.29 -8.82 9.48
N GLU C 197 25.01 -8.83 9.14
CA GLU C 197 24.22 -10.03 9.38
C GLU C 197 24.15 -10.99 8.21
N TRP C 198 23.71 -10.51 7.05
CA TRP C 198 23.64 -11.45 5.94
C TRP C 198 25.04 -11.85 5.44
N ALA C 199 26.05 -11.00 5.66
CA ALA C 199 27.43 -11.32 5.26
C ALA C 199 27.84 -12.58 6.04
N GLN C 200 27.35 -12.68 7.27
CA GLN C 200 27.67 -13.84 8.09
C GLN C 200 26.76 -15.02 7.75
N ASP C 201 25.46 -14.76 7.56
CA ASP C 201 24.51 -15.82 7.24
C ASP C 201 24.85 -16.57 5.94
N ALA C 202 25.37 -15.86 4.95
CA ALA C 202 25.67 -16.48 3.66
C ALA C 202 26.67 -17.64 3.80
N LYS C 203 27.48 -17.61 4.85
CA LYS C 203 28.46 -18.69 5.06
C LYS C 203 27.73 -20.01 5.32
N ALA C 204 26.76 -20.02 6.23
CA ALA C 204 26.00 -21.25 6.49
C ALA C 204 25.25 -21.69 5.23
N ALA C 205 24.86 -20.75 4.38
CA ALA C 205 24.15 -21.10 3.16
C ALA C 205 25.10 -21.48 1.99
N GLY C 206 26.40 -21.29 2.18
CA GLY C 206 27.37 -21.60 1.10
C GLY C 206 27.41 -20.59 -0.05
N THR C 207 26.86 -19.40 0.19
CA THR C 207 26.82 -18.35 -0.83
C THR C 207 27.71 -17.15 -0.50
N ALA C 208 28.71 -17.34 0.34
CA ALA C 208 29.56 -16.21 0.73
C ALA C 208 30.19 -15.48 -0.46
N ASP C 209 30.85 -16.23 -1.34
CA ASP C 209 31.50 -15.61 -2.48
C ASP C 209 30.62 -14.62 -3.24
N ILE C 210 29.56 -15.15 -3.84
CA ILE C 210 28.65 -14.32 -4.61
C ILE C 210 27.99 -13.26 -3.74
N PHE C 211 27.73 -13.57 -2.47
CA PHE C 211 27.08 -12.56 -1.62
C PHE C 211 27.99 -11.35 -1.47
N SER C 212 29.27 -11.59 -1.22
CA SER C 212 30.17 -10.45 -1.06
C SER C 212 30.18 -9.55 -2.29
N THR C 213 30.05 -10.14 -3.46
CA THR C 213 30.06 -9.36 -4.69
C THR C 213 28.75 -8.57 -4.83
N LEU C 214 27.61 -9.27 -4.74
CA LEU C 214 26.31 -8.61 -4.88
C LEU C 214 26.07 -7.56 -3.79
N LYS C 215 26.61 -7.84 -2.61
CA LYS C 215 26.50 -6.95 -1.45
C LYS C 215 27.40 -5.72 -1.67
N LEU C 216 28.60 -5.95 -2.18
CA LEU C 216 29.51 -4.84 -2.43
C LEU C 216 28.90 -3.87 -3.45
N LEU C 217 28.36 -4.43 -4.52
CA LEU C 217 27.73 -3.62 -5.55
C LEU C 217 26.57 -2.83 -4.93
N THR C 218 25.68 -3.57 -4.28
CA THR C 218 24.49 -3.00 -3.65
C THR C 218 24.85 -1.86 -2.70
N VAL C 219 25.70 -2.12 -1.72
CA VAL C 219 26.06 -1.06 -0.77
C VAL C 219 26.68 0.16 -1.45
N VAL C 220 27.53 -0.07 -2.44
CA VAL C 220 28.13 1.04 -3.15
C VAL C 220 27.10 1.84 -3.93
N MET C 221 26.31 1.15 -4.74
CA MET C 221 25.29 1.84 -5.51
C MET C 221 24.21 2.45 -4.61
N TRP C 222 23.87 1.77 -3.52
CA TRP C 222 22.83 2.32 -2.64
C TRP C 222 23.28 3.60 -1.94
N LEU C 223 24.55 3.67 -1.54
CA LEU C 223 25.04 4.87 -0.88
C LEU C 223 24.99 6.05 -1.83
N GLY C 224 24.98 5.76 -3.13
CA GLY C 224 24.95 6.84 -4.11
C GLY C 224 23.66 7.64 -4.09
N TYR C 225 22.54 6.98 -3.82
CA TYR C 225 21.25 7.67 -3.82
C TYR C 225 21.14 8.86 -2.87
N PRO C 226 21.48 8.71 -1.59
CA PRO C 226 21.37 9.91 -0.73
C PRO C 226 22.44 10.97 -1.05
N ILE C 227 23.53 10.59 -1.70
CA ILE C 227 24.54 11.60 -2.04
C ILE C 227 23.98 12.42 -3.20
N VAL C 228 23.37 11.75 -4.17
CA VAL C 228 22.78 12.44 -5.32
C VAL C 228 21.60 13.29 -4.89
N TRP C 229 20.80 12.76 -3.96
CA TRP C 229 19.65 13.50 -3.48
C TRP C 229 20.18 14.83 -2.98
N ALA C 230 21.18 14.74 -2.11
CA ALA C 230 21.77 15.93 -1.49
C ALA C 230 22.41 16.93 -2.44
N LEU C 231 23.03 16.46 -3.51
CA LEU C 231 23.69 17.37 -4.44
C LEU C 231 22.79 17.78 -5.59
N GLY C 232 21.79 16.93 -5.83
CA GLY C 232 20.83 17.16 -6.90
C GLY C 232 19.79 18.20 -6.56
N VAL C 233 18.84 18.38 -7.46
CA VAL C 233 17.79 19.38 -7.28
C VAL C 233 16.91 19.28 -6.03
N GLU C 234 16.70 18.06 -5.53
CA GLU C 234 15.89 17.91 -4.33
C GLU C 234 16.67 18.47 -3.14
N GLY C 235 17.98 18.53 -3.29
CA GLY C 235 18.86 19.04 -2.26
C GLY C 235 19.37 20.42 -2.61
N VAL C 236 20.70 20.60 -2.62
CA VAL C 236 21.28 21.93 -2.90
C VAL C 236 21.47 22.29 -4.38
N ALA C 237 20.98 21.41 -5.25
CA ALA C 237 20.98 21.61 -6.69
C ALA C 237 22.27 21.99 -7.41
N VAL C 238 23.34 21.23 -7.21
CA VAL C 238 24.56 21.51 -7.96
C VAL C 238 24.28 20.77 -9.27
N LEU C 239 23.31 19.86 -9.23
CA LEU C 239 22.90 19.08 -10.41
C LEU C 239 21.51 19.51 -10.88
N PRO C 240 21.39 19.99 -12.13
CA PRO C 240 20.09 20.42 -12.66
C PRO C 240 19.09 19.25 -12.73
N VAL C 241 17.83 19.55 -13.05
CA VAL C 241 16.82 18.52 -13.13
C VAL C 241 17.21 17.34 -14.03
N GLY C 242 17.61 17.63 -15.28
CA GLY C 242 17.99 16.57 -16.21
C GLY C 242 19.18 15.72 -15.77
N TYR C 243 20.15 16.36 -15.11
CA TYR C 243 21.32 15.63 -14.63
C TYR C 243 21.00 14.92 -13.31
N THR C 244 20.08 15.49 -12.55
CA THR C 244 19.70 14.82 -11.32
C THR C 244 19.04 13.52 -11.80
N SER C 245 18.19 13.63 -12.81
CA SER C 245 17.51 12.46 -13.40
C SER C 245 18.47 11.41 -13.99
N TRP C 246 19.41 11.82 -14.84
CA TRP C 246 20.30 10.78 -15.38
C TRP C 246 21.17 10.14 -14.32
N ALA C 247 21.49 10.85 -13.22
CA ALA C 247 22.29 10.21 -12.20
C ALA C 247 21.44 9.08 -11.59
N TYR C 248 20.20 9.39 -11.21
CA TYR C 248 19.33 8.34 -10.65
C TYR C 248 19.10 7.22 -11.67
N SER C 249 18.93 7.58 -12.93
CA SER C 249 18.70 6.57 -13.95
C SER C 249 19.91 5.64 -14.15
N ALA C 250 21.11 6.20 -14.07
CA ALA C 250 22.34 5.43 -14.23
C ALA C 250 22.47 4.46 -13.06
N LEU C 251 22.34 5.00 -11.85
CA LEU C 251 22.41 4.18 -10.64
C LEU C 251 21.39 3.04 -10.75
N ASP C 252 20.18 3.29 -11.29
CA ASP C 252 19.17 2.23 -11.43
C ASP C 252 19.62 1.11 -12.40
N ILE C 253 20.20 1.49 -13.52
CA ILE C 253 20.62 0.45 -14.47
C ILE C 253 21.59 -0.51 -13.78
N VAL C 254 22.47 0.02 -12.94
CA VAL C 254 23.45 -0.79 -12.22
C VAL C 254 22.90 -1.52 -10.98
N ALA C 255 22.27 -0.79 -10.07
CA ALA C 255 21.73 -1.40 -8.86
C ALA C 255 20.60 -2.36 -9.17
N LYS C 256 19.97 -2.20 -10.32
CA LYS C 256 18.86 -3.05 -10.70
C LYS C 256 19.09 -4.11 -11.79
N TYR C 257 19.06 -3.70 -13.05
CA TYR C 257 19.20 -4.69 -14.14
C TYR C 257 20.49 -5.49 -14.11
N ILE C 258 21.64 -4.85 -13.93
CA ILE C 258 22.87 -5.63 -13.89
C ILE C 258 22.92 -6.47 -12.63
N PHE C 259 22.58 -5.86 -11.49
CA PHE C 259 22.53 -6.58 -10.25
C PHE C 259 21.73 -7.85 -10.51
N ALA C 260 20.56 -7.70 -11.14
CA ALA C 260 19.68 -8.83 -11.43
C ALA C 260 20.35 -9.80 -12.39
N PHE C 261 21.15 -9.26 -13.30
CA PHE C 261 21.87 -10.13 -14.23
C PHE C 261 22.99 -10.85 -13.49
N LEU C 262 23.73 -10.12 -12.66
CA LEU C 262 24.84 -10.73 -11.92
C LEU C 262 24.37 -11.78 -10.94
N LEU C 263 23.19 -11.58 -10.33
CA LEU C 263 22.65 -12.54 -9.38
C LEU C 263 22.04 -13.73 -10.10
N LEU C 264 21.41 -13.48 -11.25
CA LEU C 264 20.77 -14.54 -12.03
C LEU C 264 21.80 -15.38 -12.81
N ASN C 265 22.96 -14.80 -13.11
CA ASN C 265 23.98 -15.56 -13.83
C ASN C 265 24.66 -16.52 -12.83
N TYR C 266 24.59 -16.19 -11.54
CA TYR C 266 25.15 -17.08 -10.53
C TYR C 266 24.15 -18.18 -10.22
N LEU C 267 22.87 -17.80 -10.15
CA LEU C 267 21.78 -18.71 -9.78
C LEU C 267 21.50 -19.87 -10.73
N THR C 268 21.53 -19.55 -12.03
CA THR C 268 21.21 -20.54 -13.04
C THR C 268 22.44 -21.41 -13.39
N SER C 269 23.44 -21.35 -12.50
CA SER C 269 24.68 -22.13 -12.59
C SER C 269 24.82 -22.91 -11.29
N ASN C 270 24.06 -22.52 -10.26
CA ASN C 270 24.17 -23.18 -8.95
C ASN C 270 22.84 -23.51 -8.27
N GLU C 271 21.87 -23.94 -9.06
CA GLU C 271 20.54 -24.25 -8.52
C GLU C 271 20.55 -25.16 -7.31
N GLY C 272 21.51 -26.08 -7.26
CA GLY C 272 21.59 -27.00 -6.14
C GLY C 272 21.96 -26.35 -4.81
N VAL C 273 22.87 -25.39 -4.83
CA VAL C 273 23.29 -24.73 -3.60
C VAL C 273 22.13 -24.03 -2.89
N VAL C 274 21.30 -23.33 -3.66
CA VAL C 274 20.17 -22.59 -3.10
C VAL C 274 18.87 -23.35 -2.89
N SER C 275 18.79 -24.60 -3.33
CA SER C 275 17.56 -25.36 -3.19
C SER C 275 17.22 -25.79 -1.77
N GLY C 276 16.21 -26.65 -1.66
CA GLY C 276 15.79 -27.14 -0.36
C GLY C 276 14.33 -26.82 -0.16
N GLU D 18 -6.13 25.77 -3.58
CA GLU D 18 -5.92 27.16 -3.08
C GLU D 18 -5.03 27.20 -1.84
N VAL D 19 -5.33 26.35 -0.86
CA VAL D 19 -4.53 26.32 0.37
C VAL D 19 -3.22 25.58 0.13
N THR D 20 -2.12 26.14 0.62
CA THR D 20 -0.81 25.52 0.41
C THR D 20 -0.33 24.77 1.65
N GLN D 21 0.66 23.92 1.44
CA GLN D 21 1.25 23.16 2.53
C GLN D 21 1.87 24.12 3.55
N ARG D 22 2.48 25.17 3.04
CA ARG D 22 3.11 26.18 3.88
C ARG D 22 2.07 26.82 4.80
N GLU D 23 0.94 27.22 4.22
CA GLU D 23 -0.12 27.84 5.00
C GLU D 23 -0.61 26.90 6.11
N LEU D 24 -0.67 25.60 5.82
CA LEU D 24 -1.11 24.65 6.82
C LEU D 24 -0.04 24.41 7.87
N PHE D 25 1.21 24.39 7.44
CA PHE D 25 2.36 24.26 8.33
C PHE D 25 2.36 25.46 9.29
N GLU D 26 2.11 26.66 8.75
CA GLU D 26 2.09 27.86 9.59
C GLU D 26 0.86 27.90 10.48
N PHE D 27 -0.25 27.34 10.02
CA PHE D 27 -1.46 27.31 10.82
C PHE D 27 -1.21 26.45 12.07
N VAL D 28 -0.61 25.28 11.87
CA VAL D 28 -0.26 24.40 12.99
C VAL D 28 0.63 25.18 13.95
N LEU D 29 1.70 25.79 13.42
CA LEU D 29 2.56 26.62 14.25
C LEU D 29 1.61 27.78 14.55
N ASN D 30 1.88 28.57 15.57
CA ASN D 30 0.99 29.68 15.87
C ASN D 30 -0.28 29.20 16.58
N ASP D 31 -0.55 27.89 16.54
CA ASP D 31 -1.70 27.33 17.26
C ASP D 31 -1.06 26.42 18.31
N PRO D 32 -0.77 26.99 19.50
CA PRO D 32 -0.15 26.31 20.64
C PRO D 32 -0.65 24.89 20.89
N LEU D 33 -1.97 24.75 21.00
CA LEU D 33 -2.58 23.45 21.26
C LEU D 33 -2.26 22.48 20.15
N LEU D 34 -2.60 22.88 18.93
CA LEU D 34 -2.37 22.06 17.79
C LEU D 34 -0.90 21.75 17.62
N ALA D 35 -0.04 22.77 17.69
CA ALA D 35 1.40 22.54 17.54
C ALA D 35 1.97 21.54 18.56
N SER D 36 1.67 21.76 19.84
CA SER D 36 2.18 20.90 20.90
C SER D 36 1.74 19.45 20.76
N SER D 37 0.49 19.23 20.38
CA SER D 37 -0.02 17.86 20.23
C SER D 37 0.77 17.08 19.19
N LEU D 38 1.31 17.79 18.21
CA LEU D 38 2.08 17.15 17.15
C LEU D 38 3.57 17.02 17.46
N TYR D 39 4.21 18.14 17.81
CA TYR D 39 5.65 18.10 18.08
C TYR D 39 6.05 17.31 19.32
N ILE D 40 5.20 17.29 20.34
CA ILE D 40 5.53 16.51 21.53
C ILE D 40 5.59 15.02 21.15
N ASN D 41 4.74 14.59 20.23
CA ASN D 41 4.78 13.18 19.86
C ASN D 41 5.94 12.85 18.93
N ILE D 42 6.41 13.85 18.18
CA ILE D 42 7.58 13.62 17.33
C ILE D 42 8.74 13.37 18.32
N ALA D 43 8.83 14.20 19.36
CA ALA D 43 9.89 14.08 20.38
C ALA D 43 9.78 12.80 21.19
N LEU D 44 8.57 12.46 21.63
CA LEU D 44 8.41 11.24 22.41
C LEU D 44 8.65 9.97 21.58
N ALA D 45 8.25 9.98 20.31
CA ALA D 45 8.48 8.81 19.47
C ALA D 45 9.98 8.64 19.25
N GLY D 46 10.71 9.74 19.07
CA GLY D 46 12.15 9.63 18.85
C GLY D 46 12.87 9.12 20.08
N LEU D 47 12.52 9.65 21.24
CA LEU D 47 13.12 9.21 22.50
C LEU D 47 12.78 7.74 22.73
N SER D 48 11.55 7.36 22.41
CA SER D 48 11.11 5.96 22.57
C SER D 48 11.97 5.02 21.71
N ILE D 49 12.20 5.40 20.45
CA ILE D 49 13.02 4.55 19.59
C ILE D 49 14.40 4.33 20.21
N LEU D 50 15.04 5.42 20.64
CA LEU D 50 16.36 5.30 21.26
C LEU D 50 16.32 4.42 22.52
N LEU D 51 15.34 4.66 23.38
CA LEU D 51 15.21 3.85 24.60
C LEU D 51 14.95 2.37 24.31
N PHE D 52 14.09 2.10 23.33
CA PHE D 52 13.72 0.71 23.02
C PHE D 52 14.87 -0.04 22.36
N VAL D 53 15.65 0.65 21.53
CA VAL D 53 16.80 -0.01 20.91
C VAL D 53 17.84 -0.35 21.99
N PHE D 54 18.01 0.56 22.95
CA PHE D 54 18.95 0.35 24.06
C PHE D 54 18.50 -0.86 24.90
N MET D 55 17.22 -0.86 25.31
CA MET D 55 16.65 -1.95 26.12
C MET D 55 16.78 -3.35 25.53
N THR D 56 16.67 -3.43 24.22
CA THR D 56 16.68 -4.71 23.54
C THR D 56 18.00 -5.15 22.94
N ARG D 57 19.06 -4.39 23.23
CA ARG D 57 20.40 -4.69 22.71
C ARG D 57 20.91 -6.09 23.04
N GLY D 58 20.49 -6.65 24.18
CA GLY D 58 20.97 -7.98 24.55
C GLY D 58 20.23 -9.18 23.98
N LEU D 59 19.08 -8.97 23.33
CA LEU D 59 18.31 -10.07 22.75
C LEU D 59 19.07 -10.82 21.66
N ASP D 60 18.96 -12.15 21.65
CA ASP D 60 19.64 -12.97 20.66
C ASP D 60 18.70 -13.90 19.91
N ASP D 61 17.65 -14.35 20.59
CA ASP D 61 16.72 -15.28 19.96
C ASP D 61 15.95 -14.62 18.83
N PRO D 62 15.88 -15.29 17.66
CA PRO D 62 15.16 -14.73 16.51
C PRO D 62 13.69 -14.36 16.73
N ARG D 63 12.95 -15.23 17.42
CA ARG D 63 11.54 -14.95 17.66
C ARG D 63 11.42 -13.76 18.62
N ALA D 64 12.27 -13.71 19.64
CA ALA D 64 12.25 -12.60 20.58
C ALA D 64 12.60 -11.31 19.84
N LYS D 65 13.52 -11.41 18.89
CA LYS D 65 13.94 -10.23 18.15
C LYS D 65 12.86 -9.76 17.17
N LEU D 66 12.01 -10.68 16.72
CA LEU D 66 10.93 -10.30 15.80
C LEU D 66 9.92 -9.49 16.62
N ILE D 67 9.62 -9.95 17.82
CA ILE D 67 8.69 -9.21 18.69
C ILE D 67 9.25 -7.82 18.94
N ALA D 68 10.54 -7.74 19.26
CA ALA D 68 11.20 -6.46 19.50
C ALA D 68 11.12 -5.52 18.31
N VAL D 69 11.46 -6.00 17.11
CA VAL D 69 11.42 -5.11 15.94
C VAL D 69 10.00 -4.66 15.59
N SER D 70 9.03 -5.57 15.69
CA SER D 70 7.65 -5.21 15.41
C SER D 70 7.22 -4.09 16.37
N THR D 71 7.62 -4.20 17.63
CA THR D 71 7.26 -3.17 18.62
C THR D 71 7.98 -1.85 18.33
N ILE D 72 9.29 -1.92 18.09
CA ILE D 72 10.06 -0.71 17.79
C ILE D 72 9.53 0.00 16.52
N LEU D 73 8.99 -0.76 15.57
CA LEU D 73 8.42 -0.16 14.35
C LEU D 73 7.25 0.77 14.69
N VAL D 74 6.60 0.54 15.85
CA VAL D 74 5.47 1.39 16.23
C VAL D 74 5.92 2.86 16.35
N PRO D 75 6.92 3.18 17.20
CA PRO D 75 7.32 4.59 17.25
C PRO D 75 8.04 5.08 15.98
N VAL D 76 8.62 4.16 15.22
CA VAL D 76 9.26 4.55 13.95
C VAL D 76 8.15 5.10 13.04
N VAL D 77 7.07 4.33 12.86
CA VAL D 77 5.95 4.79 12.04
C VAL D 77 5.37 6.11 12.62
N SER D 78 5.22 6.15 13.94
CA SER D 78 4.64 7.32 14.57
C SER D 78 5.47 8.58 14.34
N ILE D 79 6.79 8.51 14.47
CA ILE D 79 7.59 9.74 14.27
C ILE D 79 7.47 10.24 12.82
N ALA D 80 7.53 9.32 11.87
CA ALA D 80 7.40 9.68 10.47
C ALA D 80 6.02 10.29 10.19
N SER D 81 4.99 9.60 10.68
CA SER D 81 3.61 10.05 10.48
C SER D 81 3.29 11.38 11.13
N TYR D 82 3.79 11.62 12.34
CA TYR D 82 3.54 12.91 12.98
C TYR D 82 4.32 14.00 12.25
N THR D 83 5.40 13.63 11.57
CA THR D 83 6.15 14.63 10.78
C THR D 83 5.30 14.96 9.55
N GLY D 84 4.57 13.95 9.06
CA GLY D 84 3.66 14.17 7.92
C GLY D 84 2.61 15.23 8.27
N LEU D 85 2.14 15.18 9.52
CA LEU D 85 1.14 16.13 10.00
C LEU D 85 1.73 17.52 10.30
N ALA D 86 2.80 17.57 11.09
CA ALA D 86 3.41 18.86 11.45
C ALA D 86 3.92 19.63 10.23
N SER D 87 4.35 18.92 9.20
CA SER D 87 4.86 19.54 7.98
C SER D 87 3.72 20.06 7.09
N GLY D 88 2.50 19.59 7.35
CA GLY D 88 1.35 19.97 6.55
C GLY D 88 1.11 19.04 5.37
N LEU D 89 2.04 18.12 5.14
CA LEU D 89 1.94 17.18 4.03
C LEU D 89 0.66 16.36 4.04
N THR D 90 0.29 15.89 5.23
CA THR D 90 -0.90 15.04 5.34
C THR D 90 -2.07 15.73 6.06
N ILE D 91 -2.22 17.02 5.80
CA ILE D 91 -3.33 17.80 6.33
C ILE D 91 -4.01 18.46 5.14
N SER D 92 -5.34 18.52 5.14
CA SER D 92 -6.10 19.18 4.06
C SER D 92 -7.27 19.90 4.68
N VAL D 93 -7.86 20.84 3.94
CA VAL D 93 -9.04 21.56 4.44
C VAL D 93 -10.23 21.00 3.68
N LEU D 94 -11.20 20.47 4.42
CA LEU D 94 -12.38 19.86 3.81
C LEU D 94 -13.66 20.53 4.30
N GLU D 95 -14.63 20.67 3.40
CA GLU D 95 -15.90 21.27 3.77
C GLU D 95 -16.86 20.14 4.12
N MET D 96 -17.39 20.16 5.33
CA MET D 96 -18.30 19.12 5.76
C MET D 96 -19.64 19.23 5.02
N PRO D 97 -20.33 18.10 4.86
CA PRO D 97 -21.63 18.10 4.17
C PRO D 97 -22.75 18.72 4.99
N ALA D 98 -23.81 19.10 4.30
CA ALA D 98 -24.97 19.72 4.95
C ALA D 98 -25.45 18.86 6.13
N GLY D 99 -25.73 19.49 7.25
CA GLY D 99 -26.21 18.75 8.40
C GLY D 99 -25.10 18.30 9.34
N HIS D 100 -23.87 18.25 8.84
CA HIS D 100 -22.75 17.85 9.69
C HIS D 100 -22.56 18.98 10.71
N PHE D 101 -22.35 18.62 11.97
CA PHE D 101 -22.19 19.61 13.03
C PHE D 101 -21.08 20.65 12.84
N ALA D 102 -20.14 20.40 11.93
CA ALA D 102 -19.07 21.35 11.67
C ALA D 102 -19.27 22.01 10.29
N GLU D 103 -20.44 21.81 9.69
CA GLU D 103 -20.73 22.42 8.40
C GLU D 103 -20.64 23.94 8.60
N GLY D 104 -20.19 24.68 7.60
CA GLY D 104 -20.12 26.12 7.78
C GLY D 104 -18.98 26.69 8.62
N SER D 105 -18.03 25.84 8.99
CA SER D 105 -16.89 26.30 9.77
C SER D 105 -15.92 27.06 8.83
N SER D 106 -15.06 27.89 9.42
CA SER D 106 -14.05 28.69 8.70
C SER D 106 -12.72 28.47 9.39
N VAL D 107 -11.61 28.68 8.69
CA VAL D 107 -10.31 28.44 9.31
C VAL D 107 -9.26 29.55 9.31
N MET D 108 -9.33 30.51 8.40
CA MET D 108 -8.33 31.58 8.39
C MET D 108 -6.94 31.03 8.07
N LEU D 109 -6.63 30.96 6.79
CA LEU D 109 -5.35 30.44 6.34
C LEU D 109 -4.66 31.40 5.39
N GLY D 110 -3.34 31.52 5.55
CA GLY D 110 -2.57 32.41 4.70
C GLY D 110 -2.80 33.88 5.05
N GLY D 111 -4.05 34.30 4.95
CA GLY D 111 -4.40 35.67 5.26
C GLY D 111 -5.89 35.92 5.06
N GLU D 112 -6.60 34.89 4.59
CA GLU D 112 -8.04 35.01 4.36
C GLU D 112 -8.82 33.93 5.10
N GLU D 113 -10.13 34.08 5.07
CA GLU D 113 -11.02 33.12 5.71
C GLU D 113 -11.34 32.06 4.69
N VAL D 114 -11.03 30.81 5.01
CA VAL D 114 -11.27 29.69 4.11
C VAL D 114 -12.34 28.81 4.72
N ASP D 115 -13.31 28.40 3.92
CA ASP D 115 -14.39 27.53 4.39
C ASP D 115 -13.89 26.11 4.63
N GLY D 116 -14.41 25.46 5.66
CA GLY D 116 -14.01 24.09 5.92
C GLY D 116 -13.38 23.83 7.27
N VAL D 117 -12.85 22.61 7.40
CA VAL D 117 -12.23 22.19 8.64
C VAL D 117 -10.83 21.65 8.36
N VAL D 118 -9.86 22.05 9.19
CA VAL D 118 -8.47 21.58 9.04
C VAL D 118 -8.58 20.09 9.43
N THR D 119 -8.37 19.24 8.44
CA THR D 119 -8.52 17.79 8.58
C THR D 119 -7.19 17.05 8.59
N MET D 120 -6.81 16.58 9.77
CA MET D 120 -5.55 15.88 9.95
C MET D 120 -5.70 14.40 9.56
N TRP D 121 -5.90 14.16 8.26
CA TRP D 121 -6.09 12.79 7.79
C TRP D 121 -4.84 11.94 7.89
N GLY D 122 -3.68 12.58 8.03
CA GLY D 122 -2.43 11.83 8.17
C GLY D 122 -2.44 10.91 9.40
N ARG D 123 -3.30 11.21 10.36
CA ARG D 123 -3.37 10.33 11.52
C ARG D 123 -3.78 8.91 11.11
N TYR D 124 -4.62 8.78 10.08
CA TYR D 124 -5.05 7.45 9.66
C TYR D 124 -3.91 6.63 9.08
N LEU D 125 -2.86 7.31 8.61
CA LEU D 125 -1.68 6.60 8.10
C LEU D 125 -0.89 6.14 9.31
N THR D 126 -0.80 7.00 10.32
CA THR D 126 -0.10 6.61 11.54
C THR D 126 -0.77 5.31 12.05
N TRP D 127 -2.09 5.25 11.94
CA TRP D 127 -2.84 4.10 12.44
C TRP D 127 -2.74 2.83 11.58
N ALA D 128 -2.94 2.98 10.28
CA ALA D 128 -2.88 1.83 9.38
C ALA D 128 -1.50 1.13 9.33
N LEU D 129 -0.44 1.89 9.59
CA LEU D 129 0.91 1.31 9.56
C LEU D 129 1.42 0.85 10.89
N SER D 130 0.94 1.48 11.97
CA SER D 130 1.39 1.12 13.30
C SER D 130 0.53 0.06 14.01
N THR D 131 -0.79 0.10 13.83
CA THR D 131 -1.66 -0.88 14.51
C THR D 131 -1.36 -2.32 14.11
N PRO D 132 -1.00 -2.57 12.83
CA PRO D 132 -0.69 -3.96 12.47
C PRO D 132 0.57 -4.43 13.23
N MET D 133 1.49 -3.49 13.55
CA MET D 133 2.71 -3.86 14.29
C MET D 133 2.38 -4.15 15.77
N ILE D 134 1.50 -3.36 16.36
CA ILE D 134 1.08 -3.60 17.75
C ILE D 134 0.47 -5.02 17.80
N LEU D 135 -0.42 -5.29 16.84
CA LEU D 135 -1.08 -6.58 16.76
C LEU D 135 -0.10 -7.72 16.52
N LEU D 136 0.88 -7.51 15.64
CA LEU D 136 1.89 -8.55 15.36
C LEU D 136 2.65 -8.86 16.65
N ALA D 137 3.07 -7.81 17.36
CA ALA D 137 3.81 -8.01 18.61
C ALA D 137 2.95 -8.73 19.64
N LEU D 138 1.67 -8.37 19.75
CA LEU D 138 0.79 -9.01 20.72
C LEU D 138 0.47 -10.47 20.38
N GLY D 139 0.23 -10.74 19.09
CA GLY D 139 -0.08 -12.10 18.66
C GLY D 139 1.10 -13.02 18.92
N LEU D 140 2.30 -12.56 18.58
CA LEU D 140 3.52 -13.34 18.82
C LEU D 140 3.71 -13.55 20.33
N LEU D 141 3.44 -12.52 21.13
CA LEU D 141 3.57 -12.68 22.57
C LEU D 141 2.62 -13.78 23.07
N ALA D 142 1.40 -13.80 22.55
CA ALA D 142 0.38 -14.79 22.93
C ALA D 142 0.60 -16.15 22.28
N GLY D 143 1.62 -16.27 21.42
CA GLY D 143 1.86 -17.55 20.75
C GLY D 143 0.80 -17.91 19.72
N SER D 144 0.26 -16.90 19.05
CA SER D 144 -0.78 -17.05 18.03
C SER D 144 -0.33 -17.80 16.79
N ASN D 145 -1.25 -18.56 16.19
CA ASN D 145 -0.93 -19.23 14.94
C ASN D 145 -1.05 -18.17 13.83
N ALA D 146 -0.66 -18.51 12.61
CA ALA D 146 -0.71 -17.56 11.50
C ALA D 146 -2.12 -17.13 11.10
N THR D 147 -3.10 -18.04 11.22
CA THR D 147 -4.46 -17.72 10.85
C THR D 147 -5.05 -16.54 11.62
N LYS D 148 -4.92 -16.58 12.94
CA LYS D 148 -5.46 -15.51 13.78
C LYS D 148 -4.73 -14.18 13.54
N LEU D 149 -3.41 -14.25 13.35
CA LEU D 149 -2.62 -13.03 13.10
C LEU D 149 -3.08 -12.42 11.77
N PHE D 150 -3.20 -13.25 10.74
CA PHE D 150 -3.61 -12.76 9.42
C PHE D 150 -5.00 -12.12 9.54
N THR D 151 -5.89 -12.76 10.29
CA THR D 151 -7.22 -12.22 10.45
C THR D 151 -7.20 -10.89 11.24
N ALA D 152 -6.47 -10.87 12.34
CA ALA D 152 -6.41 -9.65 13.15
C ALA D 152 -5.86 -8.49 12.34
N ILE D 153 -4.76 -8.73 11.62
CA ILE D 153 -4.10 -7.68 10.85
C ILE D 153 -4.90 -7.17 9.65
N THR D 154 -5.52 -8.07 8.91
CA THR D 154 -6.29 -7.64 7.74
C THR D 154 -7.51 -6.80 8.17
N PHE D 155 -8.25 -7.24 9.18
CA PHE D 155 -9.41 -6.47 9.59
C PHE D 155 -9.01 -5.17 10.29
N ASP D 156 -7.85 -5.19 10.92
CA ASP D 156 -7.33 -3.98 11.57
C ASP D 156 -7.03 -2.93 10.48
N ILE D 157 -6.47 -3.39 9.36
CA ILE D 157 -6.16 -2.48 8.26
C ILE D 157 -7.46 -1.98 7.62
N ALA D 158 -8.44 -2.88 7.52
CA ALA D 158 -9.76 -2.52 6.95
C ALA D 158 -10.39 -1.44 7.84
N MET D 159 -10.32 -1.63 9.15
CA MET D 159 -10.85 -0.65 10.10
C MET D 159 -10.19 0.73 9.94
N CYS D 160 -8.86 0.74 9.80
CA CYS D 160 -8.13 2.00 9.66
C CYS D 160 -8.39 2.68 8.33
N VAL D 161 -8.54 1.87 7.29
CA VAL D 161 -8.74 2.41 5.95
C VAL D 161 -10.14 2.95 5.75
N THR D 162 -11.14 2.26 6.29
CA THR D 162 -12.52 2.75 6.16
C THR D 162 -12.68 3.97 7.06
N GLY D 163 -11.90 4.05 8.14
CA GLY D 163 -11.97 5.24 8.99
C GLY D 163 -11.45 6.46 8.23
N LEU D 164 -10.37 6.27 7.48
CA LEU D 164 -9.80 7.35 6.65
C LEU D 164 -10.83 7.79 5.59
N ALA D 165 -11.49 6.80 4.99
CA ALA D 165 -12.52 7.09 3.96
C ALA D 165 -13.64 7.91 4.59
N ALA D 166 -14.01 7.59 5.83
CA ALA D 166 -15.05 8.33 6.53
C ALA D 166 -14.64 9.80 6.71
N ALA D 167 -13.41 10.05 7.14
CA ALA D 167 -12.92 11.42 7.36
C ALA D 167 -12.77 12.19 6.05
N LEU D 168 -12.53 11.46 4.98
CA LEU D 168 -12.34 12.06 3.66
C LEU D 168 -13.63 12.29 2.87
N THR D 169 -14.73 11.74 3.35
CA THR D 169 -16.02 11.86 2.64
C THR D 169 -16.73 13.17 2.97
N THR D 170 -16.99 13.96 1.94
CA THR D 170 -17.65 15.26 2.11
C THR D 170 -18.99 15.33 1.38
N SER D 171 -19.29 14.31 0.61
CA SER D 171 -20.54 14.33 -0.19
C SER D 171 -21.85 14.17 0.57
N SER D 172 -21.80 13.42 1.65
CA SER D 172 -22.99 13.06 2.38
C SER D 172 -22.70 12.77 3.85
N HIS D 173 -23.50 13.37 4.73
CA HIS D 173 -23.34 13.18 6.18
C HIS D 173 -23.59 11.71 6.55
N LEU D 174 -24.65 11.13 5.98
CA LEU D 174 -24.96 9.73 6.25
C LEU D 174 -23.84 8.80 5.78
N MET D 175 -23.27 9.09 4.62
CA MET D 175 -22.18 8.25 4.12
C MET D 175 -21.00 8.24 5.09
N ARG D 176 -20.66 9.40 5.66
CA ARG D 176 -19.54 9.48 6.62
C ARG D 176 -19.78 8.49 7.74
N TRP D 177 -21.00 8.49 8.29
CA TRP D 177 -21.34 7.58 9.37
C TRP D 177 -21.47 6.12 8.94
N PHE D 178 -21.78 5.89 7.66
CA PHE D 178 -21.86 4.52 7.15
C PHE D 178 -20.43 3.94 7.14
N TRP D 179 -19.47 4.75 6.71
CA TRP D 179 -18.06 4.30 6.72
C TRP D 179 -17.67 3.99 8.18
N TYR D 180 -18.05 4.89 9.07
CA TYR D 180 -17.78 4.73 10.51
C TYR D 180 -18.30 3.39 11.02
N ALA D 181 -19.48 3.01 10.56
CA ALA D 181 -20.09 1.74 10.96
C ALA D 181 -19.34 0.53 10.41
N ILE D 182 -18.91 0.61 9.15
CA ILE D 182 -18.14 -0.47 8.55
C ILE D 182 -16.81 -0.62 9.33
N SER D 183 -16.23 0.52 9.71
CA SER D 183 -14.97 0.51 10.46
C SER D 183 -15.14 -0.13 11.85
N CYS D 184 -16.27 0.18 12.51
CA CYS D 184 -16.58 -0.37 13.83
C CYS D 184 -16.74 -1.90 13.76
N ALA D 185 -17.36 -2.39 12.69
CA ALA D 185 -17.55 -3.83 12.52
C ALA D 185 -16.20 -4.53 12.36
N CYS D 186 -15.26 -3.88 11.67
CA CYS D 186 -13.94 -4.48 11.50
C CYS D 186 -13.22 -4.49 12.84
N PHE D 187 -13.43 -3.43 13.62
CA PHE D 187 -12.83 -3.28 14.95
C PHE D 187 -13.31 -4.41 15.84
N ILE D 188 -14.56 -4.82 15.67
CA ILE D 188 -15.11 -5.94 16.45
C ILE D 188 -14.33 -7.24 16.26
N VAL D 189 -13.94 -7.54 15.02
CA VAL D 189 -13.16 -8.75 14.73
C VAL D 189 -11.85 -8.70 15.52
N VAL D 190 -11.17 -7.54 15.47
CA VAL D 190 -9.91 -7.38 16.21
C VAL D 190 -10.12 -7.57 17.72
N LEU D 191 -11.17 -6.91 18.26
CA LEU D 191 -11.49 -7.02 19.69
C LEU D 191 -11.77 -8.48 20.08
N TYR D 192 -12.44 -9.20 19.18
CA TYR D 192 -12.76 -10.61 19.48
C TYR D 192 -11.51 -11.45 19.53
N ILE D 193 -10.60 -11.21 18.61
CA ILE D 193 -9.35 -11.95 18.59
C ILE D 193 -8.52 -11.65 19.84
N LEU D 194 -8.48 -10.38 20.24
CA LEU D 194 -7.71 -10.00 21.44
C LEU D 194 -8.29 -10.58 22.73
N LEU D 195 -9.59 -10.41 22.90
CA LEU D 195 -10.28 -10.80 24.12
C LEU D 195 -10.62 -12.26 24.30
N VAL D 196 -10.91 -12.93 23.20
CA VAL D 196 -11.28 -14.34 23.27
C VAL D 196 -10.19 -15.32 22.83
N GLU D 197 -9.72 -15.16 21.61
CA GLU D 197 -8.74 -16.07 21.06
C GLU D 197 -7.35 -16.02 21.68
N TRP D 198 -6.68 -14.86 21.58
CA TRP D 198 -5.34 -14.76 22.12
C TRP D 198 -5.32 -14.84 23.64
N ALA D 199 -6.41 -14.41 24.27
CA ALA D 199 -6.50 -14.50 25.72
C ALA D 199 -6.26 -15.96 26.12
N GLN D 200 -6.78 -16.88 25.32
CA GLN D 200 -6.61 -18.31 25.60
C GLN D 200 -5.26 -18.84 25.13
N ASP D 201 -4.80 -18.40 23.97
CA ASP D 201 -3.52 -18.83 23.43
C ASP D 201 -2.33 -18.51 24.34
N ALA D 202 -2.38 -17.36 25.00
CA ALA D 202 -1.31 -16.91 25.87
C ALA D 202 -1.09 -17.89 27.03
N LYS D 203 -2.16 -18.52 27.48
CA LYS D 203 -2.03 -19.48 28.58
C LYS D 203 -1.10 -20.63 28.14
N ALA D 204 -1.25 -21.10 26.91
CA ALA D 204 -0.41 -22.19 26.41
C ALA D 204 1.02 -21.72 26.12
N ALA D 205 1.18 -20.44 25.81
CA ALA D 205 2.48 -19.87 25.51
C ALA D 205 3.26 -19.54 26.77
N GLY D 206 2.58 -19.52 27.91
CA GLY D 206 3.24 -19.20 29.17
C GLY D 206 3.37 -17.69 29.40
N THR D 207 2.61 -16.92 28.65
CA THR D 207 2.67 -15.46 28.76
C THR D 207 1.33 -14.90 29.21
N ALA D 208 0.55 -15.69 29.95
CA ALA D 208 -0.76 -15.25 30.40
C ALA D 208 -0.81 -13.93 31.18
N ASP D 209 0.02 -13.78 32.20
CA ASP D 209 0.01 -12.58 33.01
C ASP D 209 0.31 -11.30 32.23
N ILE D 210 1.38 -11.33 31.44
CA ILE D 210 1.75 -10.13 30.67
C ILE D 210 0.78 -9.87 29.52
N PHE D 211 0.36 -10.93 28.83
CA PHE D 211 -0.56 -10.71 27.72
C PHE D 211 -1.88 -10.13 28.19
N SER D 212 -2.47 -10.75 29.23
CA SER D 212 -3.74 -10.25 29.72
C SER D 212 -3.64 -8.74 30.02
N THR D 213 -2.56 -8.35 30.68
CA THR D 213 -2.34 -6.94 31.02
C THR D 213 -2.29 -6.06 29.76
N LEU D 214 -1.43 -6.43 28.81
CA LEU D 214 -1.27 -5.63 27.58
C LEU D 214 -2.51 -5.67 26.70
N LYS D 215 -3.25 -6.76 26.82
CA LYS D 215 -4.49 -6.94 26.09
C LYS D 215 -5.52 -5.96 26.62
N LEU D 216 -5.63 -5.86 27.95
CA LEU D 216 -6.59 -4.94 28.56
C LEU D 216 -6.20 -3.49 28.27
N LEU D 217 -4.95 -3.14 28.46
CA LEU D 217 -4.50 -1.77 28.19
C LEU D 217 -4.83 -1.39 26.74
N THR D 218 -4.48 -2.27 25.80
CA THR D 218 -4.77 -2.05 24.38
C THR D 218 -6.26 -1.88 24.11
N VAL D 219 -7.08 -2.80 24.59
CA VAL D 219 -8.52 -2.68 24.36
C VAL D 219 -9.10 -1.38 24.91
N VAL D 220 -8.74 -1.02 26.14
CA VAL D 220 -9.27 0.21 26.71
C VAL D 220 -8.85 1.45 25.91
N MET D 221 -7.58 1.53 25.56
CA MET D 221 -7.13 2.69 24.81
C MET D 221 -7.71 2.73 23.38
N TRP D 222 -7.68 1.60 22.68
CA TRP D 222 -8.20 1.58 21.30
C TRP D 222 -9.67 1.97 21.27
N LEU D 223 -10.42 1.63 22.31
CA LEU D 223 -11.84 2.01 22.35
C LEU D 223 -11.98 3.55 22.33
N GLY D 224 -10.98 4.23 22.88
CA GLY D 224 -11.01 5.68 22.90
C GLY D 224 -10.99 6.35 21.54
N TYR D 225 -10.40 5.70 20.53
CA TYR D 225 -10.31 6.35 19.22
C TYR D 225 -11.68 6.60 18.54
N PRO D 226 -12.55 5.58 18.47
CA PRO D 226 -13.85 5.85 17.83
C PRO D 226 -14.71 6.76 18.70
N ILE D 227 -14.40 6.87 19.99
CA ILE D 227 -15.17 7.79 20.84
C ILE D 227 -14.73 9.22 20.53
N VAL D 228 -13.42 9.43 20.39
CA VAL D 228 -12.89 10.74 20.04
C VAL D 228 -13.37 11.12 18.63
N TRP D 229 -13.41 10.15 17.73
CA TRP D 229 -13.85 10.44 16.37
C TRP D 229 -15.29 10.97 16.43
N ALA D 230 -16.14 10.25 17.16
CA ALA D 230 -17.55 10.65 17.25
C ALA D 230 -17.77 12.00 17.93
N LEU D 231 -16.92 12.32 18.92
CA LEU D 231 -17.04 13.58 19.66
C LEU D 231 -16.28 14.75 19.05
N GLY D 232 -15.22 14.46 18.31
CA GLY D 232 -14.40 15.49 17.71
C GLY D 232 -15.00 16.11 16.46
N VAL D 233 -14.18 16.86 15.75
CA VAL D 233 -14.63 17.58 14.56
C VAL D 233 -15.08 16.67 13.42
N GLU D 234 -14.61 15.41 13.41
CA GLU D 234 -15.01 14.49 12.34
C GLU D 234 -16.44 13.99 12.59
N GLY D 235 -16.86 14.04 13.86
CA GLY D 235 -18.19 13.56 14.23
C GLY D 235 -19.11 14.69 14.63
N VAL D 236 -19.57 14.71 15.89
CA VAL D 236 -20.51 15.75 16.37
C VAL D 236 -19.87 17.10 16.71
N ALA D 237 -18.54 17.17 16.61
CA ALA D 237 -17.79 18.40 16.80
C ALA D 237 -17.92 19.13 18.13
N VAL D 238 -18.05 18.37 19.21
CA VAL D 238 -18.10 18.99 20.54
C VAL D 238 -16.65 19.38 20.85
N LEU D 239 -15.70 18.64 20.29
CA LEU D 239 -14.28 18.93 20.47
C LEU D 239 -13.73 19.67 19.24
N PRO D 240 -13.27 20.92 19.40
CA PRO D 240 -12.74 21.63 18.22
C PRO D 240 -11.48 20.94 17.68
N VAL D 241 -10.98 21.41 16.54
CA VAL D 241 -9.81 20.79 15.91
C VAL D 241 -8.60 20.56 16.83
N GLY D 242 -8.22 21.58 17.60
CA GLY D 242 -7.06 21.42 18.48
C GLY D 242 -7.26 20.45 19.63
N TYR D 243 -8.49 20.36 20.13
CA TYR D 243 -8.80 19.47 21.24
C TYR D 243 -8.92 18.04 20.71
N THR D 244 -9.49 17.91 19.52
CA THR D 244 -9.62 16.59 18.88
C THR D 244 -8.19 16.02 18.71
N SER D 245 -7.27 16.87 18.26
CA SER D 245 -5.89 16.46 18.06
C SER D 245 -5.21 16.03 19.35
N TRP D 246 -5.37 16.80 20.43
CA TRP D 246 -4.73 16.41 21.69
C TRP D 246 -5.33 15.13 22.23
N ALA D 247 -6.62 14.92 21.99
CA ALA D 247 -7.27 13.70 22.49
C ALA D 247 -6.56 12.52 21.84
N TYR D 248 -6.46 12.55 20.51
CA TYR D 248 -5.77 11.46 19.81
C TYR D 248 -4.30 11.33 20.21
N SER D 249 -3.60 12.47 20.35
CA SER D 249 -2.19 12.42 20.72
C SER D 249 -2.00 11.79 22.09
N ALA D 250 -2.93 12.04 22.99
CA ALA D 250 -2.87 11.48 24.35
C ALA D 250 -3.11 9.98 24.29
N LEU D 251 -4.07 9.57 23.46
CA LEU D 251 -4.36 8.13 23.32
C LEU D 251 -3.10 7.46 22.76
N ASP D 252 -2.49 8.10 21.74
CA ASP D 252 -1.29 7.51 21.12
C ASP D 252 -0.16 7.34 22.13
N ILE D 253 0.06 8.34 22.99
CA ILE D 253 1.14 8.23 23.97
C ILE D 253 1.00 6.93 24.80
N VAL D 254 -0.22 6.62 25.20
CA VAL D 254 -0.43 5.41 26.01
C VAL D 254 -0.51 4.14 25.16
N ALA D 255 -1.29 4.17 24.09
CA ALA D 255 -1.46 3.00 23.22
C ALA D 255 -0.21 2.57 22.48
N LYS D 256 0.70 3.53 22.20
CA LYS D 256 1.93 3.18 21.50
C LYS D 256 3.16 3.18 22.39
N TYR D 257 3.55 4.36 22.90
CA TYR D 257 4.79 4.45 23.66
C TYR D 257 4.81 3.75 25.01
N ILE D 258 3.82 4.02 25.86
CA ILE D 258 3.78 3.34 27.15
C ILE D 258 3.57 1.85 26.93
N PHE D 259 2.64 1.50 26.05
CA PHE D 259 2.36 0.11 25.72
C PHE D 259 3.66 -0.61 25.31
N ALA D 260 4.35 -0.04 24.33
CA ALA D 260 5.60 -0.63 23.83
C ALA D 260 6.68 -0.77 24.91
N PHE D 261 6.77 0.24 25.79
CA PHE D 261 7.76 0.21 26.88
C PHE D 261 7.44 -0.96 27.82
N LEU D 262 6.15 -1.16 28.12
CA LEU D 262 5.76 -2.25 29.01
C LEU D 262 5.99 -3.62 28.37
N LEU D 263 5.72 -3.72 27.08
CA LEU D 263 5.93 -5.00 26.39
C LEU D 263 7.43 -5.30 26.37
N LEU D 264 8.26 -4.33 25.98
CA LEU D 264 9.71 -4.56 25.92
C LEU D 264 10.31 -4.84 27.30
N ASN D 265 9.75 -4.23 28.33
CA ASN D 265 10.23 -4.43 29.70
C ASN D 265 10.09 -5.92 30.02
N TYR D 266 8.94 -6.49 29.68
CA TYR D 266 8.71 -7.91 29.91
C TYR D 266 9.67 -8.74 29.06
N LEU D 267 9.67 -8.45 27.77
CA LEU D 267 10.50 -9.18 26.80
C LEU D 267 11.95 -9.34 27.22
N THR D 268 12.57 -8.23 27.61
CA THR D 268 13.99 -8.26 27.97
C THR D 268 14.30 -9.03 29.25
N SER D 269 13.28 -9.37 30.03
CA SER D 269 13.50 -10.17 31.25
C SER D 269 12.96 -11.58 31.09
N ASN D 270 12.41 -11.89 29.91
CA ASN D 270 11.80 -13.18 29.67
C ASN D 270 12.04 -13.69 28.25
N GLU D 271 13.24 -13.46 27.75
CA GLU D 271 13.57 -13.88 26.38
C GLU D 271 13.32 -15.38 26.18
N GLY D 272 13.77 -16.17 27.17
CA GLY D 272 13.60 -17.61 27.06
C GLY D 272 12.15 -18.06 26.89
N VAL D 273 11.24 -17.36 27.57
CA VAL D 273 9.82 -17.70 27.49
C VAL D 273 9.24 -17.61 26.09
N VAL D 274 9.59 -16.57 25.35
CA VAL D 274 9.05 -16.35 24.02
C VAL D 274 9.92 -16.95 22.92
N SER D 275 11.06 -17.53 23.30
CA SER D 275 11.96 -18.09 22.30
C SER D 275 11.41 -19.29 21.54
N GLY D 276 11.84 -19.45 20.30
CA GLY D 276 11.36 -20.59 19.52
C GLY D 276 11.41 -20.33 18.04
N SER D 277 10.82 -21.22 17.26
CA SER D 277 10.80 -21.05 15.80
C SER D 277 9.78 -19.97 15.46
N GLU E 18 -12.28 21.22 -9.58
CA GLU E 18 -13.55 21.94 -9.92
C GLU E 18 -14.76 21.10 -9.51
N VAL E 19 -14.85 19.88 -10.03
CA VAL E 19 -15.98 19.02 -9.68
C VAL E 19 -15.83 18.47 -8.27
N THR E 20 -16.88 18.60 -7.47
CA THR E 20 -16.82 18.14 -6.09
C THR E 20 -17.28 16.70 -5.88
N GLN E 21 -16.92 16.17 -4.73
CA GLN E 21 -17.30 14.81 -4.39
C GLN E 21 -18.83 14.71 -4.34
N ARG E 22 -19.48 15.75 -3.80
CA ARG E 22 -20.94 15.74 -3.72
C ARG E 22 -21.55 15.69 -5.12
N GLU E 23 -20.99 16.46 -6.04
CA GLU E 23 -21.49 16.47 -7.42
C GLU E 23 -21.39 15.09 -8.06
N LEU E 24 -20.30 14.36 -7.80
CA LEU E 24 -20.17 13.02 -8.35
C LEU E 24 -21.11 12.06 -7.64
N PHE E 25 -21.24 12.24 -6.32
CA PHE E 25 -22.16 11.43 -5.51
C PHE E 25 -23.58 11.59 -6.08
N GLU E 26 -23.94 12.82 -6.43
CA GLU E 26 -25.28 13.06 -6.97
C GLU E 26 -25.43 12.53 -8.39
N PHE E 27 -24.35 12.56 -9.15
CA PHE E 27 -24.36 12.05 -10.52
C PHE E 27 -24.70 10.54 -10.49
N VAL E 28 -24.12 9.82 -9.54
CA VAL E 28 -24.39 8.40 -9.39
C VAL E 28 -25.84 8.22 -8.96
N LEU E 29 -26.26 8.94 -7.93
CA LEU E 29 -27.65 8.87 -7.54
C LEU E 29 -28.32 9.53 -8.73
N ASN E 30 -29.65 9.56 -8.78
CA ASN E 30 -30.33 10.22 -9.87
C ASN E 30 -30.07 9.62 -11.25
N ASP E 31 -29.23 8.58 -11.30
CA ASP E 31 -28.96 7.86 -12.54
C ASP E 31 -29.24 6.40 -12.19
N PRO E 32 -30.50 5.95 -12.39
CA PRO E 32 -30.96 4.58 -12.11
C PRO E 32 -29.99 3.46 -12.47
N LEU E 33 -29.40 3.53 -13.66
CA LEU E 33 -28.45 2.52 -14.12
C LEU E 33 -27.19 2.49 -13.26
N LEU E 34 -26.53 3.63 -13.17
CA LEU E 34 -25.30 3.76 -12.41
C LEU E 34 -25.54 3.47 -10.93
N ALA E 35 -26.60 4.05 -10.38
CA ALA E 35 -26.92 3.86 -8.96
C ALA E 35 -27.21 2.41 -8.62
N SER E 36 -28.02 1.73 -9.43
CA SER E 36 -28.34 0.34 -9.14
C SER E 36 -27.08 -0.53 -9.25
N SER E 37 -26.19 -0.21 -10.18
CA SER E 37 -24.97 -1.00 -10.37
C SER E 37 -23.99 -0.86 -9.20
N LEU E 38 -24.16 0.18 -8.41
CA LEU E 38 -23.28 0.39 -7.26
C LEU E 38 -23.95 -0.02 -5.95
N TYR E 39 -25.13 0.52 -5.68
CA TYR E 39 -25.81 0.20 -4.42
C TYR E 39 -26.25 -1.26 -4.29
N ILE E 40 -26.53 -1.94 -5.41
CA ILE E 40 -26.92 -3.34 -5.31
C ILE E 40 -25.71 -4.15 -4.84
N ASN E 41 -24.53 -3.84 -5.37
CA ASN E 41 -23.33 -4.56 -4.96
C ASN E 41 -22.99 -4.28 -3.49
N ILE E 42 -23.27 -3.06 -3.03
CA ILE E 42 -23.02 -2.75 -1.61
C ILE E 42 -23.93 -3.68 -0.78
N ALA E 43 -25.17 -3.83 -1.22
CA ALA E 43 -26.13 -4.70 -0.55
C ALA E 43 -25.74 -6.17 -0.64
N LEU E 44 -25.39 -6.63 -1.84
CA LEU E 44 -25.00 -8.03 -2.02
C LEU E 44 -23.72 -8.35 -1.28
N ALA E 45 -22.77 -7.42 -1.27
CA ALA E 45 -21.51 -7.64 -0.55
C ALA E 45 -21.80 -7.78 0.93
N GLY E 46 -22.59 -6.86 1.47
CA GLY E 46 -22.94 -6.91 2.88
C GLY E 46 -23.67 -8.19 3.28
N LEU E 47 -24.72 -8.51 2.53
CA LEU E 47 -25.47 -9.74 2.82
C LEU E 47 -24.55 -10.95 2.71
N SER E 48 -23.63 -10.93 1.75
CA SER E 48 -22.69 -12.03 1.55
C SER E 48 -21.78 -12.23 2.76
N ILE E 49 -21.25 -11.14 3.32
CA ILE E 49 -20.38 -11.27 4.48
C ILE E 49 -21.13 -11.97 5.60
N LEU E 50 -22.38 -11.54 5.85
CA LEU E 50 -23.19 -12.15 6.90
C LEU E 50 -23.41 -13.63 6.61
N LEU E 51 -23.82 -13.94 5.38
CA LEU E 51 -24.05 -15.33 5.00
C LEU E 51 -22.79 -16.18 5.16
N PHE E 52 -21.65 -15.68 4.70
CA PHE E 52 -20.41 -16.45 4.79
C PHE E 52 -19.96 -16.68 6.22
N VAL E 53 -20.04 -15.65 7.06
CA VAL E 53 -19.65 -15.79 8.45
C VAL E 53 -20.52 -16.90 9.08
N PHE E 54 -21.82 -16.81 8.87
CA PHE E 54 -22.78 -17.81 9.38
C PHE E 54 -22.41 -19.21 8.88
N MET E 55 -22.22 -19.34 7.57
CA MET E 55 -21.87 -20.63 6.95
C MET E 55 -20.60 -21.28 7.50
N THR E 56 -19.59 -20.47 7.87
CA THR E 56 -18.32 -21.01 8.35
C THR E 56 -18.16 -21.06 9.88
N ARG E 57 -19.23 -20.79 10.60
CA ARG E 57 -19.18 -20.77 12.06
C ARG E 57 -18.75 -22.11 12.68
N GLY E 58 -18.89 -23.20 11.94
CA GLY E 58 -18.51 -24.51 12.47
C GLY E 58 -17.07 -24.94 12.22
N LEU E 59 -16.33 -24.18 11.42
CA LEU E 59 -14.94 -24.54 11.13
C LEU E 59 -14.08 -24.50 12.38
N ASP E 60 -13.16 -25.45 12.50
CA ASP E 60 -12.26 -25.50 13.65
C ASP E 60 -10.80 -25.60 13.21
N ASP E 61 -10.56 -26.18 12.03
CA ASP E 61 -9.19 -26.33 11.55
C ASP E 61 -8.57 -24.99 11.16
N PRO E 62 -7.35 -24.70 11.65
CA PRO E 62 -6.66 -23.44 11.33
C PRO E 62 -6.39 -23.18 9.84
N ARG E 63 -6.02 -24.23 9.10
CA ARG E 63 -5.75 -24.04 7.68
C ARG E 63 -7.07 -23.77 6.95
N ALA E 64 -8.11 -24.51 7.33
CA ALA E 64 -9.42 -24.30 6.74
C ALA E 64 -9.87 -22.87 7.06
N LYS E 65 -9.64 -22.45 8.29
CA LYS E 65 -10.04 -21.10 8.71
C LYS E 65 -9.28 -20.03 7.94
N LEU E 66 -8.03 -20.31 7.57
CA LEU E 66 -7.26 -19.31 6.81
C LEU E 66 -7.91 -19.13 5.43
N ILE E 67 -8.25 -20.25 4.80
CA ILE E 67 -8.89 -20.19 3.49
C ILE E 67 -10.23 -19.44 3.61
N ALA E 68 -10.97 -19.72 4.68
CA ALA E 68 -12.26 -19.06 4.89
C ALA E 68 -12.15 -17.54 5.08
N VAL E 69 -11.15 -17.09 5.85
CA VAL E 69 -10.98 -15.66 6.10
C VAL E 69 -10.56 -14.94 4.83
N SER E 70 -9.63 -15.54 4.11
CA SER E 70 -9.15 -14.95 2.87
C SER E 70 -10.34 -14.75 1.92
N THR E 71 -11.26 -15.72 1.91
CA THR E 71 -12.44 -15.65 1.05
C THR E 71 -13.40 -14.58 1.51
N ILE E 72 -13.68 -14.54 2.81
CA ILE E 72 -14.59 -13.55 3.38
C ILE E 72 -14.08 -12.13 3.15
N LEU E 73 -12.76 -11.94 3.11
CA LEU E 73 -12.18 -10.61 2.87
C LEU E 73 -12.56 -10.10 1.47
N VAL E 74 -12.86 -11.01 0.54
CA VAL E 74 -13.21 -10.55 -0.80
C VAL E 74 -14.45 -9.65 -0.74
N PRO E 75 -15.56 -10.11 -0.13
CA PRO E 75 -16.72 -9.21 -0.08
C PRO E 75 -16.52 -8.04 0.93
N VAL E 76 -15.59 -8.18 1.87
CA VAL E 76 -15.29 -7.09 2.82
C VAL E 76 -14.66 -5.95 2.00
N VAL E 77 -13.66 -6.28 1.20
CA VAL E 77 -13.02 -5.27 0.35
C VAL E 77 -14.03 -4.70 -0.66
N SER E 78 -14.86 -5.58 -1.24
CA SER E 78 -15.83 -5.11 -2.21
C SER E 78 -16.84 -4.10 -1.63
N ILE E 79 -17.41 -4.36 -0.45
CA ILE E 79 -18.38 -3.41 0.11
C ILE E 79 -17.73 -2.06 0.40
N ALA E 80 -16.49 -2.08 0.88
CA ALA E 80 -15.80 -0.84 1.18
C ALA E 80 -15.51 -0.08 -0.11
N SER E 81 -14.97 -0.80 -1.10
CA SER E 81 -14.63 -0.23 -2.39
C SER E 81 -15.87 0.35 -3.10
N TYR E 82 -16.98 -0.40 -3.10
CA TYR E 82 -18.22 0.11 -3.73
C TYR E 82 -18.76 1.33 -2.98
N THR E 83 -18.48 1.45 -1.68
CA THR E 83 -18.95 2.61 -0.94
C THR E 83 -18.05 3.76 -1.33
N GLY E 84 -16.80 3.46 -1.69
CA GLY E 84 -15.87 4.49 -2.11
C GLY E 84 -16.34 5.11 -3.43
N LEU E 85 -16.89 4.26 -4.29
CA LEU E 85 -17.40 4.73 -5.58
C LEU E 85 -18.73 5.47 -5.40
N ALA E 86 -19.67 4.84 -4.71
CA ALA E 86 -21.00 5.45 -4.50
C ALA E 86 -20.92 6.81 -3.81
N SER E 87 -20.05 6.90 -2.80
CA SER E 87 -19.87 8.16 -2.07
C SER E 87 -19.24 9.23 -2.94
N GLY E 88 -18.64 8.82 -4.06
CA GLY E 88 -17.96 9.78 -4.91
C GLY E 88 -16.49 9.96 -4.55
N LEU E 89 -16.09 9.36 -3.44
CA LEU E 89 -14.70 9.48 -2.98
C LEU E 89 -13.67 9.00 -4.00
N THR E 90 -13.94 7.88 -4.66
CA THR E 90 -13.00 7.31 -5.63
C THR E 90 -13.43 7.43 -7.09
N ILE E 91 -14.08 8.54 -7.40
CA ILE E 91 -14.48 8.83 -8.78
C ILE E 91 -13.89 10.21 -9.12
N SER E 92 -13.45 10.38 -10.36
CA SER E 92 -12.91 11.68 -10.80
C SER E 92 -13.42 11.93 -12.22
N VAL E 93 -13.04 13.09 -12.79
CA VAL E 93 -13.42 13.46 -14.16
C VAL E 93 -12.12 13.70 -14.91
N LEU E 94 -11.90 12.91 -15.95
CA LEU E 94 -10.71 13.01 -16.77
C LEU E 94 -11.10 13.34 -18.21
N GLU E 95 -10.23 14.09 -18.88
CA GLU E 95 -10.46 14.44 -20.28
C GLU E 95 -9.57 13.51 -21.07
N MET E 96 -10.16 12.76 -22.01
CA MET E 96 -9.35 11.82 -22.77
C MET E 96 -8.43 12.51 -23.76
N PRO E 97 -7.29 11.89 -24.05
CA PRO E 97 -6.30 12.44 -24.98
C PRO E 97 -6.80 12.41 -26.42
N ALA E 98 -6.12 13.18 -27.26
CA ALA E 98 -6.46 13.24 -28.68
C ALA E 98 -6.38 11.84 -29.28
N GLY E 99 -7.40 11.47 -30.05
CA GLY E 99 -7.42 10.16 -30.67
C GLY E 99 -8.31 9.16 -29.94
N HIS E 100 -8.52 9.39 -28.65
CA HIS E 100 -9.36 8.50 -27.85
C HIS E 100 -10.80 8.65 -28.34
N PHE E 101 -11.53 7.54 -28.41
CA PHE E 101 -12.91 7.57 -28.89
C PHE E 101 -13.84 8.40 -28.03
N ALA E 102 -13.46 8.64 -26.78
CA ALA E 102 -14.28 9.45 -25.87
C ALA E 102 -13.78 10.88 -25.77
N GLU E 103 -12.86 11.26 -26.63
CA GLU E 103 -12.34 12.63 -26.60
C GLU E 103 -13.51 13.59 -26.83
N GLY E 104 -13.42 14.78 -26.26
CA GLY E 104 -14.49 15.75 -26.42
C GLY E 104 -15.85 15.32 -25.90
N SER E 105 -15.87 14.49 -24.87
CA SER E 105 -17.14 14.06 -24.27
C SER E 105 -17.53 15.06 -23.19
N SER E 106 -18.82 15.05 -22.82
CA SER E 106 -19.37 15.94 -21.79
C SER E 106 -20.19 15.09 -20.83
N VAL E 107 -20.47 15.61 -19.63
CA VAL E 107 -21.23 14.84 -18.64
C VAL E 107 -22.37 15.51 -17.89
N MET E 108 -22.26 16.80 -17.62
CA MET E 108 -23.27 17.53 -16.85
C MET E 108 -23.06 17.16 -15.38
N LEU E 109 -22.00 17.71 -14.80
CA LEU E 109 -21.68 17.47 -13.40
C LEU E 109 -22.39 18.57 -12.68
N GLY E 110 -23.27 18.18 -11.76
CA GLY E 110 -24.07 19.16 -11.05
C GLY E 110 -25.11 19.56 -12.08
N GLY E 111 -25.11 20.84 -12.45
CA GLY E 111 -26.05 21.34 -13.41
C GLY E 111 -25.38 22.01 -14.59
N GLU E 112 -24.05 21.88 -14.67
CA GLU E 112 -23.27 22.47 -15.74
C GLU E 112 -22.70 21.41 -16.69
N GLU E 113 -22.31 21.85 -17.87
CA GLU E 113 -21.74 20.95 -18.85
C GLU E 113 -20.24 20.88 -18.61
N VAL E 114 -19.75 19.72 -18.20
CA VAL E 114 -18.32 19.57 -17.93
C VAL E 114 -17.66 18.61 -18.92
N ASP E 115 -16.53 19.03 -19.46
CA ASP E 115 -15.77 18.23 -20.42
C ASP E 115 -15.13 17.03 -19.73
N GLY E 116 -15.02 15.93 -20.46
CA GLY E 116 -14.41 14.75 -19.90
C GLY E 116 -15.35 13.59 -19.68
N VAL E 117 -14.87 12.58 -18.96
CA VAL E 117 -15.66 11.40 -18.69
C VAL E 117 -15.56 11.06 -17.20
N VAL E 118 -16.68 10.64 -16.62
CA VAL E 118 -16.71 10.26 -15.22
C VAL E 118 -15.91 8.95 -15.16
N THR E 119 -14.81 9.00 -14.42
CA THR E 119 -13.89 7.88 -14.30
C THR E 119 -13.94 7.21 -12.94
N MET E 120 -14.52 6.02 -12.88
CA MET E 120 -14.63 5.31 -11.62
C MET E 120 -13.34 4.52 -11.34
N TRP E 121 -12.26 5.24 -11.09
CA TRP E 121 -10.98 4.57 -10.86
C TRP E 121 -10.99 3.73 -9.57
N GLY E 122 -11.99 3.96 -8.72
CA GLY E 122 -12.10 3.21 -7.48
C GLY E 122 -12.19 1.70 -7.70
N ARG E 123 -12.71 1.29 -8.86
CA ARG E 123 -12.82 -0.14 -9.16
C ARG E 123 -11.44 -0.81 -9.10
N TYR E 124 -10.40 -0.11 -9.52
CA TYR E 124 -9.07 -0.67 -9.50
C TYR E 124 -8.62 -0.97 -8.08
N LEU E 125 -9.15 -0.22 -7.11
CA LEU E 125 -8.82 -0.45 -5.70
C LEU E 125 -9.58 -1.70 -5.28
N THR E 126 -10.82 -1.83 -5.74
CA THR E 126 -11.60 -3.03 -5.43
C THR E 126 -10.79 -4.23 -5.92
N TRP E 127 -10.24 -4.12 -7.13
CA TRP E 127 -9.49 -5.22 -7.72
C TRP E 127 -8.14 -5.54 -7.07
N ALA E 128 -7.29 -4.53 -6.89
CA ALA E 128 -5.97 -4.73 -6.30
C ALA E 128 -5.97 -5.35 -4.90
N LEU E 129 -7.06 -5.16 -4.16
CA LEU E 129 -7.13 -5.67 -2.80
C LEU E 129 -7.97 -6.95 -2.72
N SER E 130 -8.92 -7.11 -3.63
CA SER E 130 -9.75 -8.31 -3.59
C SER E 130 -9.17 -9.50 -4.37
N THR E 131 -8.57 -9.24 -5.53
CA THR E 131 -8.01 -10.35 -6.32
C THR E 131 -6.90 -11.15 -5.63
N PRO E 132 -6.07 -10.49 -4.78
CA PRO E 132 -5.02 -11.26 -4.11
C PRO E 132 -5.67 -12.23 -3.11
N MET E 133 -6.81 -11.84 -2.55
CA MET E 133 -7.51 -12.70 -1.58
C MET E 133 -8.18 -13.87 -2.27
N ILE E 134 -8.71 -13.63 -3.47
CA ILE E 134 -9.34 -14.71 -4.26
C ILE E 134 -8.23 -15.73 -4.58
N LEU E 135 -7.10 -15.20 -5.03
CA LEU E 135 -5.94 -16.00 -5.40
C LEU E 135 -5.30 -16.75 -4.23
N LEU E 136 -5.27 -16.12 -3.05
CA LEU E 136 -4.71 -16.77 -1.87
C LEU E 136 -5.62 -17.93 -1.48
N ALA E 137 -6.93 -17.70 -1.54
CA ALA E 137 -7.88 -18.75 -1.18
C ALA E 137 -7.75 -19.95 -2.14
N LEU E 138 -7.76 -19.67 -3.43
CA LEU E 138 -7.64 -20.73 -4.45
C LEU E 138 -6.31 -21.47 -4.40
N GLY E 139 -5.23 -20.70 -4.21
CA GLY E 139 -3.91 -21.30 -4.12
C GLY E 139 -3.78 -22.24 -2.92
N LEU E 140 -4.35 -21.83 -1.81
CA LEU E 140 -4.33 -22.66 -0.60
C LEU E 140 -5.21 -23.90 -0.83
N LEU E 141 -6.38 -23.71 -1.45
CA LEU E 141 -7.28 -24.84 -1.71
C LEU E 141 -6.57 -25.87 -2.61
N ALA E 142 -5.79 -25.38 -3.57
CA ALA E 142 -5.07 -26.24 -4.50
C ALA E 142 -3.78 -26.83 -3.91
N GLY E 143 -3.43 -26.42 -2.69
CA GLY E 143 -2.21 -26.92 -2.07
C GLY E 143 -0.96 -26.37 -2.71
N SER E 144 -1.02 -25.11 -3.14
CA SER E 144 0.13 -24.47 -3.77
C SER E 144 1.28 -24.23 -2.79
N ASN E 145 2.51 -24.25 -3.31
CA ASN E 145 3.64 -23.94 -2.45
C ASN E 145 3.71 -22.41 -2.34
N ALA E 146 4.69 -21.89 -1.62
CA ALA E 146 4.80 -20.44 -1.43
C ALA E 146 5.26 -19.67 -2.67
N THR E 147 6.11 -20.32 -3.46
CA THR E 147 6.64 -19.70 -4.68
C THR E 147 5.54 -19.34 -5.66
N LYS E 148 4.63 -20.29 -5.90
CA LYS E 148 3.54 -20.03 -6.85
C LYS E 148 2.53 -19.02 -6.31
N LEU E 149 2.27 -19.05 -5.00
CA LEU E 149 1.33 -18.06 -4.44
C LEU E 149 1.95 -16.67 -4.60
N PHE E 150 3.23 -16.55 -4.25
CA PHE E 150 3.95 -15.28 -4.37
C PHE E 150 3.96 -14.77 -5.81
N THR E 151 4.28 -15.65 -6.75
CA THR E 151 4.31 -15.26 -8.16
C THR E 151 2.93 -14.79 -8.64
N ALA E 152 1.89 -15.57 -8.35
CA ALA E 152 0.53 -15.21 -8.77
C ALA E 152 0.09 -13.86 -8.17
N ILE E 153 0.25 -13.73 -6.87
CA ILE E 153 -0.18 -12.52 -6.17
C ILE E 153 0.57 -11.26 -6.61
N THR E 154 1.89 -11.34 -6.76
CA THR E 154 2.66 -10.17 -7.17
C THR E 154 2.29 -9.72 -8.59
N PHE E 155 2.19 -10.67 -9.52
CA PHE E 155 1.84 -10.27 -10.87
C PHE E 155 0.38 -9.83 -10.97
N ASP E 156 -0.46 -10.35 -10.07
CA ASP E 156 -1.88 -9.96 -10.06
C ASP E 156 -1.98 -8.50 -9.62
N ILE E 157 -1.19 -8.13 -8.62
CA ILE E 157 -1.22 -6.76 -8.13
C ILE E 157 -0.68 -5.84 -9.21
N ALA E 158 0.37 -6.28 -9.90
CA ALA E 158 0.98 -5.50 -10.97
C ALA E 158 -0.05 -5.30 -12.08
N MET E 159 -0.87 -6.32 -12.32
CA MET E 159 -1.94 -6.25 -13.35
C MET E 159 -2.93 -5.15 -12.96
N CYS E 160 -3.35 -5.16 -11.70
CA CYS E 160 -4.33 -4.17 -11.24
C CYS E 160 -3.78 -2.75 -11.21
N VAL E 161 -2.54 -2.59 -10.78
CA VAL E 161 -1.96 -1.25 -10.69
C VAL E 161 -1.65 -0.67 -12.06
N THR E 162 -1.17 -1.48 -12.99
CA THR E 162 -0.88 -0.95 -14.32
C THR E 162 -2.17 -0.63 -15.07
N GLY E 163 -3.25 -1.34 -14.72
CA GLY E 163 -4.56 -1.08 -15.29
C GLY E 163 -5.07 0.25 -14.77
N LEU E 164 -4.84 0.50 -13.48
CA LEU E 164 -5.25 1.77 -12.91
C LEU E 164 -4.47 2.88 -13.59
N ALA E 165 -3.18 2.64 -13.83
CA ALA E 165 -2.35 3.64 -14.47
C ALA E 165 -2.86 3.93 -15.87
N ALA E 166 -3.36 2.91 -16.55
CA ALA E 166 -3.91 3.07 -17.89
C ALA E 166 -5.09 4.04 -17.83
N ALA E 167 -6.03 3.74 -16.95
CA ALA E 167 -7.22 4.58 -16.81
C ALA E 167 -6.91 6.03 -16.42
N LEU E 168 -5.86 6.24 -15.63
CA LEU E 168 -5.49 7.58 -15.18
C LEU E 168 -4.60 8.33 -16.15
N THR E 169 -4.18 7.67 -17.23
CA THR E 169 -3.32 8.32 -18.19
C THR E 169 -4.11 9.14 -19.21
N THR E 170 -3.78 10.43 -19.28
CA THR E 170 -4.48 11.32 -20.20
C THR E 170 -3.50 12.06 -21.09
N SER E 171 -2.20 11.83 -20.91
CA SER E 171 -1.21 12.53 -21.71
C SER E 171 -1.14 12.05 -23.16
N SER E 172 -1.42 10.76 -23.36
CA SER E 172 -1.40 10.14 -24.68
C SER E 172 -2.39 8.99 -24.83
N HIS E 173 -2.97 8.85 -26.01
CA HIS E 173 -3.92 7.78 -26.25
C HIS E 173 -3.21 6.43 -26.29
N LEU E 174 -2.12 6.37 -27.05
CA LEU E 174 -1.34 5.15 -27.19
C LEU E 174 -0.69 4.75 -25.85
N MET E 175 -0.44 5.72 -24.97
CA MET E 175 0.16 5.41 -23.67
C MET E 175 -0.80 4.56 -22.87
N ARG E 176 -2.10 4.87 -22.97
CA ARG E 176 -3.11 4.10 -22.25
C ARG E 176 -3.07 2.65 -22.69
N TRP E 177 -2.86 2.41 -23.99
CA TRP E 177 -2.83 1.03 -24.46
C TRP E 177 -1.51 0.32 -24.15
N PHE E 178 -0.44 1.09 -23.96
CA PHE E 178 0.84 0.49 -23.60
C PHE E 178 0.70 -0.03 -22.17
N TRP E 179 0.00 0.74 -21.31
CA TRP E 179 -0.25 0.29 -19.92
C TRP E 179 -1.12 -0.95 -19.97
N TYR E 180 -2.13 -0.91 -20.85
CA TYR E 180 -3.05 -2.02 -21.00
C TYR E 180 -2.30 -3.29 -21.40
N ALA E 181 -1.31 -3.14 -22.29
CA ALA E 181 -0.52 -4.27 -22.75
C ALA E 181 0.32 -4.85 -21.60
N ILE E 182 0.93 -3.97 -20.81
CA ILE E 182 1.74 -4.41 -19.67
C ILE E 182 0.85 -5.20 -18.70
N SER E 183 -0.36 -4.71 -18.48
CA SER E 183 -1.32 -5.34 -17.58
C SER E 183 -1.75 -6.71 -18.11
N CYS E 184 -2.12 -6.78 -19.39
CA CYS E 184 -2.51 -8.07 -19.99
C CYS E 184 -1.38 -9.09 -19.82
N ALA E 185 -0.13 -8.64 -19.97
CA ALA E 185 1.02 -9.54 -19.81
C ALA E 185 1.04 -10.12 -18.39
N CYS E 186 0.81 -9.27 -17.38
CA CYS E 186 0.82 -9.75 -16.00
C CYS E 186 -0.35 -10.73 -15.80
N PHE E 187 -1.45 -10.48 -16.50
CA PHE E 187 -2.63 -11.34 -16.41
C PHE E 187 -2.30 -12.75 -16.92
N ILE E 188 -1.52 -12.84 -17.98
CA ILE E 188 -1.14 -14.13 -18.54
C ILE E 188 -0.40 -14.98 -17.51
N VAL E 189 0.47 -14.35 -16.71
CA VAL E 189 1.21 -15.08 -15.67
C VAL E 189 0.21 -15.70 -14.70
N VAL E 190 -0.75 -14.90 -14.26
CA VAL E 190 -1.76 -15.36 -13.33
C VAL E 190 -2.59 -16.49 -13.97
N LEU E 191 -2.97 -16.30 -15.23
CA LEU E 191 -3.73 -17.33 -15.96
C LEU E 191 -2.94 -18.64 -16.09
N TYR E 192 -1.63 -18.53 -16.32
CA TYR E 192 -0.77 -19.71 -16.45
C TYR E 192 -0.79 -20.50 -15.15
N ILE E 193 -0.58 -19.80 -14.04
CA ILE E 193 -0.58 -20.47 -12.73
C ILE E 193 -1.93 -21.12 -12.46
N LEU E 194 -3.01 -20.43 -12.81
CA LEU E 194 -4.35 -20.96 -12.59
C LEU E 194 -4.67 -22.19 -13.44
N LEU E 195 -4.29 -22.12 -14.72
CA LEU E 195 -4.60 -23.16 -15.71
C LEU E 195 -3.63 -24.34 -15.78
N VAL E 196 -2.35 -24.08 -15.58
CA VAL E 196 -1.35 -25.12 -15.67
C VAL E 196 -0.80 -25.63 -14.34
N GLU E 197 -0.31 -24.73 -13.50
CA GLU E 197 0.29 -25.14 -12.25
C GLU E 197 -0.66 -25.57 -11.13
N TRP E 198 -1.59 -24.72 -10.74
CA TRP E 198 -2.49 -25.11 -9.66
C TRP E 198 -3.43 -26.25 -10.06
N ALA E 199 -3.64 -26.40 -11.37
CA ALA E 199 -4.47 -27.49 -11.88
C ALA E 199 -3.81 -28.80 -11.43
N GLN E 200 -2.49 -28.86 -11.55
CA GLN E 200 -1.73 -30.04 -11.16
C GLN E 200 -1.65 -30.19 -9.64
N ASP E 201 -1.29 -29.10 -8.95
CA ASP E 201 -1.19 -29.13 -7.50
C ASP E 201 -2.47 -29.63 -6.85
N ALA E 202 -3.60 -29.22 -7.38
CA ALA E 202 -4.90 -29.61 -6.84
C ALA E 202 -5.10 -31.13 -6.81
N LYS E 203 -4.42 -31.83 -7.71
CA LYS E 203 -4.54 -33.29 -7.75
C LYS E 203 -3.85 -33.89 -6.53
N ALA E 204 -2.62 -33.43 -6.28
CA ALA E 204 -1.85 -33.93 -5.13
C ALA E 204 -2.46 -33.52 -3.80
N ALA E 205 -3.19 -32.41 -3.80
CA ALA E 205 -3.84 -31.90 -2.60
C ALA E 205 -5.20 -32.56 -2.39
N GLY E 206 -5.68 -33.29 -3.38
CA GLY E 206 -6.97 -33.95 -3.27
C GLY E 206 -8.18 -33.04 -3.42
N THR E 207 -8.00 -31.94 -4.15
CA THR E 207 -9.08 -30.96 -4.37
C THR E 207 -9.30 -30.68 -5.85
N ALA E 208 -8.86 -31.59 -6.71
CA ALA E 208 -8.99 -31.39 -8.16
C ALA E 208 -10.39 -31.06 -8.69
N ASP E 209 -11.41 -31.76 -8.22
CA ASP E 209 -12.76 -31.52 -8.71
C ASP E 209 -13.34 -30.15 -8.35
N ILE E 210 -13.17 -29.72 -7.10
CA ILE E 210 -13.69 -28.42 -6.73
C ILE E 210 -12.86 -27.32 -7.41
N PHE E 211 -11.55 -27.52 -7.49
CA PHE E 211 -10.68 -26.52 -8.11
C PHE E 211 -11.04 -26.32 -9.58
N SER E 212 -11.25 -27.43 -10.29
CA SER E 212 -11.62 -27.35 -11.70
C SER E 212 -12.79 -26.42 -11.90
N THR E 213 -13.77 -26.53 -11.02
CA THR E 213 -14.96 -25.69 -11.10
C THR E 213 -14.60 -24.23 -10.84
N LEU E 214 -13.92 -23.98 -9.73
CA LEU E 214 -13.54 -22.62 -9.36
C LEU E 214 -12.56 -21.99 -10.35
N LYS E 215 -11.67 -22.81 -10.90
CA LYS E 215 -10.68 -22.35 -11.86
C LYS E 215 -11.38 -21.89 -13.13
N LEU E 216 -12.31 -22.70 -13.63
CA LEU E 216 -13.04 -22.37 -14.86
C LEU E 216 -13.83 -21.07 -14.68
N LEU E 217 -14.57 -20.99 -13.58
CA LEU E 217 -15.37 -19.81 -13.27
C LEU E 217 -14.47 -18.56 -13.20
N THR E 218 -13.33 -18.68 -12.52
CA THR E 218 -12.42 -17.54 -12.38
C THR E 218 -11.82 -17.09 -13.72
N VAL E 219 -11.28 -18.04 -14.49
CA VAL E 219 -10.68 -17.68 -15.77
C VAL E 219 -11.66 -17.02 -16.71
N VAL E 220 -12.86 -17.58 -16.83
CA VAL E 220 -13.89 -17.03 -17.70
C VAL E 220 -14.35 -15.64 -17.26
N MET E 221 -14.66 -15.50 -15.97
CA MET E 221 -15.09 -14.19 -15.46
C MET E 221 -13.97 -13.16 -15.53
N TRP E 222 -12.74 -13.55 -15.15
CA TRP E 222 -11.62 -12.60 -15.18
C TRP E 222 -11.32 -12.14 -16.60
N LEU E 223 -11.51 -13.03 -17.58
CA LEU E 223 -11.28 -12.64 -18.98
C LEU E 223 -12.28 -11.55 -19.35
N GLY E 224 -13.42 -11.54 -18.68
CA GLY E 224 -14.44 -10.54 -18.96
C GLY E 224 -14.05 -9.09 -18.64
N TYR E 225 -13.23 -8.89 -17.61
CA TYR E 225 -12.85 -7.53 -17.25
C TYR E 225 -12.07 -6.76 -18.32
N PRO E 226 -10.98 -7.34 -18.86
CA PRO E 226 -10.23 -6.61 -19.89
C PRO E 226 -11.03 -6.41 -21.18
N ILE E 227 -12.11 -7.18 -21.33
CA ILE E 227 -12.99 -7.08 -22.49
C ILE E 227 -13.89 -5.86 -22.25
N VAL E 228 -14.42 -5.76 -21.05
CA VAL E 228 -15.27 -4.64 -20.69
C VAL E 228 -14.46 -3.35 -20.74
N TRP E 229 -13.18 -3.44 -20.35
CA TRP E 229 -12.30 -2.26 -20.36
C TRP E 229 -12.20 -1.72 -21.79
N ALA E 230 -11.81 -2.60 -22.72
CA ALA E 230 -11.65 -2.23 -24.13
C ALA E 230 -12.93 -1.72 -24.77
N LEU E 231 -14.06 -2.31 -24.42
CA LEU E 231 -15.35 -1.91 -24.99
C LEU E 231 -16.00 -0.70 -24.31
N GLY E 232 -15.63 -0.44 -23.05
CA GLY E 232 -16.21 0.67 -22.32
C GLY E 232 -15.55 2.02 -22.53
N VAL E 233 -15.96 3.01 -21.74
CA VAL E 233 -15.41 4.37 -21.88
C VAL E 233 -13.89 4.47 -21.72
N GLU E 234 -13.26 3.52 -21.04
CA GLU E 234 -11.81 3.54 -20.88
C GLU E 234 -11.13 3.16 -22.20
N GLY E 235 -11.78 2.31 -22.97
CA GLY E 235 -11.24 1.86 -24.24
C GLY E 235 -11.85 2.54 -25.45
N VAL E 236 -12.52 1.75 -26.29
CA VAL E 236 -13.14 2.26 -27.52
C VAL E 236 -14.46 2.99 -27.29
N ALA E 237 -15.01 2.81 -26.09
CA ALA E 237 -16.24 3.48 -25.68
C ALA E 237 -17.55 3.12 -26.41
N VAL E 238 -17.71 1.84 -26.76
CA VAL E 238 -18.95 1.42 -27.40
C VAL E 238 -20.00 1.27 -26.30
N LEU E 239 -19.55 1.14 -25.05
CA LEU E 239 -20.46 1.02 -23.91
C LEU E 239 -20.43 2.31 -23.10
N PRO E 240 -21.60 2.94 -22.89
CA PRO E 240 -21.68 4.19 -22.11
C PRO E 240 -21.19 3.98 -20.68
N VAL E 241 -20.92 5.07 -19.98
CA VAL E 241 -20.45 5.00 -18.60
C VAL E 241 -21.33 4.11 -17.72
N GLY E 242 -22.64 4.15 -17.95
CA GLY E 242 -23.57 3.35 -17.17
C GLY E 242 -23.54 1.87 -17.48
N TYR E 243 -23.36 1.52 -18.76
CA TYR E 243 -23.31 0.12 -19.14
C TYR E 243 -21.97 -0.51 -18.78
N THR E 244 -20.92 0.29 -18.84
CA THR E 244 -19.59 -0.19 -18.48
C THR E 244 -19.66 -0.60 -17.00
N SER E 245 -20.29 0.25 -16.18
CA SER E 245 -20.42 -0.01 -14.75
C SER E 245 -21.22 -1.27 -14.45
N TRP E 246 -22.35 -1.45 -15.12
CA TRP E 246 -23.15 -2.63 -14.87
C TRP E 246 -22.44 -3.89 -15.31
N ALA E 247 -21.63 -3.80 -16.36
CA ALA E 247 -20.90 -4.96 -16.85
C ALA E 247 -19.92 -5.42 -15.74
N TYR E 248 -19.16 -4.47 -15.20
CA TYR E 248 -18.21 -4.80 -14.14
C TYR E 248 -18.97 -5.33 -12.90
N SER E 249 -20.08 -4.67 -12.56
CA SER E 249 -20.85 -5.09 -11.40
C SER E 249 -21.35 -6.52 -11.55
N ALA E 250 -21.82 -6.87 -12.75
CA ALA E 250 -22.31 -8.22 -12.99
C ALA E 250 -21.15 -9.22 -12.87
N LEU E 251 -20.01 -8.88 -13.46
CA LEU E 251 -18.83 -9.73 -13.37
C LEU E 251 -18.47 -9.89 -11.89
N ASP E 252 -18.49 -8.79 -11.12
CA ASP E 252 -18.15 -8.88 -9.69
C ASP E 252 -19.05 -9.85 -8.94
N ILE E 253 -20.34 -9.80 -9.25
CA ILE E 253 -21.29 -10.67 -8.57
C ILE E 253 -20.86 -12.13 -8.73
N VAL E 254 -20.41 -12.49 -9.93
CA VAL E 254 -19.97 -13.87 -10.19
C VAL E 254 -18.56 -14.18 -9.69
N ALA E 255 -17.59 -13.39 -10.11
CA ALA E 255 -16.19 -13.62 -9.73
C ALA E 255 -15.95 -13.50 -8.23
N LYS E 256 -16.81 -12.77 -7.53
CA LYS E 256 -16.63 -12.60 -6.08
C LYS E 256 -17.62 -13.33 -5.21
N TYR E 257 -18.88 -12.92 -5.28
CA TYR E 257 -19.90 -13.50 -4.42
C TYR E 257 -20.25 -14.95 -4.70
N ILE E 258 -20.59 -15.31 -5.94
CA ILE E 258 -20.95 -16.71 -6.18
C ILE E 258 -19.70 -17.56 -6.05
N PHE E 259 -18.57 -17.07 -6.55
CA PHE E 259 -17.29 -17.78 -6.43
C PHE E 259 -17.04 -18.10 -4.95
N ALA E 260 -17.10 -17.08 -4.10
CA ALA E 260 -16.86 -17.25 -2.68
C ALA E 260 -17.85 -18.24 -2.05
N PHE E 261 -19.12 -18.12 -2.42
CA PHE E 261 -20.14 -19.04 -1.88
C PHE E 261 -19.79 -20.47 -2.21
N LEU E 262 -19.44 -20.74 -3.46
CA LEU E 262 -19.10 -22.08 -3.89
C LEU E 262 -17.87 -22.61 -3.16
N LEU E 263 -16.88 -21.75 -2.97
CA LEU E 263 -15.67 -22.17 -2.29
C LEU E 263 -15.98 -22.50 -0.84
N LEU E 264 -16.71 -21.61 -0.17
CA LEU E 264 -17.05 -21.83 1.24
C LEU E 264 -17.99 -23.03 1.43
N ASN E 265 -18.91 -23.23 0.50
CA ASN E 265 -19.83 -24.38 0.61
C ASN E 265 -18.99 -25.66 0.52
N TYR E 266 -17.98 -25.68 -0.37
CA TYR E 266 -17.11 -26.84 -0.48
C TYR E 266 -16.25 -26.97 0.78
N LEU E 267 -15.59 -25.87 1.13
CA LEU E 267 -14.71 -25.85 2.30
C LEU E 267 -15.32 -26.46 3.57
N THR E 268 -16.56 -26.07 3.87
CA THR E 268 -17.24 -26.54 5.06
C THR E 268 -17.62 -28.03 4.96
N SER E 269 -17.75 -28.53 3.74
CA SER E 269 -18.10 -29.94 3.55
C SER E 269 -16.85 -30.79 3.45
N ASN E 270 -15.70 -30.12 3.35
CA ASN E 270 -14.42 -30.81 3.21
C ASN E 270 -13.33 -30.27 4.10
N GLU E 271 -13.72 -29.83 5.29
CA GLU E 271 -12.78 -29.27 6.24
C GLU E 271 -11.60 -30.21 6.47
N GLY E 272 -11.90 -31.50 6.58
CA GLY E 272 -10.85 -32.48 6.82
C GLY E 272 -9.80 -32.56 5.73
N VAL E 273 -10.24 -32.53 4.47
CA VAL E 273 -9.33 -32.61 3.33
C VAL E 273 -8.37 -31.41 3.23
N VAL E 274 -8.89 -30.21 3.46
CA VAL E 274 -8.05 -29.02 3.38
C VAL E 274 -7.19 -28.84 4.62
N SER E 275 -7.55 -29.52 5.70
CA SER E 275 -6.76 -29.42 6.93
C SER E 275 -5.42 -30.12 6.74
N GLY E 276 -5.44 -31.27 6.06
CA GLY E 276 -4.23 -32.01 5.81
C GLY E 276 -4.06 -33.24 6.68
N SER E 277 -4.11 -33.05 8.00
CA SER E 277 -3.96 -34.15 8.96
C SER E 277 -4.51 -33.73 10.32
N GLU F 18 -2.57 25.42 -13.38
CA GLU F 18 -2.93 23.98 -13.40
C GLU F 18 -2.23 23.25 -14.55
N VAL F 19 -1.10 22.64 -14.24
CA VAL F 19 -0.32 21.90 -15.21
C VAL F 19 -0.96 20.55 -15.50
N THR F 20 -1.13 20.25 -16.78
CA THR F 20 -1.75 18.97 -17.17
C THR F 20 -0.71 17.87 -17.34
N GLN F 21 -1.22 16.64 -17.39
CA GLN F 21 -0.37 15.47 -17.56
C GLN F 21 0.31 15.54 -18.93
N ARG F 22 -0.45 15.97 -19.93
CA ARG F 22 0.08 16.09 -21.29
C ARG F 22 1.24 17.08 -21.36
N GLU F 23 1.13 18.20 -20.63
CA GLU F 23 2.19 19.20 -20.63
C GLU F 23 3.48 18.66 -20.02
N LEU F 24 3.35 17.78 -19.02
CA LEU F 24 4.54 17.22 -18.39
C LEU F 24 5.15 16.15 -19.30
N PHE F 25 4.29 15.39 -19.99
CA PHE F 25 4.70 14.35 -20.92
C PHE F 25 5.47 15.02 -22.07
N GLU F 26 4.92 16.13 -22.57
CA GLU F 26 5.57 16.87 -23.65
C GLU F 26 6.86 17.52 -23.15
N PHE F 27 6.88 17.91 -21.88
CA PHE F 27 8.09 18.51 -21.31
C PHE F 27 9.22 17.49 -21.29
N VAL F 28 8.90 16.25 -20.92
CA VAL F 28 9.90 15.19 -20.89
C VAL F 28 10.46 15.07 -22.31
N LEU F 29 9.56 15.09 -23.29
CA LEU F 29 9.98 15.04 -24.68
C LEU F 29 10.56 16.44 -24.92
N ASN F 30 11.35 16.61 -25.97
CA ASN F 30 11.92 17.93 -26.24
C ASN F 30 13.02 18.25 -25.22
N ASP F 31 13.19 17.39 -24.23
CA ASP F 31 14.25 17.57 -23.25
C ASP F 31 15.11 16.31 -23.32
N PRO F 32 16.11 16.31 -24.22
CA PRO F 32 17.05 15.21 -24.48
C PRO F 32 17.48 14.38 -23.27
N LEU F 33 18.08 15.04 -22.28
CA LEU F 33 18.55 14.35 -21.09
C LEU F 33 17.42 13.64 -20.35
N LEU F 34 16.33 14.36 -20.14
CA LEU F 34 15.20 13.78 -19.43
C LEU F 34 14.60 12.61 -20.19
N ALA F 35 14.24 12.83 -21.45
CA ALA F 35 13.64 11.78 -22.25
C ALA F 35 14.55 10.55 -22.38
N SER F 36 15.85 10.76 -22.58
CA SER F 36 16.75 9.61 -22.73
C SER F 36 16.91 8.81 -21.44
N SER F 37 17.10 9.48 -20.30
CA SER F 37 17.25 8.75 -19.03
C SER F 37 16.02 7.89 -18.70
N LEU F 38 14.84 8.32 -19.14
CA LEU F 38 13.61 7.57 -18.88
C LEU F 38 13.32 6.45 -19.88
N TYR F 39 13.22 6.79 -21.15
CA TYR F 39 12.90 5.76 -22.15
C TYR F 39 13.96 4.69 -22.30
N ILE F 40 15.23 5.02 -22.07
CA ILE F 40 16.28 4.01 -22.17
C ILE F 40 16.06 2.97 -21.07
N ASN F 41 15.58 3.40 -19.90
CA ASN F 41 15.35 2.44 -18.83
C ASN F 41 14.11 1.60 -19.05
N ILE F 42 13.12 2.14 -19.75
CA ILE F 42 11.93 1.37 -20.05
C ILE F 42 12.36 0.23 -20.99
N ALA F 43 13.23 0.55 -21.95
CA ALA F 43 13.73 -0.43 -22.92
C ALA F 43 14.66 -1.46 -22.27
N LEU F 44 15.59 -1.01 -21.43
CA LEU F 44 16.50 -1.93 -20.75
C LEU F 44 15.73 -2.85 -19.79
N ALA F 45 14.68 -2.32 -19.15
CA ALA F 45 13.88 -3.13 -18.24
C ALA F 45 13.17 -4.23 -19.03
N GLY F 46 12.56 -3.86 -20.16
CA GLY F 46 11.87 -4.84 -20.99
C GLY F 46 12.81 -5.93 -21.48
N LEU F 47 13.97 -5.52 -21.99
CA LEU F 47 14.97 -6.47 -22.49
C LEU F 47 15.48 -7.35 -21.36
N SER F 48 15.76 -6.73 -20.21
CA SER F 48 16.23 -7.49 -19.06
C SER F 48 15.25 -8.59 -18.72
N ILE F 49 13.96 -8.27 -18.71
CA ILE F 49 12.94 -9.25 -18.39
C ILE F 49 13.03 -10.45 -19.35
N LEU F 50 12.96 -10.16 -20.65
CA LEU F 50 13.02 -11.24 -21.64
C LEU F 50 14.24 -12.11 -21.42
N LEU F 51 15.39 -11.48 -21.19
CA LEU F 51 16.62 -12.22 -20.96
C LEU F 51 16.52 -13.09 -19.71
N PHE F 52 16.15 -12.48 -18.59
CA PHE F 52 16.06 -13.20 -17.34
C PHE F 52 15.09 -14.39 -17.41
N VAL F 53 13.98 -14.24 -18.10
CA VAL F 53 13.02 -15.33 -18.23
C VAL F 53 13.69 -16.48 -18.99
N PHE F 54 14.41 -16.14 -20.05
CA PHE F 54 15.11 -17.14 -20.86
C PHE F 54 16.16 -17.87 -20.00
N MET F 55 16.95 -17.08 -19.28
CA MET F 55 18.01 -17.61 -18.40
C MET F 55 17.53 -18.59 -17.34
N THR F 56 16.32 -18.36 -16.84
CA THR F 56 15.79 -19.18 -15.76
C THR F 56 14.73 -20.22 -16.09
N ARG F 57 14.57 -20.56 -17.37
CA ARG F 57 13.56 -21.54 -17.74
C ARG F 57 13.89 -22.96 -17.30
N GLY F 58 15.14 -23.21 -16.91
CA GLY F 58 15.51 -24.54 -16.49
C GLY F 58 15.33 -24.82 -15.01
N LEU F 59 15.09 -23.78 -14.22
CA LEU F 59 14.91 -23.91 -12.78
C LEU F 59 13.72 -24.78 -12.41
N ASP F 60 13.91 -25.68 -11.46
CA ASP F 60 12.85 -26.56 -10.98
C ASP F 60 12.62 -26.42 -9.48
N ASP F 61 13.69 -26.15 -8.73
CA ASP F 61 13.57 -26.04 -7.28
C ASP F 61 12.70 -24.84 -6.87
N PRO F 62 11.68 -25.06 -6.03
CA PRO F 62 10.81 -23.96 -5.59
C PRO F 62 11.52 -22.78 -4.95
N ARG F 63 12.55 -23.05 -4.14
CA ARG F 63 13.27 -21.97 -3.49
C ARG F 63 14.12 -21.22 -4.50
N ALA F 64 14.73 -21.94 -5.43
CA ALA F 64 15.53 -21.28 -6.45
C ALA F 64 14.58 -20.43 -7.32
N LYS F 65 13.38 -20.94 -7.55
CA LYS F 65 12.42 -20.22 -8.37
C LYS F 65 11.89 -18.97 -7.66
N LEU F 66 11.80 -19.03 -6.32
CA LEU F 66 11.33 -17.88 -5.53
C LEU F 66 12.35 -16.76 -5.66
N ILE F 67 13.63 -17.12 -5.61
CA ILE F 67 14.70 -16.13 -5.75
C ILE F 67 14.63 -15.55 -7.17
N ALA F 68 14.37 -16.41 -8.15
CA ALA F 68 14.30 -15.95 -9.54
C ALA F 68 13.13 -14.99 -9.77
N VAL F 69 11.96 -15.31 -9.24
CA VAL F 69 10.79 -14.45 -9.44
C VAL F 69 10.95 -13.10 -8.73
N SER F 70 11.50 -13.14 -7.52
CA SER F 70 11.73 -11.91 -6.77
C SER F 70 12.68 -11.03 -7.56
N THR F 71 13.70 -11.65 -8.18
CA THR F 71 14.66 -10.89 -8.97
C THR F 71 14.05 -10.31 -10.26
N ILE F 72 13.24 -11.10 -10.96
CA ILE F 72 12.62 -10.65 -12.20
C ILE F 72 11.60 -9.54 -11.93
N LEU F 73 11.04 -9.52 -10.71
CA LEU F 73 10.08 -8.50 -10.36
C LEU F 73 10.75 -7.12 -10.31
N VAL F 74 12.07 -7.09 -10.18
CA VAL F 74 12.78 -5.80 -10.12
C VAL F 74 12.62 -5.03 -11.44
N PRO F 75 12.95 -5.66 -12.58
CA PRO F 75 12.77 -4.91 -13.84
C PRO F 75 11.29 -4.76 -14.22
N VAL F 76 10.42 -5.62 -13.70
CA VAL F 76 8.99 -5.50 -13.97
C VAL F 76 8.49 -4.21 -13.29
N VAL F 77 8.84 -4.03 -12.02
CA VAL F 77 8.44 -2.82 -11.31
C VAL F 77 9.07 -1.61 -12.00
N SER F 78 10.30 -1.76 -12.45
CA SER F 78 11.02 -0.66 -13.09
C SER F 78 10.40 -0.22 -14.42
N ILE F 79 9.98 -1.17 -15.25
CA ILE F 79 9.40 -0.79 -16.53
C ILE F 79 8.05 -0.07 -16.31
N ALA F 80 7.25 -0.57 -15.38
CA ALA F 80 5.95 0.06 -15.11
C ALA F 80 6.13 1.43 -14.46
N SER F 81 7.08 1.53 -13.53
CA SER F 81 7.30 2.78 -12.82
C SER F 81 7.91 3.86 -13.72
N TYR F 82 8.87 3.48 -14.57
CA TYR F 82 9.48 4.43 -15.49
C TYR F 82 8.44 4.92 -16.51
N THR F 83 7.49 4.07 -16.85
CA THR F 83 6.44 4.46 -17.78
C THR F 83 5.55 5.47 -17.03
N GLY F 84 5.47 5.34 -15.70
CA GLY F 84 4.68 6.27 -14.91
C GLY F 84 5.30 7.66 -15.04
N LEU F 85 6.64 7.71 -15.06
CA LEU F 85 7.34 8.98 -15.20
C LEU F 85 7.27 9.52 -16.64
N ALA F 86 7.59 8.67 -17.60
CA ALA F 86 7.57 9.10 -19.00
C ALA F 86 6.21 9.62 -19.43
N SER F 87 5.14 9.01 -18.93
CA SER F 87 3.78 9.44 -19.28
C SER F 87 3.34 10.73 -18.60
N GLY F 88 4.08 11.14 -17.56
CA GLY F 88 3.73 12.35 -16.83
C GLY F 88 2.81 12.04 -15.64
N LEU F 89 2.28 10.82 -15.61
CA LEU F 89 1.37 10.41 -14.54
C LEU F 89 1.96 10.60 -13.16
N THR F 90 3.23 10.24 -12.98
CA THR F 90 3.85 10.38 -11.65
C THR F 90 4.87 11.50 -11.56
N ILE F 91 4.55 12.60 -12.24
CA ILE F 91 5.38 13.80 -12.21
C ILE F 91 4.46 14.93 -11.79
N SER F 92 4.98 15.86 -10.97
CA SER F 92 4.21 17.02 -10.53
C SER F 92 5.15 18.22 -10.52
N VAL F 93 4.57 19.42 -10.51
CA VAL F 93 5.35 20.64 -10.42
C VAL F 93 5.20 21.18 -8.99
N LEU F 94 6.31 21.28 -8.27
CA LEU F 94 6.28 21.76 -6.89
C LEU F 94 7.13 22.99 -6.70
N GLU F 95 6.68 23.89 -5.83
CA GLU F 95 7.43 25.11 -5.52
C GLU F 95 8.21 24.90 -4.22
N MET F 96 9.53 25.02 -4.28
CA MET F 96 10.37 24.84 -3.10
C MET F 96 10.22 25.97 -2.10
N PRO F 97 10.43 25.67 -0.80
CA PRO F 97 10.31 26.64 0.27
C PRO F 97 11.48 27.61 0.32
N ALA F 98 11.29 28.69 1.09
CA ALA F 98 12.31 29.70 1.26
C ALA F 98 13.63 29.10 1.70
N GLY F 99 14.72 29.53 1.06
CA GLY F 99 16.03 29.04 1.43
C GLY F 99 16.49 27.86 0.59
N HIS F 100 15.55 27.13 0.00
CA HIS F 100 15.91 25.98 -0.83
C HIS F 100 16.60 26.48 -2.09
N PHE F 101 17.67 25.81 -2.49
CA PHE F 101 18.41 26.25 -3.69
C PHE F 101 17.60 26.28 -4.98
N ALA F 102 16.55 25.47 -5.05
CA ALA F 102 15.72 25.46 -6.24
C ALA F 102 14.51 26.38 -6.11
N GLU F 103 14.38 27.03 -4.96
CA GLU F 103 13.27 27.97 -4.77
C GLU F 103 13.55 29.11 -5.77
N GLY F 104 12.52 29.63 -6.40
CA GLY F 104 12.70 30.71 -7.35
C GLY F 104 12.89 30.24 -8.78
N SER F 105 12.89 28.93 -8.98
CA SER F 105 13.06 28.37 -10.31
C SER F 105 11.73 28.38 -11.06
N SER F 106 11.82 28.28 -12.39
CA SER F 106 10.63 28.30 -13.24
C SER F 106 10.85 27.32 -14.38
N VAL F 107 9.75 26.88 -14.98
CA VAL F 107 9.82 25.93 -16.09
C VAL F 107 8.76 26.30 -17.14
N MET F 108 9.08 26.06 -18.40
CA MET F 108 8.13 26.36 -19.47
C MET F 108 7.26 25.13 -19.73
N LEU F 109 5.97 25.26 -19.44
CA LEU F 109 5.01 24.18 -19.62
C LEU F 109 3.83 24.72 -20.39
N GLY F 110 3.47 24.04 -21.47
CA GLY F 110 2.35 24.49 -22.28
C GLY F 110 2.77 25.79 -22.92
N GLY F 111 1.88 26.78 -22.89
CA GLY F 111 2.21 28.06 -23.48
C GLY F 111 2.43 29.13 -22.42
N GLU F 112 3.16 28.77 -21.35
CA GLU F 112 3.41 29.72 -20.27
C GLU F 112 4.54 29.29 -19.33
N GLU F 113 5.09 30.26 -18.60
CA GLU F 113 6.16 29.99 -17.65
C GLU F 113 5.49 29.66 -16.32
N VAL F 114 5.87 28.56 -15.69
CA VAL F 114 5.27 28.14 -14.43
C VAL F 114 6.33 28.02 -13.34
N ASP F 115 6.02 28.58 -12.18
CA ASP F 115 6.95 28.55 -11.05
C ASP F 115 7.08 27.14 -10.50
N GLY F 116 8.29 26.80 -10.07
CA GLY F 116 8.49 25.49 -9.50
C GLY F 116 9.49 24.60 -10.19
N VAL F 117 9.54 23.35 -9.73
CA VAL F 117 10.46 22.36 -10.25
C VAL F 117 9.70 21.13 -10.72
N VAL F 118 10.06 20.60 -11.89
CA VAL F 118 9.44 19.37 -12.41
C VAL F 118 10.00 18.28 -11.48
N THR F 119 9.11 17.76 -10.64
CA THR F 119 9.43 16.78 -9.61
C THR F 119 9.02 15.36 -9.99
N MET F 120 10.03 14.53 -10.23
CA MET F 120 9.84 13.14 -10.62
C MET F 120 9.58 12.28 -9.39
N TRP F 121 8.48 12.53 -8.68
CA TRP F 121 8.20 11.76 -7.48
C TRP F 121 7.94 10.30 -7.76
N GLY F 122 7.57 9.99 -9.00
CA GLY F 122 7.33 8.59 -9.36
C GLY F 122 8.54 7.68 -9.11
N ARG F 123 9.73 8.24 -9.10
CA ARG F 123 10.92 7.44 -8.82
C ARG F 123 10.79 6.74 -7.44
N TYR F 124 10.15 7.42 -6.47
CA TYR F 124 10.00 6.82 -5.15
C TYR F 124 9.12 5.57 -5.18
N LEU F 125 8.24 5.48 -6.17
CA LEU F 125 7.40 4.30 -6.32
C LEU F 125 8.30 3.21 -6.87
N THR F 126 9.20 3.59 -7.80
CA THR F 126 10.11 2.62 -8.36
C THR F 126 10.92 2.00 -7.21
N TRP F 127 11.38 2.85 -6.29
CA TRP F 127 12.19 2.37 -5.18
C TRP F 127 11.44 1.56 -4.12
N ALA F 128 10.29 2.06 -3.67
CA ALA F 128 9.51 1.38 -2.65
C ALA F 128 9.01 0.00 -3.03
N LEU F 129 8.84 -0.23 -4.33
CA LEU F 129 8.31 -1.50 -4.82
C LEU F 129 9.40 -2.45 -5.30
N SER F 130 10.52 -1.89 -5.76
CA SER F 130 11.60 -2.73 -6.24
C SER F 130 12.63 -3.09 -5.19
N THR F 131 12.98 -2.15 -4.31
CA THR F 131 14.01 -2.44 -3.29
C THR F 131 13.63 -3.61 -2.38
N PRO F 132 12.32 -3.80 -2.06
CA PRO F 132 11.95 -4.94 -1.20
C PRO F 132 12.22 -6.27 -1.92
N MET F 133 12.10 -6.25 -3.26
CA MET F 133 12.35 -7.47 -4.06
C MET F 133 13.83 -7.76 -4.13
N ILE F 134 14.64 -6.71 -4.22
CA ILE F 134 16.10 -6.86 -4.24
C ILE F 134 16.52 -7.47 -2.90
N LEU F 135 16.00 -6.90 -1.81
CA LEU F 135 16.32 -7.39 -0.46
C LEU F 135 15.81 -8.82 -0.23
N LEU F 136 14.61 -9.13 -0.71
CA LEU F 136 14.09 -10.48 -0.54
C LEU F 136 15.01 -11.47 -1.28
N ALA F 137 15.41 -11.10 -2.49
CA ALA F 137 16.31 -11.98 -3.25
C ALA F 137 17.66 -12.17 -2.53
N LEU F 138 18.23 -11.08 -2.01
CA LEU F 138 19.50 -11.18 -1.31
C LEU F 138 19.37 -11.99 -0.01
N GLY F 139 18.32 -11.73 0.76
CA GLY F 139 18.13 -12.46 2.01
C GLY F 139 17.92 -13.95 1.80
N LEU F 140 17.14 -14.30 0.77
CA LEU F 140 16.90 -15.71 0.47
C LEU F 140 18.24 -16.34 0.05
N LEU F 141 19.01 -15.63 -0.78
CA LEU F 141 20.31 -16.12 -1.24
C LEU F 141 21.26 -16.35 -0.05
N ALA F 142 21.22 -15.45 0.93
CA ALA F 142 22.08 -15.54 2.11
C ALA F 142 21.54 -16.53 3.16
N GLY F 143 20.35 -17.09 2.92
CA GLY F 143 19.80 -18.02 3.90
C GLY F 143 19.33 -17.30 5.15
N SER F 144 18.80 -16.10 4.96
CA SER F 144 18.31 -15.28 6.08
C SER F 144 17.09 -15.90 6.78
N ASN F 145 16.96 -15.68 8.08
CA ASN F 145 15.77 -16.17 8.76
C ASN F 145 14.65 -15.13 8.51
N ALA F 146 13.45 -15.39 9.01
CA ALA F 146 12.33 -14.48 8.78
C ALA F 146 12.45 -13.14 9.51
N THR F 147 13.07 -13.15 10.69
CA THR F 147 13.21 -11.93 11.48
C THR F 147 14.07 -10.89 10.76
N LYS F 148 15.16 -11.35 10.15
CA LYS F 148 16.03 -10.41 9.44
C LYS F 148 15.42 -9.92 8.14
N LEU F 149 14.69 -10.77 7.43
CA LEU F 149 14.07 -10.34 6.18
C LEU F 149 13.00 -9.30 6.52
N PHE F 150 12.21 -9.58 7.55
CA PHE F 150 11.16 -8.66 7.99
C PHE F 150 11.74 -7.31 8.39
N THR F 151 12.87 -7.33 9.10
CA THR F 151 13.52 -6.11 9.54
C THR F 151 14.07 -5.31 8.35
N ALA F 152 14.75 -6.00 7.44
CA ALA F 152 15.33 -5.32 6.28
C ALA F 152 14.28 -4.68 5.40
N ILE F 153 13.20 -5.42 5.15
CA ILE F 153 12.16 -4.94 4.25
C ILE F 153 11.30 -3.82 4.84
N THR F 154 10.94 -3.95 6.11
CA THR F 154 10.13 -2.92 6.74
C THR F 154 10.91 -1.62 6.82
N PHE F 155 12.18 -1.69 7.19
CA PHE F 155 12.98 -0.46 7.26
C PHE F 155 13.32 0.09 5.91
N ASP F 156 13.44 -0.79 4.92
CA ASP F 156 13.72 -0.33 3.57
C ASP F 156 12.49 0.45 3.03
N ILE F 157 11.30 -0.04 3.33
CA ILE F 157 10.09 0.65 2.87
C ILE F 157 9.95 2.00 3.57
N ALA F 158 10.29 2.03 4.85
CA ALA F 158 10.26 3.27 5.63
C ALA F 158 11.20 4.29 5.01
N MET F 159 12.38 3.83 4.60
CA MET F 159 13.36 4.69 3.95
C MET F 159 12.79 5.28 2.66
N CYS F 160 12.16 4.44 1.84
CA CYS F 160 11.60 4.93 0.58
C CYS F 160 10.45 5.89 0.76
N VAL F 161 9.59 5.63 1.74
CA VAL F 161 8.45 6.48 1.95
C VAL F 161 8.84 7.82 2.58
N THR F 162 9.77 7.80 3.54
CA THR F 162 10.20 9.04 4.16
C THR F 162 11.01 9.85 3.15
N GLY F 163 11.59 9.16 2.16
CA GLY F 163 12.31 9.85 1.09
C GLY F 163 11.31 10.56 0.17
N LEU F 164 10.20 9.89 -0.13
CA LEU F 164 9.17 10.49 -0.97
C LEU F 164 8.56 11.69 -0.22
N ALA F 165 8.36 11.53 1.09
CA ALA F 165 7.79 12.62 1.88
C ALA F 165 8.69 13.84 1.86
N ALA F 166 10.01 13.63 1.95
CA ALA F 166 10.96 14.75 1.90
C ALA F 166 10.82 15.50 0.57
N ALA F 167 10.75 14.75 -0.53
CA ALA F 167 10.62 15.37 -1.85
C ALA F 167 9.29 16.10 -2.05
N LEU F 168 8.24 15.62 -1.39
CA LEU F 168 6.91 16.23 -1.50
C LEU F 168 6.67 17.40 -0.53
N THR F 169 7.59 17.63 0.40
CA THR F 169 7.42 18.70 1.39
C THR F 169 7.87 20.02 0.81
N THR F 170 6.95 20.98 0.79
CA THR F 170 7.23 22.30 0.25
C THR F 170 7.01 23.39 1.30
N SER F 171 6.60 23.02 2.50
CA SER F 171 6.33 24.02 3.53
C SER F 171 7.55 24.59 4.24
N SER F 172 8.59 23.78 4.37
CA SER F 172 9.76 24.15 5.14
C SER F 172 11.03 23.46 4.64
N HIS F 173 12.06 24.26 4.38
CA HIS F 173 13.34 23.74 3.92
C HIS F 173 13.90 22.77 4.96
N LEU F 174 13.92 23.20 6.22
CA LEU F 174 14.43 22.35 7.30
C LEU F 174 13.66 21.04 7.39
N MET F 175 12.33 21.08 7.25
CA MET F 175 11.52 19.86 7.31
C MET F 175 11.94 18.88 6.20
N ARG F 176 12.28 19.37 5.02
CA ARG F 176 12.71 18.47 3.95
C ARG F 176 13.95 17.66 4.39
N TRP F 177 14.90 18.34 5.03
CA TRP F 177 16.12 17.68 5.48
C TRP F 177 15.88 16.82 6.73
N PHE F 178 14.84 17.13 7.48
CA PHE F 178 14.56 16.30 8.66
C PHE F 178 14.04 14.95 8.13
N TRP F 179 13.20 14.99 7.09
CA TRP F 179 12.68 13.76 6.48
C TRP F 179 13.87 12.97 5.93
N TYR F 180 14.80 13.70 5.32
CA TYR F 180 16.00 13.08 4.75
C TYR F 180 16.80 12.35 5.82
N ALA F 181 16.93 12.96 7.00
CA ALA F 181 17.66 12.34 8.11
C ALA F 181 16.96 11.08 8.60
N ILE F 182 15.63 11.12 8.69
CA ILE F 182 14.89 9.95 9.17
C ILE F 182 15.12 8.79 8.19
N SER F 183 15.00 9.11 6.91
CA SER F 183 15.21 8.13 5.85
C SER F 183 16.59 7.50 5.97
N CYS F 184 17.63 8.32 6.16
CA CYS F 184 19.01 7.84 6.31
C CYS F 184 19.11 6.87 7.49
N ALA F 185 18.47 7.22 8.60
CA ALA F 185 18.48 6.37 9.79
C ALA F 185 17.93 4.99 9.42
N CYS F 186 16.86 4.98 8.63
CA CYS F 186 16.28 3.70 8.21
C CYS F 186 17.27 2.95 7.31
N PHE F 187 17.86 3.66 6.35
CA PHE F 187 18.85 3.08 5.44
C PHE F 187 19.99 2.40 6.20
N ILE F 188 20.40 3.01 7.32
CA ILE F 188 21.50 2.42 8.11
C ILE F 188 21.13 1.01 8.60
N VAL F 189 19.87 0.81 8.95
CA VAL F 189 19.39 -0.49 9.40
C VAL F 189 19.60 -1.51 8.26
N VAL F 190 19.14 -1.16 7.07
CA VAL F 190 19.29 -2.03 5.89
C VAL F 190 20.77 -2.33 5.62
N LEU F 191 21.61 -1.30 5.70
CA LEU F 191 23.05 -1.46 5.49
C LEU F 191 23.66 -2.41 6.50
N TYR F 192 23.25 -2.27 7.77
CA TYR F 192 23.79 -3.14 8.81
C TYR F 192 23.48 -4.62 8.53
N ILE F 193 22.24 -4.89 8.12
CA ILE F 193 21.83 -6.25 7.82
C ILE F 193 22.62 -6.81 6.63
N LEU F 194 22.80 -5.98 5.61
CA LEU F 194 23.55 -6.40 4.42
C LEU F 194 25.02 -6.70 4.70
N LEU F 195 25.68 -5.76 5.38
CA LEU F 195 27.11 -5.84 5.68
C LEU F 195 27.51 -6.76 6.82
N VAL F 196 26.65 -6.87 7.82
CA VAL F 196 26.99 -7.66 8.99
C VAL F 196 26.23 -8.98 9.10
N GLU F 197 24.91 -8.91 9.15
CA GLU F 197 24.11 -10.10 9.35
C GLU F 197 24.03 -11.07 8.18
N TRP F 198 23.61 -10.60 7.01
CA TRP F 198 23.50 -11.51 5.89
C TRP F 198 24.85 -11.99 5.38
N ALA F 199 25.88 -11.15 5.52
CA ALA F 199 27.25 -11.52 5.11
C ALA F 199 27.66 -12.78 5.88
N GLN F 200 27.23 -12.85 7.14
CA GLN F 200 27.55 -14.01 7.97
C GLN F 200 26.64 -15.19 7.63
N ASP F 201 25.34 -14.93 7.46
CA ASP F 201 24.41 -15.99 7.15
C ASP F 201 24.74 -16.70 5.83
N ALA F 202 25.30 -15.96 4.87
CA ALA F 202 25.61 -16.53 3.56
C ALA F 202 26.68 -17.63 3.68
N LYS F 203 27.50 -17.54 4.72
CA LYS F 203 28.54 -18.55 4.95
C LYS F 203 27.88 -19.90 5.26
N ALA F 204 26.81 -19.89 6.04
CA ALA F 204 26.08 -21.12 6.38
C ALA F 204 25.25 -21.60 5.19
N ALA F 205 24.86 -20.67 4.31
CA ALA F 205 24.06 -21.03 3.14
C ALA F 205 24.95 -21.55 2.00
N GLY F 206 26.27 -21.43 2.16
CA GLY F 206 27.18 -21.87 1.12
C GLY F 206 27.15 -20.95 -0.09
N THR F 207 26.77 -19.69 0.13
CA THR F 207 26.69 -18.70 -0.95
C THR F 207 27.53 -17.47 -0.60
N ALA F 208 28.56 -17.66 0.23
CA ALA F 208 29.39 -16.53 0.67
C ALA F 208 30.03 -15.72 -0.44
N ASP F 209 30.55 -16.38 -1.47
CA ASP F 209 31.23 -15.65 -2.54
C ASP F 209 30.30 -14.82 -3.43
N ILE F 210 29.19 -15.41 -3.88
CA ILE F 210 28.26 -14.67 -4.74
C ILE F 210 27.55 -13.60 -3.92
N PHE F 211 27.20 -13.89 -2.68
CA PHE F 211 26.56 -12.87 -1.85
C PHE F 211 27.53 -11.70 -1.70
N SER F 212 28.81 -12.00 -1.51
CA SER F 212 29.79 -10.93 -1.34
C SER F 212 29.81 -9.97 -2.53
N THR F 213 29.79 -10.53 -3.73
CA THR F 213 29.80 -9.73 -4.94
C THR F 213 28.57 -8.82 -5.02
N LEU F 214 27.39 -9.42 -4.83
CA LEU F 214 26.14 -8.68 -4.91
C LEU F 214 25.99 -7.66 -3.79
N LYS F 215 26.51 -8.00 -2.61
CA LYS F 215 26.47 -7.13 -1.45
C LYS F 215 27.32 -5.88 -1.70
N LEU F 216 28.51 -6.06 -2.25
CA LEU F 216 29.36 -4.91 -2.52
C LEU F 216 28.68 -4.01 -3.57
N LEU F 217 28.15 -4.64 -4.62
CA LEU F 217 27.47 -3.90 -5.69
C LEU F 217 26.27 -3.12 -5.14
N THR F 218 25.47 -3.79 -4.33
CA THR F 218 24.27 -3.17 -3.74
C THR F 218 24.61 -2.04 -2.78
N VAL F 219 25.56 -2.25 -1.87
CA VAL F 219 25.90 -1.21 -0.92
C VAL F 219 26.47 0.05 -1.60
N VAL F 220 27.42 -0.12 -2.51
CA VAL F 220 27.99 1.01 -3.20
C VAL F 220 26.97 1.76 -4.06
N MET F 221 26.14 1.04 -4.80
CA MET F 221 25.14 1.71 -5.63
C MET F 221 24.05 2.38 -4.80
N TRP F 222 23.53 1.67 -3.80
CA TRP F 222 22.47 2.28 -2.97
C TRP F 222 22.96 3.54 -2.28
N LEU F 223 24.22 3.56 -1.86
CA LEU F 223 24.77 4.76 -1.21
C LEU F 223 24.72 5.94 -2.16
N GLY F 224 24.73 5.65 -3.46
CA GLY F 224 24.69 6.71 -4.46
C GLY F 224 23.38 7.51 -4.50
N TYR F 225 22.27 6.87 -4.14
CA TYR F 225 20.98 7.56 -4.19
C TYR F 225 20.84 8.77 -3.27
N PRO F 226 21.18 8.65 -1.99
CA PRO F 226 21.06 9.84 -1.14
C PRO F 226 22.05 10.95 -1.54
N ILE F 227 23.13 10.58 -2.20
CA ILE F 227 24.13 11.56 -2.65
C ILE F 227 23.53 12.36 -3.81
N VAL F 228 22.93 11.63 -4.75
CA VAL F 228 22.30 12.26 -5.89
C VAL F 228 21.16 13.14 -5.39
N TRP F 229 20.45 12.67 -4.37
CA TRP F 229 19.33 13.45 -3.79
C TRP F 229 19.86 14.78 -3.27
N ALA F 230 20.94 14.73 -2.48
CA ALA F 230 21.51 15.94 -1.89
C ALA F 230 22.07 16.90 -2.94
N LEU F 231 22.63 16.37 -4.02
CA LEU F 231 23.22 17.21 -5.07
C LEU F 231 22.25 17.68 -6.16
N GLY F 232 21.17 16.93 -6.35
CA GLY F 232 20.19 17.28 -7.38
C GLY F 232 19.16 18.31 -6.99
N VAL F 233 18.17 18.51 -7.88
CA VAL F 233 17.13 19.51 -7.62
C VAL F 233 16.38 19.31 -6.31
N GLU F 234 16.34 18.08 -5.81
CA GLU F 234 15.68 17.84 -4.52
C GLU F 234 16.50 18.42 -3.36
N GLY F 235 17.81 18.44 -3.53
CA GLY F 235 18.70 18.95 -2.49
C GLY F 235 19.24 20.35 -2.76
N VAL F 236 20.56 20.49 -2.92
CA VAL F 236 21.14 21.83 -3.15
C VAL F 236 21.16 22.26 -4.61
N ALA F 237 20.64 21.39 -5.48
CA ALA F 237 20.48 21.70 -6.89
C ALA F 237 21.68 22.02 -7.78
N VAL F 238 22.84 21.46 -7.46
CA VAL F 238 24.00 21.70 -8.31
C VAL F 238 23.70 20.91 -9.59
N LEU F 239 23.02 19.78 -9.46
CA LEU F 239 22.62 18.99 -10.63
C LEU F 239 21.21 19.41 -11.03
N PRO F 240 21.02 19.86 -12.29
CA PRO F 240 19.71 20.29 -12.78
C PRO F 240 18.75 19.10 -12.89
N VAL F 241 17.46 19.37 -13.10
CA VAL F 241 16.49 18.30 -13.20
C VAL F 241 16.93 17.20 -14.17
N GLY F 242 17.56 17.57 -15.29
CA GLY F 242 17.99 16.58 -16.28
C GLY F 242 19.15 15.70 -15.83
N TYR F 243 20.15 16.29 -15.20
CA TYR F 243 21.29 15.52 -14.73
C TYR F 243 20.88 14.65 -13.53
N THR F 244 19.97 15.17 -12.70
CA THR F 244 19.52 14.40 -11.54
C THR F 244 18.87 13.11 -12.01
N SER F 245 18.01 13.21 -13.03
CA SER F 245 17.33 12.05 -13.59
C SER F 245 18.35 11.06 -14.16
N TRP F 246 19.34 11.55 -14.89
CA TRP F 246 20.33 10.62 -15.43
C TRP F 246 21.21 10.00 -14.34
N ALA F 247 21.46 10.74 -13.26
CA ALA F 247 22.28 10.20 -12.19
C ALA F 247 21.53 9.00 -11.57
N TYR F 248 20.23 9.17 -11.33
CA TYR F 248 19.41 8.09 -10.75
C TYR F 248 19.27 6.92 -11.74
N SER F 249 19.10 7.24 -13.01
CA SER F 249 18.94 6.21 -14.04
C SER F 249 20.21 5.36 -14.17
N ALA F 250 21.37 5.97 -14.02
CA ALA F 250 22.64 5.23 -14.12
C ALA F 250 22.76 4.28 -12.94
N LEU F 251 22.39 4.75 -11.75
CA LEU F 251 22.42 3.91 -10.56
C LEU F 251 21.46 2.74 -10.73
N ASP F 252 20.25 3.00 -11.23
CA ASP F 252 19.26 1.93 -11.41
C ASP F 252 19.80 0.84 -12.36
N ILE F 253 20.52 1.25 -13.40
CA ILE F 253 21.03 0.26 -14.34
C ILE F 253 21.93 -0.75 -13.63
N VAL F 254 22.77 -0.27 -12.73
CA VAL F 254 23.66 -1.17 -12.03
C VAL F 254 22.96 -1.88 -10.85
N ALA F 255 22.23 -1.11 -10.03
CA ALA F 255 21.54 -1.67 -8.87
C ALA F 255 20.42 -2.63 -9.21
N LYS F 256 19.80 -2.47 -10.38
CA LYS F 256 18.73 -3.36 -10.77
C LYS F 256 19.09 -4.35 -11.88
N TYR F 257 19.48 -3.83 -13.03
CA TYR F 257 19.76 -4.70 -14.18
C TYR F 257 21.03 -5.52 -14.12
N ILE F 258 22.18 -4.93 -13.82
CA ILE F 258 23.35 -5.79 -13.77
C ILE F 258 23.33 -6.63 -12.49
N PHE F 259 22.79 -6.07 -11.42
CA PHE F 259 22.68 -6.82 -10.18
C PHE F 259 21.87 -8.08 -10.45
N ALA F 260 20.71 -7.92 -11.09
CA ALA F 260 19.83 -9.05 -11.39
C ALA F 260 20.49 -10.09 -12.30
N PHE F 261 21.24 -9.63 -13.31
CA PHE F 261 21.91 -10.57 -14.20
C PHE F 261 22.92 -11.42 -13.44
N LEU F 262 23.75 -10.78 -12.63
CA LEU F 262 24.76 -11.49 -11.85
C LEU F 262 24.10 -12.54 -10.95
N LEU F 263 23.01 -12.16 -10.27
CA LEU F 263 22.32 -13.09 -9.39
C LEU F 263 21.74 -14.28 -10.13
N LEU F 264 21.00 -14.02 -11.20
CA LEU F 264 20.40 -15.09 -11.97
C LEU F 264 21.47 -15.95 -12.65
N ASN F 265 22.56 -15.34 -13.12
CA ASN F 265 23.62 -16.11 -13.79
C ASN F 265 24.20 -17.11 -12.80
N TYR F 266 24.31 -16.72 -11.53
CA TYR F 266 24.80 -17.59 -10.49
C TYR F 266 23.76 -18.68 -10.21
N LEU F 267 22.52 -18.25 -10.00
CA LEU F 267 21.42 -19.15 -9.68
C LEU F 267 21.24 -20.30 -10.67
N THR F 268 21.30 -19.98 -11.97
CA THR F 268 21.12 -20.98 -13.01
C THR F 268 22.23 -22.03 -13.07
N SER F 269 23.39 -21.72 -12.50
CA SER F 269 24.51 -22.67 -12.49
C SER F 269 24.70 -23.26 -11.09
N ASN F 270 23.93 -22.76 -10.12
CA ASN F 270 24.09 -23.25 -8.77
C ASN F 270 22.78 -23.51 -8.06
N GLU F 271 21.81 -24.04 -8.80
CA GLU F 271 20.49 -24.33 -8.25
C GLU F 271 20.55 -25.24 -7.04
N GLY F 272 21.43 -26.23 -7.09
CA GLY F 272 21.55 -27.15 -5.97
C GLY F 272 21.94 -26.47 -4.66
N VAL F 273 22.83 -25.50 -4.74
CA VAL F 273 23.29 -24.79 -3.53
C VAL F 273 22.15 -24.07 -2.80
N VAL F 274 21.28 -23.40 -3.54
CA VAL F 274 20.18 -22.65 -2.92
C VAL F 274 18.91 -23.44 -2.66
N SER F 275 18.83 -24.68 -3.16
CA SER F 275 17.63 -25.48 -2.97
C SER F 275 17.42 -25.77 -1.49
N GLY F 276 16.19 -25.60 -1.02
CA GLY F 276 15.88 -25.84 0.37
C GLY F 276 14.43 -25.59 0.71
C1 RET G . -11.55 4.98 13.71
C2 RET G . -12.66 5.76 12.89
C3 RET G . -13.73 4.92 12.43
C4 RET G . -14.46 4.31 13.60
C5 RET G . -13.52 3.44 14.45
C6 RET G . -12.16 3.72 14.54
C7 RET G . -11.30 2.78 15.45
C8 RET G . -10.00 3.00 15.72
C9 RET G . -9.21 2.14 16.59
C10 RET G . -7.89 2.49 16.75
C11 RET G . -6.97 1.70 17.57
C12 RET G . -5.64 1.95 17.82
C13 RET G . -4.75 3.10 17.39
C14 RET G . -3.44 3.04 17.74
C15 RET G . -2.47 4.07 17.34
C16 RET G . -10.89 6.01 14.66
C17 RET G . -10.49 4.49 12.70
C18 RET G . -14.14 2.23 15.22
C19 RET G . -9.81 0.94 17.25
C20 RET G . -5.27 4.28 16.60
C1 22B H . -14.87 -17.51 10.45
C2 22B H . -14.06 -16.79 11.60
C3 22B H . -14.06 -15.25 11.48
C4 22B H . -15.31 -14.35 11.46
C5 22B H . -15.24 -12.96 10.77
C6 22B H . -16.35 -12.19 10.78
C7 22B H . -16.41 -10.89 10.16
C8 22B H . -17.56 -10.22 10.25
C9 22B H . -17.77 -8.88 9.63
C10 22B H . -16.68 -8.26 8.90
C11 22B H . -16.57 -6.84 8.38
C12 22B H . -17.48 -5.87 8.54
C13 22B H . -17.87 -4.95 7.43
C14 22B H . -18.79 -3.98 7.66
C15 22B H . -20.27 -4.18 7.60
C16 22B H . -14.28 -17.15 9.00
C17 22B H . -14.81 -19.08 10.68
C18 22B H . -13.92 -12.49 10.08
C19 22B H . -19.21 -8.21 9.82
C20 22B H . -17.23 -5.05 6.00
C21 22B H . -12.56 -17.19 11.56
C22 22B H . -11.77 -16.40 12.74
C23 22B H . -10.19 -16.62 12.70
C24 22B H . -9.72 -17.52 11.53
C25 22B H . -9.55 -15.28 12.60
O26 22B H . -16.22 -17.11 10.50
O27 22B H . -9.71 -17.26 13.99
C38 22B H . -26.37 -0.47 9.37
C39 22B H . -24.84 -0.10 9.52
C40 22B H . -23.83 -1.00 9.10
C41 22B H . -24.15 -2.33 8.52
C42 22B H . -23.15 -3.17 8.12
C43 22B H . -23.42 -4.56 7.51
C44 22B H . -22.40 -5.45 7.09
C45 22B H . -20.89 -5.27 7.14
C50 22B H . -24.91 -5.05 7.30
C26 22B H . -24.48 1.23 10.11
C11 L3P I . -10.16 20.19 -0.62
C12 L3P I . -9.37 18.79 -0.68
C13 L3P I . -9.56 17.86 -1.97
C14 L3P I . -11.11 17.51 -2.19
C15 L3P I . -8.65 16.48 -1.79
C16 L3P I . -7.10 16.80 -1.58
C17 L3P I . -6.22 15.77 -0.78
C18 L3P I . -6.86 14.40 -0.18
C19 L3P I . -7.73 14.59 1.13
C20 L3P I . -5.69 13.37 0.13
C21 L3P I . -5.96 11.82 0.29
C22 L3P I . -4.59 11.01 0.41
C23 L3P I . -4.76 9.44 0.57
C24 L3P I . -5.61 9.15 1.80
C25 L3P I . -3.30 8.66 0.70
C26 L3P I . -3.07 7.07 0.93
C27 L3P I . -1.51 6.55 1.02
C28 L3P I . -1.44 5.06 1.61
C29 L3P I . -1.42 4.06 0.50
C30 L3P I . -0.21 4.82 2.40
C11 L3P J . 0.86 12.73 0.18
C12 L3P J . 1.51 11.92 1.41
C13 L3P J . 2.14 10.46 1.14
C14 L3P J . 1.03 9.50 0.51
C15 L3P J . 2.73 9.81 2.57
C16 L3P J . 3.83 10.73 3.28
C17 L3P J . 4.45 10.35 4.68
C18 L3P J . 4.04 9.00 5.55
C19 L3P J . 2.95 9.19 6.70
C20 L3P J . 5.39 8.44 6.19
C21 L3P J . 5.50 7.25 7.23
C22 L3P J . 5.93 5.90 6.51
C23 L3P J . 6.10 4.67 7.48
C24 L3P J . 7.23 4.96 8.49
C25 L3P J . 6.48 3.29 6.68
C26 L3P J . 5.97 1.85 7.12
C27 L3P J . 6.43 0.58 6.24
C28 L3P J . 5.82 -0.74 6.90
C29 L3P J . 5.93 -1.86 5.92
C30 L3P J . 6.56 -1.15 8.10
C1 BNG K . -28.43 13.93 7.56
C2 BNG K . -27.89 15.16 6.73
C3 BNG K . -29.12 15.95 6.17
C4 BNG K . -29.91 14.99 5.22
C5 BNG K . -30.40 13.72 6.03
C6 BNG K . -31.13 12.73 5.11
C1' BNG K . -27.82 12.01 8.91
C2' BNG K . -26.76 11.60 9.95
C3' BNG K . -27.23 10.41 10.78
C4' BNG K . -26.04 9.67 11.37
C5' BNG K . -26.44 8.54 12.34
C6' BNG K . -25.20 7.97 12.99
C7' BNG K . -25.49 6.84 13.96
C8' BNG K . -24.20 6.32 14.60
C9' BNG K . -23.60 5.18 13.81
O1 BNG K . -27.35 13.16 8.13
O2 BNG K . -27.13 16.01 7.59
O3 BNG K . -28.66 17.07 5.43
O4 BNG K . -31.06 15.65 4.68
O5 BNG K . -29.23 13.06 6.63
O6 BNG K . -30.25 12.17 4.18
C1 BNG L . -28.89 16.25 12.09
C2 BNG L . -28.55 17.44 11.11
C3 BNG L . -29.87 18.12 10.64
C4 BNG L . -30.74 17.05 9.89
C5 BNG L . -31.07 15.86 10.86
C6 BNG L . -31.90 14.78 10.12
C1' BNG L . -27.76 14.49 13.43
C2' BNG L . -26.48 13.66 13.30
C3' BNG L . -26.51 12.45 14.22
C4' BNG L . -25.13 11.90 14.49
C5' BNG L . -25.16 10.92 15.63
C6' BNG L . -23.83 10.22 15.80
C7' BNG L . -23.86 9.23 16.95
C8' BNG L . -22.47 8.91 17.44
C9' BNG L . -22.31 7.43 17.69
O1 BNG L . -27.65 15.61 12.52
O2 BNG L . -27.72 18.38 11.79
O3 BNG L . -29.57 19.20 9.74
O4 BNG L . -31.96 17.63 9.45
O5 BNG L . -29.78 15.28 11.34
O6 BNG L . -32.04 13.61 10.93
C1 BNG M . 10.20 28.67 10.51
C2 BNG M . 11.13 29.57 9.57
C3 BNG M . 10.48 31.00 9.43
C4 BNG M . 9.06 30.83 8.79
C5 BNG M . 8.17 29.93 9.72
C6 BNG M . 6.78 29.72 9.10
C1' BNG M . 10.11 26.38 11.47
C2' BNG M . 11.06 25.21 11.70
C3' BNG M . 10.44 24.11 12.55
C4' BNG M . 10.64 22.75 11.89
C5' BNG M . 11.27 21.74 12.84
C6' BNG M . 11.45 20.39 12.16
C7' BNG M . 12.09 19.36 13.08
C8' BNG M . 11.04 18.44 13.68
C9' BNG M . 11.42 18.06 15.10
O1 BNG M . 10.80 27.34 10.64
O2 BNG M . 12.42 29.67 10.16
O3 BNG M . 11.31 31.81 8.59
O4 BNG M . 8.43 32.11 8.64
O5 BNG M . 8.84 28.61 9.89
O6 BNG M . 6.86 29.22 7.77
C1 RET N . -7.85 -4.66 -16.43
C2 RET N . -7.46 -3.47 -17.39
C3 RET N . -6.15 -3.60 -17.95
C4 RET N . -6.10 -4.79 -18.84
C5 RET N . -6.39 -6.09 -18.04
C6 RET N . -7.21 -6.06 -16.92
C7 RET N . -7.46 -7.41 -16.19
C8 RET N . -8.26 -7.59 -15.11
C9 RET N . -8.48 -8.88 -14.50
C10 RET N . -9.30 -8.91 -13.41
C11 RET N . -9.62 -10.12 -12.67
C12 RET N . -10.46 -10.21 -11.58
C13 RET N . -11.30 -9.14 -10.93
C14 RET N . -12.02 -9.49 -9.84
C15 RET N . -12.89 -8.55 -9.11
C16 RET N . -9.39 -4.72 -16.40
C17 RET N . -7.35 -4.31 -15.01
C18 RET N . -5.75 -7.39 -18.54
C19 RET N . -7.85 -10.13 -15.06
C20 RET N . -11.36 -7.72 -11.45
C11 L3P O . -6.72 15.16 -12.67
C12 L3P O . -6.56 14.07 -11.49
C13 L3P O . -7.86 13.26 -11.01
C14 L3P O . -9.01 14.25 -10.54
C15 L3P O . -7.42 12.20 -9.79
C16 L3P O . -6.25 11.21 -10.28
C17 L3P O . -5.66 10.04 -9.39
C18 L3P O . -6.12 9.65 -7.85
C19 L3P O . -6.32 10.86 -6.82
C20 L3P O . -5.01 8.65 -7.28
C21 L3P O . -5.35 7.21 -6.74
C22 L3P O . -4.05 6.50 -6.16
C23 L3P O . -4.32 5.03 -5.60
C24 L3P O . -5.36 5.12 -4.46
C25 L3P O . -2.94 4.33 -5.01
C26 L3P O . -2.42 2.81 -5.26
C27 L3P O . -1.02 2.38 -4.54
C28 L3P O . 0.03 1.83 -5.61
C29 L3P O . 1.11 2.84 -5.80
C30 L3P O . 0.69 0.60 -5.16
C1 BNG P . 7.67 -17.50 -14.36
C2 BNG P . 8.67 -18.73 -14.30
C3 BNG P . 7.94 -20.03 -14.83
C4 BNG P . 6.71 -20.31 -13.92
C5 BNG P . 5.72 -19.09 -13.94
C6 BNG P . 4.51 -19.34 -13.02
C1' BNG P . 7.57 -15.07 -13.97
C2' BNG P . 7.91 -14.41 -15.33
C3' BNG P . 7.16 -13.11 -15.56
C4' BNG P . 7.49 -12.46 -16.91
C5' BNG P . 6.33 -11.63 -17.43
C6' BNG P . 6.51 -10.16 -17.10
C7' BNG P . 5.36 -9.33 -17.61
C8' BNG P . 5.39 -7.95 -16.97
C9' BNG P . 5.36 -6.88 -18.02
O1 BNG P . 8.35 -16.29 -13.89
O2 BNG P . 9.79 -18.45 -15.11
O3 BNG P . 8.82 -21.14 -14.78
O4 BNG P . 6.02 -21.49 -14.37
O5 BNG P . 6.47 -17.85 -13.51
O6 BNG P . 4.90 -19.86 -11.74
C1 RET Q . 16.64 8.53 -0.54
C2 RET Q . 16.17 9.97 -0.10
C3 RET Q . 16.10 10.15 1.32
C4 RET Q . 17.45 9.98 1.92
C5 RET Q . 18.03 8.57 1.65
C6 RET Q . 17.68 7.87 0.50
C7 RET Q . 18.31 6.46 0.27
C8 RET Q . 18.04 5.69 -0.81
C9 RET Q . 18.63 4.37 -1.03
C10 RET Q . 18.23 3.70 -2.17
C11 RET Q . 18.69 2.36 -2.49
C12 RET Q . 18.38 1.60 -3.59
C13 RET Q . 17.59 1.92 -4.83
C14 RET Q . 17.39 0.92 -5.75
C15 RET Q . 16.63 1.12 -6.99
C16 RET Q . 17.28 8.69 -1.95
C17 RET Q . 15.39 7.65 -0.67
C18 RET Q . 19.00 7.99 2.71
C19 RET Q . 19.59 3.76 -0.06
C20 RET Q . 17.02 3.31 -5.08
N ILE R . 10.12 -19.10 14.52
CA ILE R . 9.22 -18.02 14.10
C ILE R . 7.98 -18.62 13.46
O ILE R . 8.03 -19.68 12.81
CB ILE R . 9.90 -17.09 13.08
CG1 ILE R . 11.19 -16.51 13.68
CG2 ILE R . 8.96 -15.96 12.69
CD1 ILE R . 12.12 -15.84 12.65
C1 RET S . -11.89 5.13 13.90
C2 RET S . -13.28 5.70 13.36
C3 RET S . -14.24 4.72 12.84
C4 RET S . -14.54 3.60 13.81
C5 RET S . -13.26 3.02 14.51
C6 RET S . -12.02 3.68 14.59
C7 RET S . -10.85 2.95 15.29
C8 RET S . -9.55 3.35 15.43
C9 RET S . -8.51 2.77 16.28
C10 RET S . -7.29 3.37 16.23
C11 RET S . -6.11 2.98 16.98
C12 RET S . -5.02 3.73 16.84
C13 RET S . -3.73 3.50 17.48
C14 RET S . -2.77 4.35 17.08
C15 RET S . -1.34 4.33 17.32
C16 RET S . -11.00 5.04 12.67
C17 RET S . -11.34 6.25 14.81
C18 RET S . -13.56 1.62 15.04
C19 RET S . -8.79 1.60 17.21
C20 RET S . -3.48 2.34 18.42
C1 RET T . -7.68 -4.49 -16.71
C2 RET T . -7.16 -3.59 -17.90
C3 RET T . -5.93 -3.92 -18.59
C4 RET T . -5.69 -5.39 -18.85
C5 RET T . -6.30 -6.38 -17.85
C6 RET T . -7.22 -6.03 -16.82
C7 RET T . -7.69 -7.17 -15.88
C8 RET T . -8.51 -7.15 -14.80
C9 RET T . -9.01 -8.28 -14.02
C10 RET T . -9.82 -7.94 -12.97
C11 RET T . -10.47 -8.85 -12.06
C12 RET T . -11.24 -8.33 -11.10
C13 RET T . -11.98 -9.07 -10.09
C14 RET T . -12.62 -8.30 -9.17
C15 RET T . -13.34 -8.64 -7.96
C16 RET T . -7.09 -3.83 -15.45
C17 RET T . -9.20 -4.26 -16.68
C18 RET T . -5.78 -7.79 -18.09
C19 RET T . -8.68 -9.71 -14.37
C20 RET T . -11.95 -10.60 -10.04
C11 L3P U . -1.65 9.16 -9.43
C12 L3P U . -0.95 7.73 -9.69
C13 L3P U . -0.98 6.64 -8.51
C14 L3P U . -0.29 7.28 -7.21
C15 L3P U . -0.17 5.25 -8.98
C16 L3P U . -0.81 4.54 -10.25
C17 L3P U . 0.13 3.80 -11.28
C18 L3P U . 1.77 3.74 -11.16
C19 L3P U . 2.55 4.86 -11.98
C20 L3P U . 2.29 2.33 -11.67
C21 L3P U . 3.45 1.54 -10.95
C22 L3P U . 3.06 0.00 -10.76
C23 L3P U . 4.14 -0.86 -10.02
C24 L3P U . 5.47 -0.79 -10.77
C25 L3P U . 3.71 -2.46 -9.80
C26 L3P U . 3.57 -3.16 -8.34
C27 L3P U . 3.17 -4.72 -8.19
C28 L3P U . 4.16 -5.41 -7.11
C29 L3P U . 3.48 -5.55 -5.79
C30 L3P U . 4.54 -6.78 -7.49
C11 L3P V . -6.90 8.65 -2.27
C12 L3P V . -7.85 7.88 -1.23
C13 L3P V . -9.18 7.22 -1.80
C14 L3P V . -10.04 8.37 -2.51
C15 L3P V . -10.06 6.47 -0.55
C16 L3P V . -9.23 5.31 0.18
C17 L3P V . -9.69 3.78 0.36
C18 L3P V . -11.09 3.00 -0.16
C19 L3P V . -12.34 3.91 -0.53
C20 L3P V . -11.53 1.96 0.98
C21 L3P V . -11.53 0.36 0.83
C22 L3P V . -10.37 -0.29 1.73
C23 L3P V . -10.24 -1.89 1.74
C24 L3P V . -11.52 -2.52 2.28
C25 L3P V . -8.97 -2.42 2.66
C26 L3P V . -8.49 -3.97 2.78
C27 L3P V . -7.22 -4.34 3.70
C28 L3P V . -6.51 -5.65 3.11
C29 L3P V . -5.09 -5.71 3.53
C30 L3P V . -7.13 -6.90 3.61
C1 BNG W . -29.55 13.13 0.29
C2 BNG W . -29.80 14.37 1.17
C3 BNG W . -30.26 15.57 0.28
C4 BNG W . -29.15 15.84 -0.76
C5 BNG W . -28.92 14.52 -1.63
C6 BNG W . -27.82 14.66 -2.66
C1' BNG W . -28.87 10.77 0.38
C2' BNG W . -28.43 9.76 1.43
C3' BNG W . -28.13 8.38 0.88
C4' BNG W . -27.45 7.58 1.98
C5' BNG W . -26.43 6.61 1.47
C6' BNG W . -26.06 5.63 2.56
C7' BNG W . -25.06 4.61 2.09
C8' BNG W . -25.47 3.21 2.45
C9' BNG W . -24.93 2.26 1.42
O1 BNG W . -29.11 12.03 1.10
O2 BNG W . -30.83 14.05 2.12
O3 BNG W . -30.46 16.72 1.11
O4 BNG W . -29.57 16.93 -1.59
O5 BNG W . -28.54 13.42 -0.72
O6 BNG W . -26.62 15.15 -2.09
C1 RET X . 16.72 8.80 -0.50
C2 RET X . 16.74 10.23 0.19
C3 RET X . 16.84 10.32 1.64
C4 RET X . 17.89 9.41 2.24
C5 RET X . 18.09 8.05 1.56
C6 RET X . 17.56 7.70 0.30
C7 RET X . 17.83 6.26 -0.21
C8 RET X . 17.39 5.65 -1.34
C9 RET X . 17.83 4.35 -1.85
C10 RET X . 17.29 3.97 -3.05
C11 RET X . 17.61 2.78 -3.84
C12 RET X . 17.00 2.59 -5.00
C13 RET X . 17.10 1.44 -5.91
C14 RET X . 16.30 1.48 -6.99
C15 RET X . 15.99 0.45 -7.97
C16 RET X . 15.23 8.42 -0.57
C17 RET X . 17.21 9.07 -1.94
C18 RET X . 18.91 7.13 2.46
C19 RET X . 18.92 3.55 -1.14
C20 RET X . 17.95 0.23 -5.60
C11 L3P Y . 0.50 21.03 -8.59
C12 L3P Y . 0.81 19.76 -7.64
C13 L3P Y . 0.52 19.88 -6.06
C14 L3P Y . 1.34 21.10 -5.44
C15 L3P Y . 0.94 18.42 -5.35
C16 L3P Y . 0.08 17.21 -5.99
C17 L3P Y . 0.50 15.72 -5.76
C18 L3P Y . 1.82 15.30 -4.88
C19 L3P Y . 3.14 15.06 -5.72
C20 L3P Y . 1.48 13.99 -4.02
C21 L3P Y . 1.30 12.53 -4.64
C22 L3P Y . 1.84 11.44 -3.59
C23 L3P Y . 1.71 9.91 -4.04
C24 L3P Y . 0.23 9.59 -4.30
C25 L3P Y . 2.32 8.89 -2.89
C26 L3P Y . 2.30 7.25 -2.86
C27 L3P Y . 2.98 6.54 -1.54
C28 L3P Y . 3.10 4.94 -1.70
C29 L3P Y . 4.53 4.51 -1.68
C30 L3P Y . 2.45 4.22 -0.60
C1 BNG Z . 16.96 26.83 7.00
C2 BNG Z . 15.98 27.53 5.97
C3 BNG Z . 15.54 28.93 6.53
C4 BNG Z . 14.82 28.72 7.90
C5 BNG Z . 15.82 28.02 8.93
C6 BNG Z . 15.15 27.79 10.30
C1' BNG Z . 18.25 24.74 7.28
C2' BNG Z . 18.95 23.72 6.39
C3' BNG Z . 19.91 22.88 7.19
C4' BNG Z . 20.43 21.71 6.39
C5' BNG Z . 20.19 20.42 7.15
C6' BNG Z . 21.06 19.29 6.63
C7' BNG Z . 20.80 18.01 7.40
C8' BNG Z . 21.19 16.79 6.58
C9' BNG Z . 20.72 15.52 7.24
O1 BNG Z . 17.35 25.52 6.47
O2 BNG Z . 16.65 27.67 4.71
O3 BNG Z . 14.65 29.56 5.61
O4 BNG Z . 14.39 29.97 8.44
O5 BNG Z . 16.26 26.72 8.34
O6 BNG Z . 14.01 26.93 10.20
C1 BNG AA . 17.95 -3.70 15.26
C2 BNG AA . 18.23 -4.71 16.46
C3 BNG AA . 19.68 -5.30 16.31
C4 BNG AA . 19.75 -6.05 14.95
C5 BNG AA . 19.43 -5.06 13.75
C6 BNG AA . 19.46 -5.81 12.40
C1' BNG AA . 16.19 -2.14 14.45
C2' BNG AA . 16.50 -0.78 15.14
C3' BNG AA . 16.13 0.41 14.28
C4' BNG AA . 16.36 1.73 15.00
C5' BNG AA . 16.58 2.89 14.03
C6' BNG AA . 15.28 3.58 13.65
C7' BNG AA . 15.48 4.74 12.70
C8' BNG AA . 14.17 5.20 12.11
C9' BNG AA . 13.92 6.65 12.44
O1 BNG AA . 16.60 -3.16 15.41
O2 BNG AA . 18.13 -3.99 17.69
O3 BNG AA . 19.95 -6.21 17.36
O4 BNG AA . 21.07 -6.62 14.79
O5 BNG AA . 18.08 -4.48 13.96
O6 BNG AA . 18.74 -7.05 12.46
#